data_5IRV
#
_entry.id   5IRV
#
_cell.length_a   90.954
_cell.length_b   153.499
_cell.length_c   169.035
_cell.angle_alpha   90.000
_cell.angle_beta   90.000
_cell.angle_gamma   90.000
#
_symmetry.space_group_name_H-M   'P 21 21 21'
#
loop_
_entity.id
_entity.type
_entity.pdbx_description
1 polymer 'Steroid 17-alpha-hydroxylase/17,20 lyase'
2 non-polymer 'PROTOPORPHYRIN IX CONTAINING FE'
3 non-polymer VT-464
#
_entity_poly.entity_id   1
_entity_poly.type   'polypeptide(L)'
_entity_poly.pdbx_seq_one_letter_code
;MAKKTGAKYPKSLLSLPLVGSLPFLPRHGHMHNNFFKLQKKYGPIYSVRMGTKTTVIVGHHQLAKEVLIKKGKDFSGRPQ
MATLDIASNNRKGIAFADSGAHWQLHRRLAMATFALFKDGDQKLEKIICQEISTLCDMLATHNGQSIDISFPVFVAVTNV
ISLICFNTSYKNGDPELNVIQNYNEGIIDNLSKDSLVDLVPWLKIFPNKTLEKLKSHVKIRNDLLNKILENYKEKFRSDS
ITNMLDTLMQAKMNSDNGNAGPDQDSELLSDNHILTTIGDIFGAGVETTTSVVKWTLAFLLHNPQVKKKLYEEIDQNVGF
SRTPTISDRNRLLLLEATIREVLRLRPVAPMLIPHKANVDSSIGEFAVDKGTEVIINLWALHHNEKEWHQPDQFMPERFL
NPAGTQLISPSVSYLPFGAGPRSCIGEILARQELFLIMAWLLQRFDLEVPDDGQLPSLEGIPKVVFLIDSFKVKIKVRQA
WREAQAEGSTHHHH
;
_entity_poly.pdbx_strand_id   A,B,C,D
#
# COMPACT_ATOMS: atom_id res chain seq x y z
N LEU A 13 5.98 15.43 -45.82
CA LEU A 13 5.40 15.60 -44.48
C LEU A 13 6.50 15.73 -43.41
N LEU A 14 6.68 16.97 -42.95
CA LEU A 14 7.80 17.36 -42.10
C LEU A 14 7.87 16.63 -40.75
N SER A 15 8.82 17.07 -39.91
CA SER A 15 9.02 16.54 -38.57
C SER A 15 8.96 17.69 -37.56
N LEU A 16 8.56 17.36 -36.34
CA LEU A 16 8.21 18.37 -35.36
C LEU A 16 9.46 19.05 -34.78
N PRO A 17 9.40 20.36 -34.51
CA PRO A 17 10.41 20.98 -33.66
C PRO A 17 10.63 20.20 -32.37
N LEU A 18 11.79 20.39 -31.75
CA LEU A 18 12.17 19.59 -30.60
C LEU A 18 12.99 20.48 -29.69
N VAL A 19 12.37 20.94 -28.59
CA VAL A 19 13.01 21.88 -27.69
C VAL A 19 13.77 21.18 -26.58
N GLY A 20 13.52 19.88 -26.40
CA GLY A 20 14.12 19.12 -25.33
C GLY A 20 13.96 17.64 -25.56
N SER A 21 14.91 16.85 -25.09
CA SER A 21 14.81 15.42 -25.21
C SER A 21 15.58 14.80 -24.05
N LEU A 22 15.01 13.74 -23.50
CA LEU A 22 15.68 12.95 -22.47
C LEU A 22 15.64 11.49 -22.87
N PRO A 23 16.69 10.73 -22.56
CA PRO A 23 16.76 9.34 -23.00
C PRO A 23 15.92 8.37 -22.19
N PHE A 24 15.36 8.80 -21.07
CA PHE A 24 14.55 7.89 -20.27
C PHE A 24 13.65 8.71 -19.35
N LEU A 25 12.56 8.07 -18.93
CA LEU A 25 11.53 8.75 -18.16
C LEU A 25 12.08 9.24 -16.82
N PRO A 26 11.86 10.49 -16.44
CA PRO A 26 12.27 10.93 -15.12
C PRO A 26 11.34 10.36 -14.06
N ARG A 27 11.92 9.94 -12.94
CA ARG A 27 11.16 9.31 -11.87
C ARG A 27 10.53 8.01 -12.35
N HIS A 28 11.37 7.13 -12.89
CA HIS A 28 10.94 5.79 -13.28
C HIS A 28 12.14 4.89 -13.08
N GLY A 29 12.04 3.96 -12.14
CA GLY A 29 13.18 3.16 -11.74
C GLY A 29 14.25 4.01 -11.09
N HIS A 30 15.30 3.38 -10.58
CA HIS A 30 16.37 4.09 -9.89
C HIS A 30 17.31 4.76 -10.89
N MET A 31 17.74 5.98 -10.55
CA MET A 31 18.67 6.73 -11.40
C MET A 31 19.87 5.90 -11.81
N HIS A 32 20.60 5.36 -10.83
CA HIS A 32 21.89 4.72 -11.14
C HIS A 32 21.72 3.57 -12.12
N ASN A 33 20.62 2.82 -12.01
CA ASN A 33 20.41 1.71 -12.92
C ASN A 33 19.92 2.21 -14.28
N ASN A 34 19.24 3.37 -14.30
CA ASN A 34 18.81 3.94 -15.57
C ASN A 34 20.02 4.44 -16.37
N PHE A 35 20.98 5.07 -15.69
CA PHE A 35 22.22 5.44 -16.36
C PHE A 35 22.96 4.22 -16.88
N PHE A 36 22.82 3.09 -16.20
CA PHE A 36 23.59 1.90 -16.51
C PHE A 36 22.97 1.14 -17.67
N LYS A 37 21.64 0.96 -17.65
CA LYS A 37 20.93 0.49 -18.84
C LYS A 37 21.32 1.31 -20.07
N LEU A 38 21.70 2.57 -19.88
CA LEU A 38 21.92 3.50 -20.98
C LEU A 38 23.27 3.32 -21.65
N GLN A 39 24.23 2.69 -20.98
CA GLN A 39 25.55 2.52 -21.55
C GLN A 39 25.49 1.62 -22.79
N LYS A 40 24.51 0.72 -22.82
CA LYS A 40 24.32 -0.15 -23.97
C LYS A 40 24.08 0.65 -25.25
N LYS A 41 23.36 1.77 -25.15
CA LYS A 41 23.16 2.66 -26.30
C LYS A 41 24.33 3.63 -26.48
N TYR A 42 24.75 4.32 -25.42
CA TYR A 42 25.61 5.49 -25.57
C TYR A 42 27.02 5.31 -25.04
N GLY A 43 27.33 4.19 -24.38
CA GLY A 43 28.68 3.91 -23.95
C GLY A 43 28.91 4.24 -22.49
N PRO A 44 30.18 4.16 -22.05
CA PRO A 44 30.49 4.35 -20.62
C PRO A 44 30.65 5.80 -20.21
N ILE A 45 30.70 6.74 -21.14
CA ILE A 45 30.80 8.16 -20.80
C ILE A 45 29.94 8.95 -21.75
N TYR A 46 29.10 9.84 -21.20
CA TYR A 46 28.11 10.58 -21.95
C TYR A 46 27.58 11.69 -21.04
N SER A 47 26.99 12.72 -21.65
CA SER A 47 26.67 13.95 -20.96
C SER A 47 25.22 14.38 -21.20
N VAL A 48 24.76 15.30 -20.34
CA VAL A 48 23.40 15.82 -20.35
C VAL A 48 23.45 17.29 -19.94
N ARG A 49 22.54 18.09 -20.53
CA ARG A 49 22.58 19.55 -20.37
C ARG A 49 21.20 20.05 -19.95
N MET A 50 21.16 20.72 -18.79
CA MET A 50 19.97 21.44 -18.30
C MET A 50 20.30 22.92 -18.35
N GLY A 51 19.67 23.63 -19.28
CA GLY A 51 20.02 25.03 -19.46
C GLY A 51 21.52 25.19 -19.65
N THR A 52 22.18 25.81 -18.68
CA THR A 52 23.62 26.04 -18.73
C THR A 52 24.44 25.00 -17.97
N LYS A 53 23.83 24.23 -17.07
CA LYS A 53 24.57 23.25 -16.29
C LYS A 53 24.77 21.98 -17.10
N THR A 54 25.94 21.36 -16.97
CA THR A 54 26.21 20.15 -17.73
C THR A 54 26.81 19.09 -16.81
N THR A 55 26.39 17.84 -17.05
CA THR A 55 26.67 16.71 -16.18
C THR A 55 27.19 15.53 -16.99
N VAL A 56 28.35 15.00 -16.59
CA VAL A 56 28.96 13.83 -17.21
C VAL A 56 28.74 12.63 -16.31
N ILE A 57 28.43 11.48 -16.92
CA ILE A 57 28.20 10.23 -16.20
C ILE A 57 29.24 9.22 -16.63
N VAL A 58 30.03 8.75 -15.67
CA VAL A 58 31.09 7.78 -15.92
C VAL A 58 30.65 6.44 -15.38
N GLY A 59 30.88 5.38 -16.17
CA GLY A 59 30.44 4.06 -15.77
C GLY A 59 31.39 2.95 -16.17
N HIS A 60 32.69 3.25 -16.24
CA HIS A 60 33.72 2.25 -16.43
C HIS A 60 34.83 2.54 -15.44
N HIS A 61 35.37 1.48 -14.83
CA HIS A 61 36.30 1.64 -13.71
C HIS A 61 37.52 2.46 -14.11
N GLN A 62 37.96 2.35 -15.36
CA GLN A 62 39.18 3.04 -15.77
C GLN A 62 38.97 4.55 -15.84
N LEU A 63 37.85 4.98 -16.42
CA LEU A 63 37.56 6.41 -16.47
C LEU A 63 37.25 6.94 -15.08
N ALA A 64 36.63 6.11 -14.24
CA ALA A 64 36.32 6.53 -12.87
C ALA A 64 37.61 6.78 -12.08
N LYS A 65 38.60 5.89 -12.22
CA LYS A 65 39.89 6.05 -11.57
C LYS A 65 40.68 7.25 -12.11
N GLU A 66 40.40 7.69 -13.34
CA GLU A 66 40.98 8.92 -13.84
C GLU A 66 40.41 10.14 -13.11
N VAL A 67 39.10 10.13 -12.88
CA VAL A 67 38.46 11.24 -12.19
C VAL A 67 38.85 11.24 -10.71
N LEU A 68 38.87 10.08 -10.09
CA LEU A 68 39.08 10.03 -8.65
C LEU A 68 40.56 10.11 -8.29
N ILE A 69 41.45 9.51 -9.09
CA ILE A 69 42.84 9.38 -8.67
C ILE A 69 43.77 10.19 -9.56
N LYS A 70 43.97 9.72 -10.80
CA LYS A 70 45.02 10.26 -11.66
C LYS A 70 44.87 11.77 -11.84
N LYS A 71 43.66 12.22 -12.17
CA LYS A 71 43.34 13.64 -12.21
C LYS A 71 42.45 13.98 -11.01
N GLY A 72 42.78 13.41 -9.86
CA GLY A 72 41.89 13.47 -8.71
C GLY A 72 41.63 14.89 -8.25
N LYS A 73 42.69 15.70 -8.15
CA LYS A 73 42.53 17.06 -7.64
C LYS A 73 41.81 17.94 -8.65
N ASP A 74 41.92 17.62 -9.95
CA ASP A 74 41.18 18.36 -10.96
C ASP A 74 39.69 18.18 -10.81
N PHE A 75 39.25 17.00 -10.38
CA PHE A 75 37.82 16.72 -10.19
C PHE A 75 37.54 16.47 -8.71
N SER A 76 37.76 17.48 -7.87
CA SER A 76 37.64 17.30 -6.44
C SER A 76 36.75 18.36 -5.80
N GLY A 77 36.08 19.17 -6.60
CA GLY A 77 35.11 20.10 -6.06
C GLY A 77 33.74 19.49 -6.01
N ARG A 78 32.82 20.20 -5.36
CA ARG A 78 31.46 19.73 -5.27
C ARG A 78 30.53 20.77 -5.87
N PRO A 79 29.46 20.36 -6.53
CA PRO A 79 28.56 21.33 -7.16
C PRO A 79 27.56 21.93 -6.19
N GLN A 80 27.25 23.20 -6.44
CA GLN A 80 26.27 23.91 -5.61
C GLN A 80 24.88 23.34 -5.83
N MET A 81 24.28 22.83 -4.77
CA MET A 81 22.89 22.38 -4.78
C MET A 81 22.14 23.14 -3.69
N ALA A 82 20.90 23.52 -4.00
CA ALA A 82 20.13 24.31 -3.04
C ALA A 82 19.78 23.49 -1.81
N THR A 83 19.52 22.20 -2.01
CA THR A 83 19.17 21.32 -0.91
C THR A 83 20.38 20.97 -0.06
N LEU A 84 21.55 20.80 -0.69
CA LEU A 84 22.77 20.51 0.06
C LEU A 84 23.32 21.76 0.74
N ASP A 85 23.06 22.94 0.18
CA ASP A 85 23.51 24.18 0.81
C ASP A 85 22.99 24.30 2.23
N ILE A 86 21.75 23.86 2.46
CA ILE A 86 21.12 24.00 3.77
C ILE A 86 21.71 23.04 4.78
N ALA A 87 21.77 21.75 4.43
CA ALA A 87 22.26 20.74 5.36
C ALA A 87 23.70 21.00 5.78
N SER A 88 24.42 21.80 4.99
CA SER A 88 25.84 22.09 5.23
C SER A 88 26.05 23.52 5.65
N ASN A 89 24.97 24.25 5.94
CA ASN A 89 25.05 25.66 6.33
C ASN A 89 25.89 26.44 5.33
N ASN A 90 25.46 26.32 4.06
CA ASN A 90 26.13 26.91 2.90
C ASN A 90 27.55 26.37 2.75
N ARG A 91 27.61 25.10 2.36
CA ARG A 91 28.83 24.46 1.87
C ARG A 91 29.98 24.59 2.86
N LYS A 92 29.67 24.47 4.14
CA LYS A 92 30.66 24.29 5.19
C LYS A 92 30.78 22.80 5.51
N GLY A 93 31.64 22.47 6.46
CA GLY A 93 31.83 21.08 6.85
C GLY A 93 32.83 20.41 5.93
N ILE A 94 32.48 19.21 5.46
CA ILE A 94 33.38 18.43 4.62
C ILE A 94 32.67 17.90 3.37
N ALA A 95 31.73 16.96 3.55
CA ALA A 95 31.22 16.17 2.44
C ALA A 95 30.62 17.02 1.33
N PHE A 96 30.05 18.18 1.66
CA PHE A 96 29.31 18.98 0.68
C PHE A 96 29.96 20.32 0.42
N ALA A 97 31.18 20.52 0.91
CA ALA A 97 31.89 21.77 0.70
C ALA A 97 32.73 21.65 -0.56
N ASP A 98 32.90 22.78 -1.25
CA ASP A 98 33.73 22.77 -2.44
C ASP A 98 35.19 22.63 -2.05
N SER A 99 36.02 22.27 -3.02
CA SER A 99 37.45 22.20 -2.79
C SER A 99 37.98 23.58 -2.38
N GLY A 100 38.80 23.60 -1.36
CA GLY A 100 39.22 24.86 -0.77
C GLY A 100 40.02 24.62 0.49
N ALA A 101 40.26 25.72 1.22
CA ALA A 101 40.94 25.62 2.49
C ALA A 101 40.03 25.01 3.55
N HIS A 102 38.79 25.51 3.64
CA HIS A 102 37.82 24.97 4.57
C HIS A 102 37.75 23.47 4.47
N TRP A 103 37.45 22.96 3.28
CA TRP A 103 37.36 21.52 3.08
C TRP A 103 38.68 20.84 3.42
N GLN A 104 39.79 21.39 2.90
CA GLN A 104 41.09 20.77 3.12
C GLN A 104 41.46 20.77 4.60
N LEU A 105 41.23 21.90 5.27
CA LEU A 105 41.54 22.00 6.69
C LEU A 105 40.72 21.03 7.51
N HIS A 106 39.39 21.12 7.40
CA HIS A 106 38.53 20.32 8.24
C HIS A 106 38.70 18.83 7.97
N ARG A 107 38.86 18.46 6.70
CA ARG A 107 39.09 17.06 6.36
C ARG A 107 40.39 16.56 7.00
N ARG A 108 41.42 17.41 7.01
CA ARG A 108 42.70 17.05 7.61
C ARG A 108 42.55 16.82 9.10
N LEU A 109 42.00 17.81 9.81
CA LEU A 109 41.82 17.68 11.26
C LEU A 109 40.91 16.51 11.60
N ALA A 110 39.89 16.25 10.77
CA ALA A 110 39.01 15.14 11.04
C ALA A 110 39.77 13.82 11.02
N MET A 111 40.66 13.66 10.04
CA MET A 111 41.45 12.43 9.94
C MET A 111 42.47 12.36 11.08
N ALA A 112 43.06 13.49 11.45
CA ALA A 112 44.01 13.51 12.56
C ALA A 112 43.36 13.02 13.85
N THR A 113 42.05 13.26 14.02
CA THR A 113 41.38 12.82 15.23
C THR A 113 41.28 11.30 15.27
N PHE A 114 41.06 10.67 14.12
CA PHE A 114 41.00 9.22 14.09
C PHE A 114 42.34 8.59 14.44
N ALA A 115 43.43 9.34 14.31
CA ALA A 115 44.74 8.85 14.70
C ALA A 115 44.83 8.66 16.21
N LEU A 116 44.24 9.59 16.97
CA LEU A 116 44.26 9.51 18.43
C LEU A 116 43.73 8.18 18.95
N PHE A 117 42.98 7.44 18.13
CA PHE A 117 42.30 6.24 18.59
C PHE A 117 42.94 4.99 18.01
N LYS A 118 44.26 4.92 18.09
CA LYS A 118 45.01 3.70 17.81
C LYS A 118 45.32 2.90 19.06
N ASP A 119 45.53 3.57 20.19
CA ASP A 119 46.10 2.94 21.37
C ASP A 119 45.48 3.51 22.64
N GLY A 120 45.38 2.68 23.67
CA GLY A 120 45.08 3.11 25.01
C GLY A 120 43.70 2.70 25.50
N ASP A 121 43.21 3.48 26.47
CA ASP A 121 41.85 3.33 26.96
C ASP A 121 40.84 3.89 25.97
N GLN A 122 41.24 4.91 25.22
CA GLN A 122 40.51 5.35 24.04
C GLN A 122 41.00 4.62 22.78
N LYS A 123 41.23 3.31 22.89
CA LYS A 123 41.50 2.50 21.71
C LYS A 123 40.18 2.28 20.98
N LEU A 124 40.18 2.57 19.68
CA LEU A 124 38.93 2.58 18.93
C LEU A 124 38.20 1.26 19.08
N GLU A 125 38.92 0.14 19.00
CA GLU A 125 38.29 -1.16 19.14
C GLU A 125 37.59 -1.30 20.49
N LYS A 126 38.21 -0.77 21.55
CA LYS A 126 37.60 -0.87 22.87
C LYS A 126 36.29 -0.09 22.94
N ILE A 127 36.26 1.11 22.36
CA ILE A 127 35.04 1.91 22.35
C ILE A 127 33.94 1.17 21.61
N ILE A 128 34.28 0.52 20.50
CA ILE A 128 33.27 -0.19 19.72
C ILE A 128 32.77 -1.42 20.47
N CYS A 129 33.68 -2.30 20.88
CA CYS A 129 33.28 -3.51 21.61
C CYS A 129 32.41 -3.14 22.80
N GLN A 130 32.69 -2.00 23.43
CA GLN A 130 31.88 -1.51 24.53
C GLN A 130 30.41 -1.33 24.11
N GLU A 131 30.17 -0.40 23.18
CA GLU A 131 28.80 -0.09 22.77
C GLU A 131 28.13 -1.26 22.06
N ILE A 132 28.90 -2.21 21.52
CA ILE A 132 28.31 -3.41 20.95
C ILE A 132 27.81 -4.33 22.06
N SER A 133 28.50 -4.36 23.20
CA SER A 133 28.08 -5.20 24.30
C SER A 133 26.73 -4.74 24.85
N THR A 134 26.60 -3.45 25.11
CA THR A 134 25.31 -2.90 25.53
C THR A 134 24.22 -3.25 24.52
N LEU A 135 24.56 -3.23 23.23
CA LEU A 135 23.57 -3.54 22.20
C LEU A 135 23.10 -4.98 22.34
N CYS A 136 24.02 -5.90 22.60
CA CYS A 136 23.67 -7.32 22.63
C CYS A 136 22.82 -7.67 23.85
N ASP A 137 23.05 -7.01 24.99
CA ASP A 137 22.17 -7.20 26.13
C ASP A 137 20.78 -6.65 25.83
N MET A 138 20.73 -5.44 25.28
CA MET A 138 19.45 -4.83 24.91
C MET A 138 18.62 -5.76 24.02
N LEU A 139 19.28 -6.42 23.06
CA LEU A 139 18.58 -7.29 22.13
C LEU A 139 18.17 -8.61 22.76
N ALA A 140 18.87 -9.05 23.79
CA ALA A 140 18.56 -10.32 24.43
C ALA A 140 17.26 -10.25 25.21
N THR A 141 16.86 -9.04 25.64
CA THR A 141 15.59 -8.84 26.31
C THR A 141 14.41 -9.12 25.38
N HIS A 142 14.66 -9.33 24.09
CA HIS A 142 13.62 -9.61 23.11
C HIS A 142 13.67 -11.06 22.64
N ASN A 143 14.31 -11.93 23.42
CA ASN A 143 14.45 -13.33 23.04
C ASN A 143 13.10 -13.93 22.68
N GLY A 144 12.99 -14.44 21.46
CA GLY A 144 11.80 -15.08 20.98
C GLY A 144 10.82 -14.17 20.27
N GLN A 145 11.17 -12.90 20.08
CA GLN A 145 10.29 -11.94 19.44
C GLN A 145 10.90 -11.50 18.12
N SER A 146 10.05 -10.97 17.24
CA SER A 146 10.48 -10.42 15.96
C SER A 146 10.44 -8.90 16.05
N ILE A 147 11.57 -8.26 15.73
CA ILE A 147 11.76 -6.84 15.99
C ILE A 147 12.44 -6.18 14.79
N ASP A 148 12.37 -4.85 14.77
CA ASP A 148 13.09 -4.04 13.80
C ASP A 148 14.28 -3.42 14.52
N ILE A 149 15.49 -3.89 14.20
CA ILE A 149 16.67 -3.57 14.98
C ILE A 149 17.31 -2.26 14.54
N SER A 150 16.57 -1.43 13.83
CA SER A 150 17.14 -0.16 13.37
C SER A 150 17.59 0.68 14.57
N PHE A 151 16.69 0.96 15.51
CA PHE A 151 16.97 1.93 16.56
C PHE A 151 18.05 1.45 17.52
N PRO A 152 18.07 0.18 17.91
CA PRO A 152 19.16 -0.30 18.79
C PRO A 152 20.54 -0.12 18.18
N VAL A 153 20.68 -0.37 16.88
CA VAL A 153 21.96 -0.18 16.21
C VAL A 153 22.26 1.30 16.03
N PHE A 154 21.23 2.08 15.66
CA PHE A 154 21.37 3.53 15.55
C PHE A 154 21.98 4.11 16.82
N VAL A 155 21.54 3.62 17.97
CA VAL A 155 22.01 4.14 19.25
C VAL A 155 23.43 3.68 19.53
N ALA A 156 23.77 2.46 19.11
CA ALA A 156 25.12 1.95 19.30
C ALA A 156 26.13 2.80 18.55
N VAL A 157 25.91 3.04 17.26
CA VAL A 157 26.89 3.74 16.44
C VAL A 157 26.81 5.26 16.63
N THR A 158 25.69 5.79 17.14
CA THR A 158 25.70 7.17 17.59
C THR A 158 26.62 7.35 18.78
N ASN A 159 26.64 6.38 19.69
CA ASN A 159 27.43 6.52 20.90
C ASN A 159 28.92 6.47 20.57
N VAL A 160 29.32 5.56 19.68
CA VAL A 160 30.71 5.52 19.21
C VAL A 160 31.10 6.86 18.63
N ILE A 161 30.35 7.32 17.62
CA ILE A 161 30.67 8.59 16.98
C ILE A 161 30.68 9.71 18.00
N SER A 162 29.82 9.62 19.02
CA SER A 162 29.74 10.65 20.04
C SER A 162 30.95 10.59 20.98
N LEU A 163 31.50 9.40 21.20
CA LEU A 163 32.68 9.26 22.05
C LEU A 163 33.94 9.73 21.35
N ILE A 164 33.96 9.70 20.01
CA ILE A 164 35.12 10.13 19.27
C ILE A 164 35.13 11.65 19.11
N CYS A 165 33.95 12.26 19.13
CA CYS A 165 33.83 13.71 18.95
C CYS A 165 33.77 14.46 20.28
N PHE A 166 33.30 13.80 21.34
CA PHE A 166 32.98 14.48 22.59
C PHE A 166 33.48 13.79 23.85
N ASN A 167 33.85 12.51 23.78
CA ASN A 167 34.08 11.70 24.99
C ASN A 167 32.81 11.59 25.83
N THR A 168 31.65 11.65 25.17
CA THR A 168 30.36 11.45 25.82
C THR A 168 29.56 10.39 25.08
N SER A 169 28.61 9.79 25.81
CA SER A 169 27.67 8.84 25.25
C SER A 169 26.32 9.02 25.93
N TYR A 170 25.26 8.66 25.21
CA TYR A 170 23.90 8.83 25.71
C TYR A 170 23.50 7.60 26.53
N LYS A 171 23.02 7.83 27.75
CA LYS A 171 22.51 6.74 28.57
C LYS A 171 21.25 6.15 27.93
N ASN A 172 20.84 4.97 28.41
CA ASN A 172 19.69 4.29 27.83
C ASN A 172 18.39 5.04 28.10
N GLY A 173 17.48 4.97 27.12
CA GLY A 173 16.20 5.64 27.24
C GLY A 173 16.30 7.13 27.16
N ASP A 174 17.48 7.68 26.91
CA ASP A 174 17.63 9.11 26.76
C ASP A 174 16.67 9.62 25.69
N PRO A 175 15.90 10.68 25.97
CA PRO A 175 14.95 11.16 24.95
C PRO A 175 15.63 11.89 23.82
N GLU A 176 16.85 12.37 24.01
CA GLU A 176 17.60 12.98 22.92
C GLU A 176 17.83 12.01 21.77
N LEU A 177 18.04 10.72 22.07
CA LEU A 177 18.25 9.75 20.99
C LEU A 177 17.05 9.70 20.05
N ASN A 178 15.84 9.86 20.59
CA ASN A 178 14.67 9.86 19.73
C ASN A 178 14.51 11.18 18.99
N VAL A 179 15.01 12.27 19.55
CA VAL A 179 15.04 13.54 18.82
C VAL A 179 16.00 13.45 17.64
N ILE A 180 17.19 12.90 17.88
CA ILE A 180 18.19 12.82 16.80
C ILE A 180 17.65 11.95 15.67
N GLN A 181 17.07 10.80 16.02
CA GLN A 181 16.51 9.91 15.00
C GLN A 181 15.50 10.66 14.16
N ASN A 182 14.72 11.54 14.79
CA ASN A 182 13.66 12.25 14.09
C ASN A 182 14.22 13.23 13.05
N TYR A 183 15.21 14.03 13.42
CA TYR A 183 15.72 15.01 12.46
C TYR A 183 16.63 14.35 11.44
N ASN A 184 17.29 13.25 11.80
CA ASN A 184 17.99 12.45 10.82
C ASN A 184 17.01 11.90 9.78
N GLU A 185 15.89 11.36 10.25
CA GLU A 185 14.87 10.84 9.36
C GLU A 185 14.30 11.95 8.48
N GLY A 186 14.26 13.17 9.00
CA GLY A 186 13.69 14.29 8.28
C GLY A 186 14.65 14.87 7.26
N ILE A 187 15.92 15.01 7.64
CA ILE A 187 16.93 15.45 6.69
C ILE A 187 16.99 14.48 5.51
N ILE A 188 17.05 13.18 5.79
CA ILE A 188 17.17 12.21 4.70
C ILE A 188 15.99 12.35 3.75
N ASP A 189 14.79 12.61 4.29
CA ASP A 189 13.58 12.57 3.48
C ASP A 189 13.50 13.75 2.51
N ASN A 190 13.88 14.94 2.96
CA ASN A 190 13.73 16.14 2.13
C ASN A 190 15.01 16.51 1.40
N LEU A 191 16.14 15.88 1.74
CA LEU A 191 17.39 16.13 1.04
C LEU A 191 17.36 15.62 -0.39
N SER A 192 16.51 14.64 -0.69
CA SER A 192 16.40 14.12 -2.03
C SER A 192 15.22 13.14 -2.09
N LYS A 193 14.61 13.03 -3.27
CA LYS A 193 13.63 11.99 -3.54
C LYS A 193 14.25 10.77 -4.21
N ASP A 194 15.52 10.85 -4.58
CA ASP A 194 16.29 9.73 -5.10
C ASP A 194 17.74 9.97 -4.71
N SER A 195 18.68 9.36 -5.42
CA SER A 195 20.07 9.72 -5.21
C SER A 195 20.24 11.22 -5.46
N LEU A 196 21.41 11.75 -5.08
CA LEU A 196 21.61 13.19 -5.17
C LEU A 196 21.77 13.67 -6.61
N VAL A 197 20.99 13.12 -7.51
CA VAL A 197 21.21 13.27 -8.94
C VAL A 197 19.87 13.49 -9.61
N ASP A 198 19.32 14.68 -9.47
CA ASP A 198 18.11 15.06 -10.18
C ASP A 198 18.50 15.61 -11.54
N LEU A 199 18.08 14.92 -12.60
CA LEU A 199 18.15 15.51 -13.94
C LEU A 199 17.41 16.83 -13.95
N VAL A 200 16.13 16.80 -13.61
CA VAL A 200 15.25 17.95 -13.71
C VAL A 200 15.25 18.68 -12.37
N PRO A 201 15.42 20.00 -12.35
CA PRO A 201 15.37 20.75 -11.08
C PRO A 201 13.94 20.98 -10.62
N TRP A 202 13.25 19.89 -10.29
CA TRP A 202 11.82 19.95 -10.03
C TRP A 202 11.47 21.00 -8.98
N LEU A 203 12.28 21.14 -7.93
CA LEU A 203 11.89 22.03 -6.83
C LEU A 203 12.03 23.50 -7.17
N LYS A 204 12.39 23.83 -8.42
CA LYS A 204 12.39 25.21 -8.89
C LYS A 204 11.32 25.44 -9.94
N ILE A 205 10.82 24.36 -10.57
CA ILE A 205 9.78 24.46 -11.58
C ILE A 205 8.41 24.61 -10.94
N PHE A 206 8.18 23.92 -9.83
CA PHE A 206 6.88 23.91 -9.17
C PHE A 206 7.00 24.41 -7.75
N PRO A 207 5.93 25.00 -7.20
CA PRO A 207 5.97 25.45 -5.81
C PRO A 207 5.89 24.27 -4.86
N ASN A 208 6.65 24.33 -3.77
CA ASN A 208 6.66 23.20 -2.85
C ASN A 208 7.29 23.61 -1.53
N LYS A 209 7.01 22.82 -0.50
CA LYS A 209 7.50 23.05 0.85
C LYS A 209 8.78 22.28 1.17
N THR A 210 9.46 21.74 0.15
CA THR A 210 10.57 20.83 0.42
C THR A 210 11.68 21.52 1.22
N LEU A 211 12.10 22.70 0.77
CA LEU A 211 13.15 23.41 1.48
C LEU A 211 12.71 23.83 2.87
N GLU A 212 11.46 24.28 3.00
CA GLU A 212 10.96 24.72 4.30
C GLU A 212 11.00 23.58 5.30
N LYS A 213 10.54 22.38 4.89
CA LYS A 213 10.59 21.23 5.79
C LYS A 213 12.02 20.90 6.17
N LEU A 214 12.94 20.99 5.20
CA LEU A 214 14.33 20.64 5.46
C LEU A 214 14.94 21.58 6.49
N LYS A 215 14.72 22.89 6.34
CA LYS A 215 15.26 23.86 7.29
C LYS A 215 14.82 23.53 8.71
N SER A 216 13.59 23.05 8.88
CA SER A 216 13.11 22.70 10.21
C SER A 216 14.02 21.68 10.86
N HIS A 217 14.25 20.56 10.18
CA HIS A 217 15.01 19.47 10.78
C HIS A 217 16.48 19.87 10.95
N VAL A 218 17.03 20.64 9.99
CA VAL A 218 18.40 21.11 10.14
C VAL A 218 18.47 22.10 11.29
N LYS A 219 17.43 22.92 11.47
CA LYS A 219 17.39 23.86 12.57
C LYS A 219 17.50 23.14 13.91
N ILE A 220 16.72 22.08 14.10
CA ILE A 220 16.84 21.27 15.31
C ILE A 220 18.28 20.77 15.44
N ARG A 221 18.78 20.13 14.39
CA ARG A 221 20.16 19.63 14.38
C ARG A 221 21.15 20.70 14.80
N ASN A 222 21.05 21.88 14.18
CA ASN A 222 22.01 22.95 14.42
C ASN A 222 21.89 23.48 15.84
N ASP A 223 20.66 23.72 16.31
CA ASP A 223 20.49 24.22 17.68
C ASP A 223 21.06 23.23 18.70
N LEU A 224 20.92 21.94 18.42
CA LEU A 224 21.39 20.92 19.37
C LEU A 224 22.91 20.91 19.45
N LEU A 225 23.58 20.83 18.30
CA LEU A 225 25.04 20.90 18.29
C LEU A 225 25.54 22.19 18.93
N ASN A 226 24.77 23.27 18.84
CA ASN A 226 25.20 24.55 19.37
C ASN A 226 25.24 24.55 20.89
N LYS A 227 24.23 23.96 21.52
CA LYS A 227 24.24 23.76 22.96
C LYS A 227 25.50 23.02 23.40
N ILE A 228 25.85 21.95 22.69
CA ILE A 228 26.98 21.10 23.06
C ILE A 228 28.29 21.86 22.93
N LEU A 229 28.39 22.76 21.94
CA LEU A 229 29.62 23.50 21.72
C LEU A 229 29.81 24.60 22.75
N GLU A 230 28.72 25.21 23.22
CA GLU A 230 28.82 26.21 24.29
C GLU A 230 29.23 25.55 25.60
N ASN A 231 28.56 24.46 25.96
CA ASN A 231 28.87 23.76 27.20
C ASN A 231 30.33 23.34 27.24
N TYR A 232 30.87 22.91 26.11
CA TYR A 232 32.23 22.38 26.08
C TYR A 232 33.31 23.43 26.22
N LYS A 233 33.02 24.71 25.95
CA LYS A 233 34.07 25.72 26.01
C LYS A 233 34.65 25.83 27.42
N GLU A 234 33.80 25.73 28.44
CA GLU A 234 34.29 25.74 29.82
C GLU A 234 35.23 24.57 30.05
N LYS A 235 34.86 23.40 29.54
CA LYS A 235 35.56 22.14 29.81
C LYS A 235 36.84 21.97 29.00
N PHE A 236 37.09 22.84 28.01
CA PHE A 236 38.21 22.63 27.11
C PHE A 236 39.54 22.91 27.80
N ARG A 237 40.45 21.94 27.73
CA ARG A 237 41.81 22.08 28.24
C ARG A 237 42.78 21.86 27.09
N SER A 238 43.64 22.84 26.84
CA SER A 238 44.64 22.71 25.78
C SER A 238 45.55 21.52 26.03
N ASP A 239 45.82 21.21 27.30
CA ASP A 239 46.70 20.10 27.66
C ASP A 239 46.04 18.74 27.47
N SER A 240 44.74 18.69 27.20
CA SER A 240 44.01 17.43 27.08
C SER A 240 43.33 17.37 25.72
N ILE A 241 43.86 16.52 24.84
CA ILE A 241 43.37 16.38 23.46
C ILE A 241 43.01 14.92 23.26
N THR A 242 41.72 14.60 23.26
CA THR A 242 41.26 13.22 23.16
C THR A 242 40.07 13.02 22.26
N ASN A 243 39.55 14.06 21.62
CA ASN A 243 38.40 13.92 20.73
C ASN A 243 38.46 14.97 19.64
N MET A 244 37.53 14.87 18.69
CA MET A 244 37.52 15.74 17.53
C MET A 244 37.30 17.20 17.92
N LEU A 245 36.36 17.47 18.84
CA LEU A 245 36.07 18.85 19.19
C LEU A 245 37.28 19.53 19.80
N ASP A 246 38.14 18.77 20.50
CA ASP A 246 39.41 19.31 20.96
C ASP A 246 40.29 19.70 19.78
N THR A 247 40.51 18.76 18.86
CA THR A 247 41.34 19.01 17.69
C THR A 247 40.89 20.29 16.99
N LEU A 248 39.58 20.52 16.90
CA LEU A 248 39.08 21.71 16.23
C LEU A 248 39.31 22.96 17.07
N MET A 249 39.06 22.90 18.38
CA MET A 249 39.27 24.09 19.21
C MET A 249 40.74 24.37 19.44
N GLN A 250 41.58 23.33 19.54
CA GLN A 250 43.02 23.55 19.60
C GLN A 250 43.50 24.30 18.36
N ALA A 251 43.05 23.85 17.18
CA ALA A 251 43.38 24.54 15.93
C ALA A 251 43.01 26.02 16.02
N LYS A 252 41.82 26.31 16.52
CA LYS A 252 41.38 27.70 16.68
C LYS A 252 42.27 28.44 17.67
N MET A 253 42.79 27.72 18.66
CA MET A 253 43.72 28.31 19.62
C MET A 253 45.05 28.69 18.95
N ASN A 254 45.70 27.68 18.35
CA ASN A 254 47.00 27.88 17.73
C ASN A 254 46.95 28.87 16.59
N SER A 255 45.76 29.10 16.02
CA SER A 255 45.59 30.08 14.96
C SER A 255 45.57 31.52 15.50
N ASP A 256 44.89 31.75 16.61
CA ASP A 256 44.73 33.11 17.16
C ASP A 256 45.88 33.59 18.03
N ASN A 257 47.11 33.15 17.77
CA ASN A 257 48.26 33.72 18.48
C ASN A 257 49.26 34.32 17.50
N GLY A 261 46.33 39.76 14.62
CA GLY A 261 46.88 38.67 15.41
C GLY A 261 46.54 37.29 14.87
N PRO A 262 45.27 37.07 14.52
CA PRO A 262 44.85 35.74 14.06
C PRO A 262 45.43 35.35 12.71
N ASP A 263 45.57 34.04 12.53
CA ASP A 263 46.14 33.40 11.35
C ASP A 263 45.11 33.39 10.21
N GLN A 264 45.53 32.92 9.04
CA GLN A 264 44.58 32.66 7.98
C GLN A 264 43.60 31.56 8.40
N ASP A 265 44.03 30.67 9.29
CA ASP A 265 43.19 29.55 9.74
C ASP A 265 42.08 29.99 10.69
N SER A 266 42.04 31.26 11.10
CA SER A 266 41.07 31.68 12.11
C SER A 266 39.66 31.76 11.53
N GLU A 267 39.51 32.42 10.39
CA GLU A 267 38.20 32.54 9.76
C GLU A 267 37.62 31.19 9.39
N LEU A 268 38.46 30.15 9.28
CA LEU A 268 38.01 28.84 8.87
C LEU A 268 37.53 28.00 10.04
N LEU A 269 37.71 28.48 11.27
CA LEU A 269 37.35 27.71 12.45
C LEU A 269 36.36 28.48 13.33
N SER A 270 35.48 29.26 12.72
CA SER A 270 34.36 29.81 13.46
C SER A 270 33.50 28.66 13.98
N ASP A 271 32.56 28.98 14.87
CA ASP A 271 31.75 27.93 15.47
C ASP A 271 30.75 27.32 14.48
N ASN A 272 30.37 28.03 13.42
CA ASN A 272 29.54 27.41 12.40
C ASN A 272 30.32 26.40 11.59
N HIS A 273 31.61 26.69 11.31
CA HIS A 273 32.44 25.73 10.59
C HIS A 273 32.74 24.51 11.45
N ILE A 274 32.94 24.71 12.75
CA ILE A 274 33.17 23.58 13.64
C ILE A 274 31.90 22.76 13.78
N LEU A 275 30.77 23.44 13.93
CA LEU A 275 29.48 22.76 14.07
C LEU A 275 29.19 21.87 12.87
N THR A 276 29.22 22.43 11.66
CA THR A 276 28.82 21.68 10.48
C THR A 276 29.73 20.49 10.24
N THR A 277 31.02 20.63 10.57
CA THR A 277 31.93 19.50 10.43
C THR A 277 31.49 18.33 11.29
N ILE A 278 31.20 18.58 12.57
CA ILE A 278 30.71 17.52 13.44
C ILE A 278 29.41 16.94 12.86
N GLY A 279 28.54 17.81 12.36
CA GLY A 279 27.27 17.37 11.82
C GLY A 279 27.42 16.50 10.60
N ASP A 280 28.51 16.68 9.85
CA ASP A 280 28.74 15.83 8.68
C ASP A 280 29.34 14.49 9.11
N ILE A 281 30.16 14.49 10.15
CA ILE A 281 30.65 13.25 10.73
C ILE A 281 29.48 12.44 11.27
N PHE A 282 28.72 13.04 12.19
CA PHE A 282 27.52 12.40 12.74
C PHE A 282 26.55 11.99 11.63
N GLY A 283 26.17 12.93 10.78
CA GLY A 283 25.11 12.66 9.82
C GLY A 283 25.48 11.54 8.87
N ALA A 284 26.70 11.58 8.35
CA ALA A 284 27.18 10.52 7.46
C ALA A 284 27.40 9.22 8.20
N GLY A 285 28.21 9.25 9.24
CA GLY A 285 28.65 8.01 9.88
C GLY A 285 27.51 7.15 10.38
N VAL A 286 26.52 7.77 11.02
CA VAL A 286 25.52 7.01 11.77
C VAL A 286 24.56 6.30 10.82
N GLU A 287 23.92 7.05 9.94
CA GLU A 287 22.84 6.47 9.13
C GLU A 287 23.38 5.46 8.12
N THR A 288 24.61 5.64 7.66
CA THR A 288 25.20 4.75 6.69
C THR A 288 25.70 3.45 7.32
N THR A 289 26.43 3.53 8.44
CA THR A 289 26.83 2.31 9.13
C THR A 289 25.60 1.48 9.50
N THR A 290 24.56 2.13 10.02
CA THR A 290 23.34 1.41 10.37
C THR A 290 22.72 0.75 9.15
N SER A 291 22.75 1.43 7.99
CA SER A 291 22.11 0.88 6.80
C SER A 291 22.81 -0.39 6.34
N VAL A 292 24.14 -0.40 6.39
CA VAL A 292 24.89 -1.59 6.01
C VAL A 292 24.54 -2.76 6.90
N VAL A 293 24.46 -2.53 8.22
CA VAL A 293 24.12 -3.60 9.14
C VAL A 293 22.76 -4.19 8.77
N LYS A 294 21.77 -3.32 8.55
CA LYS A 294 20.45 -3.78 8.13
C LYS A 294 20.51 -4.52 6.79
N TRP A 295 21.37 -4.04 5.88
CA TRP A 295 21.50 -4.67 4.57
C TRP A 295 22.15 -6.04 4.66
N THR A 296 23.09 -6.22 5.59
CA THR A 296 23.77 -7.51 5.70
C THR A 296 22.83 -8.55 6.30
N LEU A 297 22.09 -8.20 7.35
CA LEU A 297 21.09 -9.10 7.90
C LEU A 297 20.04 -9.44 6.85
N ALA A 298 19.64 -8.43 6.05
CA ALA A 298 18.70 -8.67 4.97
C ALA A 298 19.19 -9.78 4.06
N PHE A 299 20.47 -9.76 3.72
CA PHE A 299 21.01 -10.73 2.79
C PHE A 299 21.17 -12.10 3.44
N LEU A 300 21.49 -12.13 4.74
CA LEU A 300 21.62 -13.41 5.44
C LEU A 300 20.25 -14.09 5.61
N LEU A 301 19.16 -13.31 5.68
CA LEU A 301 17.84 -13.93 5.75
C LEU A 301 17.42 -14.51 4.41
N HIS A 302 17.94 -13.97 3.31
CA HIS A 302 17.68 -14.52 1.99
C HIS A 302 18.60 -15.67 1.63
N ASN A 303 19.73 -15.81 2.31
CA ASN A 303 20.76 -16.79 1.99
C ASN A 303 21.13 -17.53 3.26
N PRO A 304 20.25 -18.41 3.75
CA PRO A 304 20.55 -19.13 4.99
C PRO A 304 21.77 -20.03 4.86
N GLN A 305 22.07 -20.50 3.65
CA GLN A 305 23.26 -21.32 3.46
C GLN A 305 24.52 -20.54 3.83
N VAL A 306 24.60 -19.28 3.41
CA VAL A 306 25.72 -18.44 3.82
C VAL A 306 25.70 -18.21 5.32
N LYS A 307 24.51 -17.98 5.88
CA LYS A 307 24.41 -17.77 7.32
C LYS A 307 25.00 -18.95 8.08
N LYS A 308 24.65 -20.18 7.68
CA LYS A 308 25.16 -21.36 8.36
C LYS A 308 26.68 -21.37 8.38
N LYS A 309 27.31 -21.25 7.21
CA LYS A 309 28.76 -21.29 7.15
C LYS A 309 29.40 -20.17 7.97
N LEU A 310 28.66 -19.08 8.22
CA LEU A 310 29.16 -18.01 9.07
C LEU A 310 29.07 -18.36 10.54
N TYR A 311 28.03 -19.07 10.96
CA TYR A 311 27.98 -19.59 12.32
C TYR A 311 29.08 -20.62 12.53
N GLU A 312 29.19 -21.58 11.62
CA GLU A 312 30.23 -22.60 11.73
C GLU A 312 31.61 -21.97 11.82
N GLU A 313 31.89 -20.96 10.98
CA GLU A 313 33.21 -20.35 11.00
C GLU A 313 33.49 -19.66 12.34
N ILE A 314 32.50 -18.96 12.90
CA ILE A 314 32.77 -18.18 14.10
C ILE A 314 32.84 -19.06 15.33
N ASP A 315 32.08 -20.17 15.35
CA ASP A 315 32.22 -21.13 16.43
C ASP A 315 33.59 -21.81 16.38
N GLN A 316 34.07 -22.10 15.18
CA GLN A 316 35.33 -22.81 15.01
C GLN A 316 36.53 -21.94 15.39
N ASN A 317 36.46 -20.63 15.17
CA ASN A 317 37.63 -19.77 15.29
C ASN A 317 37.62 -18.84 16.50
N VAL A 318 36.46 -18.66 17.14
CA VAL A 318 36.38 -17.75 18.29
C VAL A 318 35.76 -18.48 19.47
N GLY A 319 34.73 -19.27 19.20
CA GLY A 319 34.09 -20.02 20.27
C GLY A 319 33.14 -19.16 21.08
N PHE A 320 33.00 -19.52 22.36
CA PHE A 320 32.16 -18.79 23.29
C PHE A 320 32.94 -18.45 24.56
N SER A 321 34.24 -18.75 24.59
CA SER A 321 35.07 -18.42 25.73
C SER A 321 35.38 -16.93 25.82
N ARG A 322 35.31 -16.21 24.70
CA ARG A 322 35.57 -14.78 24.67
C ARG A 322 34.70 -14.14 23.58
N THR A 323 34.76 -12.81 23.49
CA THR A 323 34.07 -12.07 22.45
C THR A 323 35.02 -11.73 21.30
N PRO A 324 34.46 -11.48 20.11
CA PRO A 324 35.29 -11.12 18.96
C PRO A 324 36.17 -9.90 19.22
N THR A 325 37.25 -9.86 18.44
CA THR A 325 38.28 -8.84 18.52
C THR A 325 38.67 -8.51 17.07
N ILE A 326 39.20 -7.30 16.85
CA ILE A 326 39.72 -6.99 15.52
C ILE A 326 40.68 -8.09 15.08
N SER A 327 41.49 -8.59 16.03
CA SER A 327 42.42 -9.68 15.76
C SER A 327 41.75 -10.86 15.05
N ASP A 328 40.46 -11.06 15.26
CA ASP A 328 39.78 -12.20 14.66
C ASP A 328 39.48 -11.96 13.19
N ARG A 329 39.82 -10.77 12.67
CA ARG A 329 39.71 -10.52 11.24
C ARG A 329 40.51 -11.52 10.43
N ASN A 330 41.60 -12.03 10.98
CA ASN A 330 42.50 -12.88 10.20
C ASN A 330 41.93 -14.28 10.02
N ARG A 331 41.12 -14.76 10.96
CA ARG A 331 40.51 -16.07 10.85
C ARG A 331 39.08 -16.03 10.31
N LEU A 332 38.31 -14.99 10.64
CA LEU A 332 36.91 -14.89 10.20
C LEU A 332 36.87 -14.28 8.80
N LEU A 333 37.18 -15.10 7.80
CA LEU A 333 37.33 -14.59 6.45
C LEU A 333 36.00 -14.47 5.73
N LEU A 334 35.16 -15.52 5.79
CA LEU A 334 33.87 -15.48 5.11
C LEU A 334 33.02 -14.30 5.59
N LEU A 335 33.17 -13.91 6.86
CA LEU A 335 32.47 -12.74 7.35
C LEU A 335 32.98 -11.47 6.68
N GLU A 336 34.30 -11.34 6.60
CA GLU A 336 34.89 -10.19 5.92
C GLU A 336 34.49 -10.14 4.46
N ALA A 337 34.37 -11.31 3.82
CA ALA A 337 33.95 -11.36 2.42
C ALA A 337 32.49 -10.97 2.28
N THR A 338 31.64 -11.41 3.21
CA THR A 338 30.23 -11.07 3.14
C THR A 338 30.01 -9.57 3.24
N ILE A 339 30.76 -8.90 4.11
CA ILE A 339 30.66 -7.45 4.20
C ILE A 339 31.12 -6.82 2.90
N ARG A 340 32.18 -7.36 2.29
CA ARG A 340 32.65 -6.86 1.00
C ARG A 340 31.61 -7.04 -0.09
N GLU A 341 30.90 -8.17 -0.06
CA GLU A 341 29.92 -8.48 -1.11
C GLU A 341 28.62 -7.72 -0.94
N VAL A 342 28.31 -7.27 0.28
CA VAL A 342 27.14 -6.42 0.47
C VAL A 342 27.42 -5.01 0.00
N LEU A 343 28.61 -4.49 0.28
CA LEU A 343 28.98 -3.16 -0.19
C LEU A 343 29.17 -3.13 -1.71
N ARG A 344 29.30 -4.29 -2.35
CA ARG A 344 29.32 -4.33 -3.80
C ARG A 344 27.90 -4.30 -4.35
N LEU A 345 27.08 -5.27 -3.95
CA LEU A 345 25.73 -5.37 -4.50
C LEU A 345 24.88 -4.17 -4.15
N ARG A 346 25.15 -3.53 -3.01
CA ARG A 346 24.30 -2.45 -2.50
C ARG A 346 25.21 -1.37 -1.96
N PRO A 347 25.89 -0.64 -2.84
CA PRO A 347 26.78 0.42 -2.38
C PRO A 347 26.01 1.48 -1.60
N VAL A 348 26.58 1.86 -0.45
CA VAL A 348 26.03 2.94 0.34
C VAL A 348 25.64 4.11 -0.54
N ALA A 349 26.50 4.42 -1.51
CA ALA A 349 26.35 5.59 -2.38
C ALA A 349 26.47 5.10 -3.82
N PRO A 350 25.40 4.56 -4.38
CA PRO A 350 25.51 3.93 -5.71
C PRO A 350 25.98 4.88 -6.78
N MET A 351 26.13 6.17 -6.48
CA MET A 351 26.70 7.14 -7.40
C MET A 351 27.60 8.13 -6.67
N LEU A 352 28.26 7.69 -5.62
CA LEU A 352 29.16 8.52 -4.81
C LEU A 352 28.41 9.79 -4.41
N ILE A 353 29.15 10.86 -4.21
CA ILE A 353 28.60 12.22 -4.19
C ILE A 353 29.08 12.86 -5.49
N PRO A 354 28.33 13.79 -6.07
CA PRO A 354 28.81 14.43 -7.30
C PRO A 354 30.16 15.10 -7.11
N HIS A 355 31.08 14.84 -8.03
CA HIS A 355 32.30 15.61 -8.12
C HIS A 355 32.10 16.75 -9.12
N LYS A 356 33.01 17.71 -9.09
CA LYS A 356 32.94 18.84 -10.00
C LYS A 356 34.35 19.12 -10.53
N ALA A 357 34.41 19.54 -11.79
CA ALA A 357 35.67 19.87 -12.42
C ALA A 357 36.11 21.25 -11.97
N ASN A 358 37.22 21.32 -11.24
CA ASN A 358 37.74 22.59 -10.77
C ASN A 358 38.34 23.40 -11.91
N VAL A 359 38.78 22.73 -12.97
CA VAL A 359 39.54 23.35 -14.05
C VAL A 359 39.25 22.59 -15.32
N ASP A 360 39.40 23.26 -16.46
CA ASP A 360 39.32 22.57 -17.74
C ASP A 360 40.23 21.35 -17.72
N SER A 361 39.74 20.23 -18.25
CA SER A 361 40.42 18.96 -18.08
C SER A 361 39.84 17.97 -19.09
N SER A 362 40.15 16.69 -18.90
CA SER A 362 39.68 15.64 -19.80
C SER A 362 39.40 14.36 -19.02
N ILE A 363 38.41 13.61 -19.50
CA ILE A 363 38.11 12.26 -19.03
C ILE A 363 38.16 11.35 -20.24
N GLY A 364 39.07 10.38 -20.22
CA GLY A 364 39.19 9.47 -21.35
C GLY A 364 39.48 10.23 -22.62
N GLU A 365 40.27 11.30 -22.52
CA GLU A 365 40.71 12.12 -23.64
C GLU A 365 39.57 12.90 -24.28
N PHE A 366 38.42 12.98 -23.60
CA PHE A 366 37.33 13.86 -23.99
C PHE A 366 37.42 15.13 -23.14
N ALA A 367 37.09 16.26 -23.74
CA ALA A 367 37.22 17.53 -23.02
C ALA A 367 36.08 17.70 -22.03
N VAL A 368 36.40 18.32 -20.91
CA VAL A 368 35.48 18.50 -19.80
C VAL A 368 35.74 19.88 -19.22
N ASP A 369 34.79 20.79 -19.40
CA ASP A 369 35.00 22.17 -19.02
C ASP A 369 34.95 22.35 -17.51
N LYS A 370 35.63 23.39 -17.04
CA LYS A 370 35.51 23.84 -15.67
C LYS A 370 34.05 23.96 -15.27
N GLY A 371 33.74 23.58 -14.03
CA GLY A 371 32.40 23.74 -13.51
C GLY A 371 31.43 22.68 -13.94
N THR A 372 31.91 21.54 -14.43
CA THR A 372 31.05 20.50 -14.98
C THR A 372 30.88 19.40 -13.93
N GLU A 373 29.63 19.13 -13.58
CA GLU A 373 29.29 18.07 -12.65
C GLU A 373 29.65 16.71 -13.25
N VAL A 374 30.59 16.00 -12.61
CA VAL A 374 30.97 14.65 -13.02
C VAL A 374 30.49 13.68 -11.97
N ILE A 375 29.92 12.57 -12.42
CA ILE A 375 29.28 11.59 -11.54
C ILE A 375 29.84 10.21 -11.85
N ILE A 376 30.33 9.52 -10.82
CA ILE A 376 30.78 8.15 -10.96
C ILE A 376 29.59 7.24 -10.68
N ASN A 377 29.28 6.37 -11.64
CA ASN A 377 28.14 5.46 -11.49
C ASN A 377 28.67 4.13 -10.92
N LEU A 378 29.02 4.20 -9.65
CA LEU A 378 29.55 3.04 -8.93
C LEU A 378 28.67 1.81 -9.13
N TRP A 379 27.34 2.00 -9.21
CA TRP A 379 26.46 0.85 -9.44
C TRP A 379 26.86 0.11 -10.71
N ALA A 380 27.27 0.84 -11.75
CA ALA A 380 27.69 0.19 -12.99
C ALA A 380 29.01 -0.55 -12.80
N LEU A 381 29.94 0.03 -12.06
CA LEU A 381 31.22 -0.63 -11.79
C LEU A 381 31.02 -1.94 -11.04
N HIS A 382 30.02 -2.00 -10.16
CA HIS A 382 29.81 -3.17 -9.31
C HIS A 382 28.92 -4.21 -9.97
N HIS A 383 28.34 -3.91 -11.13
CA HIS A 383 27.50 -4.85 -11.87
C HIS A 383 28.02 -5.09 -13.27
N ASN A 384 29.24 -4.64 -13.56
CA ASN A 384 29.88 -4.85 -14.85
C ASN A 384 29.97 -6.34 -15.18
N GLU A 385 29.31 -6.75 -16.27
CA GLU A 385 29.25 -8.17 -16.61
C GLU A 385 30.64 -8.77 -16.85
N LYS A 386 31.54 -8.00 -17.45
CA LYS A 386 32.85 -8.53 -17.81
C LYS A 386 33.80 -8.56 -16.63
N GLU A 387 33.65 -7.63 -15.70
CA GLU A 387 34.51 -7.53 -14.53
C GLU A 387 34.02 -8.34 -13.34
N TRP A 388 32.79 -8.86 -13.39
CA TRP A 388 32.21 -9.62 -12.29
C TRP A 388 31.50 -10.85 -12.85
N HIS A 389 31.71 -11.98 -12.19
CA HIS A 389 31.03 -13.22 -12.58
C HIS A 389 29.65 -13.25 -11.92
N GLN A 390 28.61 -13.35 -12.72
CA GLN A 390 27.23 -13.33 -12.24
C GLN A 390 27.01 -12.11 -11.32
N PRO A 391 27.11 -10.90 -11.88
CA PRO A 391 27.17 -9.71 -11.00
C PRO A 391 25.92 -9.48 -10.17
N ASP A 392 24.75 -9.94 -10.63
CA ASP A 392 23.51 -9.72 -9.90
C ASP A 392 23.32 -10.71 -8.75
N GLN A 393 24.26 -11.61 -8.52
CA GLN A 393 24.13 -12.65 -7.51
C GLN A 393 24.91 -12.27 -6.26
N PHE A 394 24.48 -12.85 -5.13
CA PHE A 394 25.13 -12.66 -3.85
C PHE A 394 26.04 -13.86 -3.62
N MET A 395 27.35 -13.66 -3.81
CA MET A 395 28.33 -14.72 -3.68
C MET A 395 29.54 -14.20 -2.94
N PRO A 396 29.54 -14.25 -1.61
CA PRO A 396 30.74 -13.86 -0.86
C PRO A 396 31.94 -14.73 -1.18
N GLU A 397 31.71 -15.93 -1.73
CA GLU A 397 32.81 -16.77 -2.20
C GLU A 397 33.75 -16.00 -3.11
N ARG A 398 33.21 -15.04 -3.86
CA ARG A 398 33.98 -14.42 -4.93
C ARG A 398 35.14 -13.58 -4.40
N PHE A 399 35.16 -13.28 -3.10
CA PHE A 399 36.25 -12.55 -2.48
C PHE A 399 37.19 -13.48 -1.71
N LEU A 400 37.16 -14.78 -2.03
CA LEU A 400 38.07 -15.75 -1.45
C LEU A 400 38.65 -16.61 -2.57
N ASN A 401 39.87 -17.09 -2.33
CA ASN A 401 40.43 -18.12 -3.19
C ASN A 401 39.52 -19.34 -3.15
N PRO A 402 39.67 -20.26 -4.11
CA PRO A 402 38.80 -21.44 -4.12
C PRO A 402 38.93 -22.28 -2.87
N ALA A 403 40.04 -22.16 -2.15
CA ALA A 403 40.22 -22.90 -0.91
C ALA A 403 39.28 -22.36 0.18
N GLY A 404 39.28 -21.05 0.39
CA GLY A 404 38.47 -20.44 1.42
C GLY A 404 39.35 -20.05 2.58
N THR A 405 40.60 -19.70 2.26
CA THR A 405 41.64 -19.57 3.27
C THR A 405 42.36 -18.24 3.26
N GLN A 406 42.09 -17.37 2.29
CA GLN A 406 42.51 -15.99 2.39
C GLN A 406 41.74 -15.16 1.38
N LEU A 407 41.74 -13.86 1.60
CA LEU A 407 40.93 -12.92 0.87
C LEU A 407 41.63 -12.42 -0.39
N ILE A 408 40.83 -12.17 -1.42
CA ILE A 408 41.33 -11.76 -2.72
C ILE A 408 40.54 -10.51 -3.14
N SER A 409 41.00 -9.88 -4.22
CA SER A 409 40.34 -8.72 -4.79
C SER A 409 40.01 -9.11 -6.23
N PRO A 410 38.91 -9.84 -6.43
CA PRO A 410 38.66 -10.48 -7.73
C PRO A 410 38.48 -9.49 -8.86
N SER A 411 38.24 -8.23 -8.57
CA SER A 411 38.08 -7.24 -9.63
C SER A 411 38.54 -5.88 -9.14
N VAL A 412 38.95 -5.06 -10.11
CA VAL A 412 39.40 -3.70 -9.84
C VAL A 412 38.25 -2.71 -9.96
N SER A 413 37.11 -3.14 -10.48
CA SER A 413 35.91 -2.33 -10.57
C SER A 413 35.13 -2.40 -9.25
N TYR A 414 35.80 -2.00 -8.17
CA TYR A 414 35.24 -2.15 -6.82
C TYR A 414 35.80 -1.02 -5.96
N LEU A 415 34.98 0.01 -5.74
CA LEU A 415 35.35 1.17 -4.91
C LEU A 415 34.18 1.55 -4.01
N PRO A 416 33.86 0.74 -3.00
CA PRO A 416 32.72 1.09 -2.14
C PRO A 416 32.93 2.39 -1.38
N PHE A 417 34.15 2.68 -0.95
CA PHE A 417 34.46 3.91 -0.22
C PHE A 417 35.01 4.99 -1.13
N GLY A 418 34.89 4.82 -2.45
CA GLY A 418 35.43 5.79 -3.37
C GLY A 418 36.95 5.73 -3.38
N ALA A 419 37.55 6.78 -3.92
CA ALA A 419 39.00 6.88 -3.97
C ALA A 419 39.36 8.34 -4.26
N GLY A 420 40.66 8.62 -4.16
CA GLY A 420 41.15 9.93 -4.48
C GLY A 420 41.07 10.92 -3.33
N PRO A 421 41.17 12.21 -3.65
CA PRO A 421 41.11 13.25 -2.61
C PRO A 421 39.81 13.28 -1.84
N ARG A 422 38.77 12.61 -2.32
CA ARG A 422 37.43 12.76 -1.77
C ARG A 422 36.86 11.45 -1.22
N SER A 423 37.72 10.47 -0.96
CA SER A 423 37.27 9.20 -0.42
C SER A 423 36.78 9.36 1.01
N CYS A 424 36.01 8.37 1.46
CA CYS A 424 35.60 8.28 2.85
C CYS A 424 36.76 8.51 3.81
N ILE A 425 36.54 9.36 4.80
CA ILE A 425 37.52 9.53 5.88
C ILE A 425 37.25 8.58 7.04
N GLY A 426 36.05 8.01 7.12
CA GLY A 426 35.71 7.08 8.18
C GLY A 426 35.75 5.63 7.73
N GLU A 427 36.53 5.34 6.68
CA GLU A 427 36.61 3.98 6.17
C GLU A 427 37.08 3.01 7.24
N ILE A 428 38.14 3.39 7.97
CA ILE A 428 38.66 2.51 9.02
C ILE A 428 37.55 2.18 10.00
N LEU A 429 36.91 3.22 10.53
CA LEU A 429 35.88 3.05 11.55
C LEU A 429 34.78 2.12 11.07
N ALA A 430 34.24 2.36 9.87
CA ALA A 430 33.16 1.53 9.35
C ALA A 430 33.59 0.09 9.18
N ARG A 431 34.79 -0.14 8.65
CA ARG A 431 35.23 -1.51 8.41
C ARG A 431 35.35 -2.28 9.72
N GLN A 432 35.65 -1.59 10.81
CA GLN A 432 35.71 -2.25 12.12
C GLN A 432 34.31 -2.50 12.66
N GLU A 433 33.53 -1.41 12.85
CA GLU A 433 32.17 -1.54 13.34
C GLU A 433 31.39 -2.62 12.61
N LEU A 434 31.48 -2.65 11.28
CA LEU A 434 30.69 -3.62 10.52
C LEU A 434 31.16 -5.03 10.82
N PHE A 435 32.46 -5.23 10.94
CA PHE A 435 32.97 -6.54 11.30
C PHE A 435 32.57 -6.90 12.72
N LEU A 436 32.86 -6.01 13.68
CA LEU A 436 32.64 -6.33 15.08
C LEU A 436 31.16 -6.61 15.35
N ILE A 437 30.28 -5.66 15.02
CA ILE A 437 28.85 -5.86 15.21
C ILE A 437 28.44 -7.24 14.72
N MET A 438 28.75 -7.53 13.46
CA MET A 438 28.26 -8.76 12.83
C MET A 438 28.82 -10.00 13.52
N ALA A 439 30.06 -9.94 14.00
CA ALA A 439 30.62 -11.05 14.76
C ALA A 439 29.83 -11.26 16.05
N TRP A 440 29.80 -10.24 16.90
CA TRP A 440 29.12 -10.32 18.18
C TRP A 440 27.70 -10.86 18.08
N LEU A 441 26.98 -10.49 17.02
CA LEU A 441 25.59 -10.94 16.91
C LEU A 441 25.50 -12.40 16.49
N LEU A 442 26.30 -12.81 15.52
CA LEU A 442 26.26 -14.19 15.03
C LEU A 442 26.71 -15.15 16.11
N GLN A 443 27.66 -14.72 16.95
CA GLN A 443 28.02 -15.50 18.14
C GLN A 443 26.82 -15.72 19.04
N ARG A 444 26.19 -14.63 19.48
CA ARG A 444 25.13 -14.71 20.48
C ARG A 444 23.84 -15.28 19.90
N PHE A 445 23.43 -14.78 18.74
CA PHE A 445 22.02 -14.84 18.35
C PHE A 445 21.79 -15.71 17.13
N ASP A 446 20.69 -16.46 17.19
CA ASP A 446 20.05 -16.98 16.00
C ASP A 446 19.20 -15.88 15.39
N LEU A 447 19.29 -15.74 14.08
CA LEU A 447 18.63 -14.64 13.36
C LEU A 447 17.85 -15.27 12.22
N GLU A 448 16.52 -15.17 12.29
CA GLU A 448 15.68 -15.94 11.38
C GLU A 448 14.49 -15.11 10.93
N VAL A 449 13.82 -15.63 9.91
CA VAL A 449 12.64 -14.97 9.35
C VAL A 449 11.52 -14.97 10.38
N PRO A 450 10.77 -13.88 10.55
CA PRO A 450 9.67 -13.88 11.53
C PRO A 450 8.59 -14.89 11.20
N ASP A 451 7.63 -15.01 12.12
CA ASP A 451 6.63 -16.06 12.05
C ASP A 451 5.61 -15.81 10.95
N ASP A 452 5.35 -14.54 10.61
CA ASP A 452 4.53 -14.22 9.45
C ASP A 452 5.20 -14.63 8.15
N GLY A 453 6.50 -14.91 8.17
CA GLY A 453 7.19 -15.48 7.03
C GLY A 453 7.64 -14.47 6.00
N GLN A 454 7.61 -13.18 6.32
CA GLN A 454 7.96 -12.15 5.35
C GLN A 454 9.47 -11.95 5.30
N LEU A 455 9.99 -11.75 4.08
CA LEU A 455 11.40 -11.47 3.87
C LEU A 455 11.58 -10.00 3.48
N PRO A 456 12.69 -9.37 3.89
CA PRO A 456 12.91 -7.98 3.49
C PRO A 456 13.08 -7.84 1.98
N SER A 457 12.72 -6.66 1.48
CA SER A 457 12.87 -6.36 0.07
C SER A 457 14.29 -5.85 -0.16
N LEU A 458 15.03 -6.57 -1.01
CA LEU A 458 16.38 -6.17 -1.37
C LEU A 458 16.41 -5.13 -2.48
N GLU A 459 15.24 -4.72 -3.01
CA GLU A 459 15.23 -3.69 -4.05
C GLU A 459 15.82 -2.39 -3.52
N GLY A 460 15.36 -1.95 -2.35
CA GLY A 460 15.96 -0.80 -1.70
C GLY A 460 15.39 0.52 -2.17
N ILE A 461 15.91 1.58 -1.56
CA ILE A 461 15.34 2.92 -1.68
C ILE A 461 16.47 3.95 -1.79
N PRO A 462 16.74 4.52 -2.97
CA PRO A 462 17.85 5.47 -3.06
C PRO A 462 17.45 6.83 -2.51
N LYS A 463 18.17 7.27 -1.48
CA LYS A 463 18.14 8.65 -1.03
C LYS A 463 19.60 9.10 -0.97
N VAL A 464 19.87 10.10 -0.14
CA VAL A 464 21.25 10.48 0.14
C VAL A 464 22.01 9.25 0.63
N VAL A 465 21.29 8.27 1.16
CA VAL A 465 21.84 6.96 1.48
C VAL A 465 20.99 5.92 0.76
N PHE A 466 21.62 4.83 0.33
CA PHE A 466 20.90 3.73 -0.31
C PHE A 466 20.31 2.86 0.79
N LEU A 467 19.05 3.11 1.11
CA LEU A 467 18.36 2.54 2.26
C LEU A 467 17.56 1.30 1.88
N ILE A 468 17.26 0.49 2.90
CA ILE A 468 16.43 -0.70 2.74
C ILE A 468 15.12 -0.49 3.49
N ASP A 469 14.03 -0.98 2.91
CA ASP A 469 12.74 -0.95 3.58
C ASP A 469 12.86 -1.54 4.97
N SER A 470 12.14 -0.97 5.93
CA SER A 470 12.17 -1.52 7.28
C SER A 470 11.62 -2.93 7.25
N PHE A 471 12.22 -3.80 8.06
CA PHE A 471 11.86 -5.21 8.10
C PHE A 471 12.14 -5.72 9.49
N LYS A 472 11.53 -6.85 9.83
CA LYS A 472 11.68 -7.43 11.15
C LYS A 472 12.42 -8.75 11.06
N VAL A 473 13.02 -9.16 12.19
CA VAL A 473 13.77 -10.39 12.27
C VAL A 473 13.48 -11.06 13.61
N LYS A 474 13.12 -12.35 13.55
CA LYS A 474 13.01 -13.15 14.75
C LYS A 474 14.40 -13.43 15.32
N ILE A 475 14.58 -13.18 16.61
CA ILE A 475 15.89 -13.26 17.24
C ILE A 475 15.78 -14.11 18.49
N LYS A 476 16.46 -15.25 18.50
CA LYS A 476 16.58 -16.11 19.67
C LYS A 476 18.05 -16.20 20.06
N VAL A 477 18.32 -16.14 21.36
CA VAL A 477 19.68 -16.43 21.82
C VAL A 477 20.04 -17.86 21.42
N ARG A 478 21.32 -18.07 21.12
CA ARG A 478 21.76 -19.33 20.55
C ARG A 478 21.88 -20.41 21.62
N GLN A 479 21.54 -21.64 21.24
CA GLN A 479 21.71 -22.79 22.13
C GLN A 479 23.13 -22.84 22.70
N ALA A 480 24.13 -22.81 21.83
CA ALA A 480 25.52 -22.97 22.27
C ALA A 480 25.97 -21.88 23.23
N TRP A 481 25.46 -20.65 23.06
CA TRP A 481 25.92 -19.54 23.87
C TRP A 481 25.44 -19.67 25.32
N ARG A 482 24.22 -20.17 25.52
CA ARG A 482 23.72 -20.42 26.86
C ARG A 482 24.60 -21.43 27.58
N GLU A 483 24.71 -22.63 27.03
CA GLU A 483 25.41 -23.73 27.69
C GLU A 483 26.85 -23.38 28.05
N ALA A 484 27.39 -22.29 27.48
CA ALA A 484 28.76 -21.86 27.75
C ALA A 484 28.87 -20.88 28.90
N GLN A 485 27.85 -20.79 29.75
CA GLN A 485 27.87 -19.88 30.88
C GLN A 485 28.13 -20.57 32.22
N ALA A 486 28.13 -21.90 32.25
CA ALA A 486 28.46 -22.62 33.48
C ALA A 486 29.97 -22.84 33.58
N LEU B 13 -39.11 -24.41 -15.26
CA LEU B 13 -37.69 -24.56 -14.98
C LEU B 13 -37.46 -24.51 -13.47
N LEU B 14 -36.54 -25.34 -12.98
CA LEU B 14 -36.41 -25.59 -11.55
C LEU B 14 -35.62 -24.49 -10.85
N SER B 15 -35.34 -24.71 -9.57
CA SER B 15 -34.52 -23.85 -8.73
C SER B 15 -33.47 -24.70 -8.04
N LEU B 16 -32.36 -24.08 -7.70
CA LEU B 16 -31.20 -24.84 -7.23
C LEU B 16 -31.33 -25.15 -5.73
N PRO B 17 -30.88 -26.34 -5.31
CA PRO B 17 -30.71 -26.58 -3.87
C PRO B 17 -29.81 -25.54 -3.23
N LEU B 18 -30.06 -25.30 -1.94
CA LEU B 18 -29.34 -24.28 -1.20
C LEU B 18 -28.94 -24.89 0.15
N VAL B 19 -27.65 -25.21 0.29
CA VAL B 19 -27.18 -25.86 1.51
C VAL B 19 -26.74 -24.83 2.55
N GLY B 20 -26.50 -23.60 2.14
CA GLY B 20 -26.09 -22.56 3.07
C GLY B 20 -26.37 -21.20 2.48
N SER B 21 -26.71 -20.26 3.35
CA SER B 21 -26.94 -18.88 2.94
C SER B 21 -26.46 -17.95 4.03
N LEU B 22 -25.75 -16.90 3.63
CA LEU B 22 -25.35 -15.85 4.53
C LEU B 22 -25.85 -14.50 4.02
N PRO B 23 -26.11 -13.55 4.94
CA PRO B 23 -26.77 -12.32 4.55
C PRO B 23 -25.83 -11.29 3.94
N PHE B 24 -24.52 -11.49 4.07
CA PHE B 24 -23.54 -10.55 3.57
C PHE B 24 -22.19 -11.25 3.46
N LEU B 25 -21.31 -10.67 2.64
CA LEU B 25 -20.04 -11.33 2.33
C LEU B 25 -19.17 -11.45 3.59
N PRO B 26 -18.48 -12.57 3.79
CA PRO B 26 -17.49 -12.63 4.87
C PRO B 26 -16.26 -11.81 4.53
N ARG B 27 -15.75 -11.09 5.52
CA ARG B 27 -14.55 -10.28 5.36
C ARG B 27 -14.74 -9.25 4.25
N HIS B 28 -15.81 -8.48 4.34
CA HIS B 28 -15.96 -7.28 3.53
C HIS B 28 -16.75 -6.27 4.35
N GLY B 29 -16.19 -5.07 4.47
CA GLY B 29 -16.66 -4.09 5.43
C GLY B 29 -16.47 -4.58 6.85
N HIS B 30 -16.76 -3.71 7.82
CA HIS B 30 -16.63 -4.06 9.22
C HIS B 30 -17.85 -4.88 9.66
N MET B 31 -17.61 -5.88 10.50
CA MET B 31 -18.72 -6.70 11.02
C MET B 31 -19.84 -5.81 11.56
N HIS B 32 -19.51 -4.94 12.52
CA HIS B 32 -20.56 -4.24 13.25
C HIS B 32 -21.44 -3.41 12.31
N ASN B 33 -20.85 -2.84 11.27
CA ASN B 33 -21.64 -2.06 10.33
C ASN B 33 -22.42 -2.95 9.37
N ASN B 34 -21.94 -4.16 9.10
CA ASN B 34 -22.68 -5.07 8.24
C ASN B 34 -23.94 -5.58 8.95
N PHE B 35 -23.83 -5.90 10.24
CA PHE B 35 -25.02 -6.26 11.00
C PHE B 35 -26.01 -5.10 11.08
N PHE B 36 -25.50 -3.87 11.04
CA PHE B 36 -26.32 -2.68 11.23
C PHE B 36 -27.02 -2.30 9.93
N LYS B 37 -26.29 -2.33 8.81
CA LYS B 37 -26.91 -2.27 7.50
C LYS B 37 -28.05 -3.28 7.37
N LEU B 38 -27.97 -4.38 8.12
CA LEU B 38 -28.88 -5.50 7.95
C LEU B 38 -30.22 -5.30 8.64
N GLN B 39 -30.29 -4.37 9.58
CA GLN B 39 -31.52 -4.16 10.33
C GLN B 39 -32.62 -3.57 9.45
N LYS B 40 -32.22 -2.79 8.44
CA LYS B 40 -33.19 -2.21 7.51
C LYS B 40 -34.01 -3.30 6.82
N LYS B 41 -33.39 -4.43 6.51
CA LYS B 41 -34.12 -5.58 5.98
C LYS B 41 -34.77 -6.42 7.08
N TYR B 42 -34.02 -6.77 8.13
CA TYR B 42 -34.46 -7.83 9.03
C TYR B 42 -34.81 -7.35 10.45
N GLY B 43 -34.57 -6.09 10.78
CA GLY B 43 -34.97 -5.55 12.06
C GLY B 43 -33.87 -5.49 13.10
N PRO B 44 -34.24 -5.16 14.34
CA PRO B 44 -33.24 -4.97 15.40
C PRO B 44 -32.81 -6.23 16.13
N ILE B 45 -33.46 -7.38 15.89
CA ILE B 45 -33.07 -8.64 16.51
C ILE B 45 -33.22 -9.75 15.47
N TYR B 46 -32.20 -10.59 15.34
CA TYR B 46 -32.18 -11.64 14.32
C TYR B 46 -31.02 -12.58 14.60
N SER B 47 -31.08 -13.77 14.01
CA SER B 47 -30.18 -14.87 14.35
C SER B 47 -29.52 -15.47 13.13
N VAL B 48 -28.44 -16.21 13.39
CA VAL B 48 -27.63 -16.88 12.38
C VAL B 48 -27.12 -18.18 13.00
N ARG B 49 -26.99 -19.23 12.16
CA ARG B 49 -26.69 -20.57 12.65
C ARG B 49 -25.54 -21.17 11.86
N MET B 50 -24.47 -21.56 12.57
CA MET B 50 -23.36 -22.32 12.00
C MET B 50 -23.41 -23.73 12.59
N GLY B 51 -23.79 -24.72 11.77
CA GLY B 51 -23.96 -26.05 12.32
C GLY B 51 -24.90 -26.02 13.50
N THR B 52 -24.38 -26.29 14.70
CA THR B 52 -25.19 -26.27 15.92
C THR B 52 -25.14 -24.94 16.67
N LYS B 53 -24.17 -24.08 16.38
CA LYS B 53 -24.02 -22.84 17.12
C LYS B 53 -24.99 -21.80 16.56
N THR B 54 -25.57 -21.01 17.46
CA THR B 54 -26.53 -19.98 17.05
C THR B 54 -26.19 -18.67 17.75
N THR B 55 -26.37 -17.58 17.01
CA THR B 55 -25.93 -16.27 17.42
C THR B 55 -27.07 -15.29 17.23
N VAL B 56 -27.47 -14.58 18.28
CA VAL B 56 -28.47 -13.53 18.20
C VAL B 56 -27.76 -12.19 18.24
N ILE B 57 -28.18 -11.28 17.36
CA ILE B 57 -27.56 -9.96 17.23
C ILE B 57 -28.63 -8.93 17.58
N VAL B 58 -28.38 -8.15 18.62
CA VAL B 58 -29.33 -7.15 19.11
C VAL B 58 -28.80 -5.77 18.76
N GLY B 59 -29.70 -4.90 18.29
CA GLY B 59 -29.29 -3.58 17.86
C GLY B 59 -30.26 -2.45 18.17
N HIS B 60 -31.03 -2.58 19.26
CA HIS B 60 -31.86 -1.50 19.76
C HIS B 60 -31.70 -1.40 21.27
N HIS B 61 -31.63 -0.16 21.78
CA HIS B 61 -31.25 0.03 23.18
C HIS B 61 -32.21 -0.69 24.12
N GLN B 62 -33.49 -0.81 23.74
CA GLN B 62 -34.47 -1.39 24.66
C GLN B 62 -34.24 -2.90 24.80
N LEU B 63 -33.99 -3.60 23.70
CA LEU B 63 -33.66 -5.02 23.80
C LEU B 63 -32.28 -5.21 24.39
N ALA B 64 -31.35 -4.29 24.11
CA ALA B 64 -30.00 -4.40 24.63
C ALA B 64 -29.99 -4.31 26.15
N LYS B 65 -30.74 -3.36 26.72
CA LYS B 65 -30.87 -3.24 28.17
C LYS B 65 -31.60 -4.43 28.79
N GLU B 66 -32.40 -5.15 28.02
CA GLU B 66 -33.00 -6.39 28.52
C GLU B 66 -31.94 -7.47 28.71
N VAL B 67 -31.00 -7.57 27.77
CA VAL B 67 -29.96 -8.60 27.85
C VAL B 67 -28.94 -8.26 28.93
N LEU B 68 -28.50 -7.00 28.99
CA LEU B 68 -27.40 -6.65 29.86
C LEU B 68 -27.86 -6.46 31.31
N ILE B 69 -29.06 -5.95 31.54
CA ILE B 69 -29.50 -5.53 32.86
C ILE B 69 -30.67 -6.38 33.36
N LYS B 70 -31.83 -6.17 32.72
CA LYS B 70 -33.09 -6.70 33.23
C LYS B 70 -33.02 -8.22 33.43
N LYS B 71 -32.58 -8.95 32.42
CA LYS B 71 -32.30 -10.37 32.52
C LYS B 71 -30.79 -10.57 32.52
N GLY B 72 -30.10 -9.68 33.24
CA GLY B 72 -28.65 -9.61 33.15
C GLY B 72 -27.97 -10.90 33.51
N LYS B 73 -28.39 -11.53 34.61
CA LYS B 73 -27.75 -12.75 35.04
C LYS B 73 -28.08 -13.91 34.11
N ASP B 74 -29.25 -13.87 33.47
CA ASP B 74 -29.61 -14.90 32.50
C ASP B 74 -28.69 -14.86 31.29
N PHE B 75 -28.22 -13.66 30.90
CA PHE B 75 -27.30 -13.50 29.79
C PHE B 75 -25.95 -12.95 30.25
N SER B 76 -25.23 -13.71 31.09
CA SER B 76 -23.99 -13.21 31.68
C SER B 76 -22.83 -14.18 31.52
N GLY B 77 -22.99 -15.25 30.75
CA GLY B 77 -21.89 -16.13 30.46
C GLY B 77 -21.16 -15.71 29.20
N ARG B 78 -20.02 -16.35 28.96
CA ARG B 78 -19.26 -16.05 27.76
C ARG B 78 -19.08 -17.31 26.93
N PRO B 79 -19.03 -17.19 25.59
CA PRO B 79 -18.88 -18.38 24.76
C PRO B 79 -17.44 -18.83 24.66
N GLN B 80 -17.26 -20.14 24.65
CA GLN B 80 -15.94 -20.74 24.50
C GLN B 80 -15.43 -20.56 23.07
N MET B 81 -14.31 -19.86 22.93
CA MET B 81 -13.66 -19.69 21.63
C MET B 81 -12.23 -20.22 21.73
N ALA B 82 -11.77 -20.82 20.64
CA ALA B 82 -10.45 -21.45 20.64
C ALA B 82 -9.35 -20.41 20.80
N THR B 83 -9.53 -19.24 20.21
CA THR B 83 -8.52 -18.20 20.28
C THR B 83 -8.50 -17.53 21.65
N LEU B 84 -9.66 -17.37 22.28
CA LEU B 84 -9.73 -16.77 23.62
C LEU B 84 -9.30 -17.75 24.71
N ASP B 85 -9.46 -19.05 24.48
CA ASP B 85 -9.03 -20.04 25.47
C ASP B 85 -7.56 -19.84 25.82
N ILE B 86 -6.75 -19.49 24.81
CA ILE B 86 -5.32 -19.32 25.01
C ILE B 86 -5.03 -18.06 25.79
N ALA B 87 -5.62 -16.94 25.36
CA ALA B 87 -5.36 -15.65 25.99
C ALA B 87 -5.74 -15.64 27.46
N SER B 88 -6.60 -16.56 27.90
CA SER B 88 -7.08 -16.60 29.27
C SER B 88 -6.57 -17.82 30.00
N ASN B 89 -5.66 -18.58 29.39
CA ASN B 89 -5.16 -19.82 29.97
C ASN B 89 -6.35 -20.69 30.37
N ASN B 90 -7.20 -20.94 29.37
CA ASN B 90 -8.46 -21.69 29.49
C ASN B 90 -9.42 -21.02 30.48
N ARG B 91 -10.00 -19.91 30.01
CA ARG B 91 -11.16 -19.29 30.64
C ARG B 91 -10.94 -18.98 32.12
N LYS B 92 -9.73 -18.53 32.44
CA LYS B 92 -9.46 -17.92 33.73
C LYS B 92 -9.53 -16.40 33.58
N GLY B 93 -9.27 -15.70 34.66
CA GLY B 93 -9.32 -14.24 34.62
C GLY B 93 -10.72 -13.69 34.86
N ILE B 94 -11.10 -12.71 34.05
CA ILE B 94 -12.39 -12.03 34.22
C ILE B 94 -13.10 -11.93 32.88
N ALA B 95 -12.54 -11.12 31.98
CA ALA B 95 -13.24 -10.74 30.76
C ALA B 95 -13.65 -11.92 29.90
N PHE B 96 -12.89 -13.02 29.94
CA PHE B 96 -13.11 -14.15 29.03
C PHE B 96 -13.53 -15.42 29.75
N ALA B 97 -13.86 -15.33 31.03
CA ALA B 97 -14.29 -16.48 31.79
C ALA B 97 -15.81 -16.58 31.76
N ASP B 98 -16.31 -17.80 31.84
CA ASP B 98 -17.74 -18.00 31.91
C ASP B 98 -18.23 -17.55 33.29
N SER B 99 -19.53 -17.28 33.40
CA SER B 99 -20.09 -16.92 34.69
C SER B 99 -19.94 -18.08 35.66
N GLY B 100 -19.48 -17.78 36.87
CA GLY B 100 -19.12 -18.83 37.80
C GLY B 100 -18.50 -18.26 39.05
N ALA B 101 -17.93 -19.17 39.85
CA ALA B 101 -17.26 -18.75 41.08
C ALA B 101 -15.96 -18.02 40.79
N HIS B 102 -15.14 -18.60 39.91
CA HIS B 102 -13.89 -17.95 39.51
C HIS B 102 -14.13 -16.51 39.10
N TRP B 103 -15.00 -16.30 38.12
CA TRP B 103 -15.27 -14.95 37.61
C TRP B 103 -15.84 -14.05 38.70
N GLN B 104 -16.83 -14.56 39.45
CA GLN B 104 -17.48 -13.72 40.45
C GLN B 104 -16.48 -13.29 41.52
N LEU B 105 -15.65 -14.23 41.98
CA LEU B 105 -14.64 -13.92 42.98
C LEU B 105 -13.64 -12.89 42.47
N HIS B 106 -12.97 -13.19 41.35
CA HIS B 106 -11.89 -12.33 40.88
C HIS B 106 -12.42 -10.95 40.49
N ARG B 107 -13.60 -10.89 39.86
CA ARG B 107 -14.19 -9.59 39.56
C ARG B 107 -14.45 -8.82 40.84
N ARG B 108 -14.89 -9.52 41.88
CA ARG B 108 -15.15 -8.89 43.16
C ARG B 108 -13.86 -8.34 43.76
N LEU B 109 -12.83 -9.20 43.87
CA LEU B 109 -11.55 -8.75 44.43
C LEU B 109 -10.95 -7.61 43.61
N ALA B 110 -11.09 -7.65 42.29
CA ALA B 110 -10.54 -6.60 41.45
C ALA B 110 -11.25 -5.27 41.70
N MET B 111 -12.58 -5.28 41.76
CA MET B 111 -13.31 -4.04 42.01
C MET B 111 -13.02 -3.54 43.42
N ALA B 112 -12.91 -4.46 44.37
CA ALA B 112 -12.56 -4.11 45.74
C ALA B 112 -11.21 -3.41 45.81
N THR B 113 -10.28 -3.75 44.90
CA THR B 113 -8.96 -3.12 44.93
C THR B 113 -9.03 -1.67 44.47
N PHE B 114 -9.91 -1.36 43.52
CA PHE B 114 -10.03 0.03 43.08
C PHE B 114 -10.57 0.91 44.20
N ALA B 115 -11.21 0.30 45.21
CA ALA B 115 -11.67 1.05 46.37
C ALA B 115 -10.49 1.59 47.17
N LEU B 116 -9.41 0.80 47.29
CA LEU B 116 -8.24 1.22 48.05
C LEU B 116 -7.69 2.58 47.61
N PHE B 117 -8.02 3.04 46.41
CA PHE B 117 -7.41 4.24 45.85
C PHE B 117 -8.39 5.41 45.78
N LYS B 118 -9.09 5.65 46.88
CA LYS B 118 -9.92 6.84 47.07
C LYS B 118 -9.21 7.94 47.84
N ASP B 119 -8.33 7.58 48.78
CA ASP B 119 -7.78 8.54 49.73
C ASP B 119 -6.34 8.20 50.05
N GLY B 120 -5.53 9.22 50.30
CA GLY B 120 -4.19 9.07 50.83
C GLY B 120 -3.10 9.40 49.84
N ASP B 121 -1.93 8.83 50.10
CA ASP B 121 -0.81 8.95 49.17
C ASP B 121 -0.96 8.01 47.98
N GLN B 122 -1.61 6.87 48.17
CA GLN B 122 -2.06 6.06 47.04
C GLN B 122 -3.45 6.48 46.60
N LYS B 123 -3.69 7.79 46.56
CA LYS B 123 -4.91 8.32 45.98
C LYS B 123 -4.79 8.23 44.47
N LEU B 124 -5.81 7.65 43.84
CA LEU B 124 -5.73 7.35 42.42
C LEU B 124 -5.31 8.56 41.61
N GLU B 125 -5.89 9.72 41.90
CA GLU B 125 -5.56 10.93 41.16
C GLU B 125 -4.07 11.27 41.26
N LYS B 126 -3.46 11.06 42.43
CA LYS B 126 -2.05 11.37 42.58
C LYS B 126 -1.20 10.45 41.70
N ILE B 127 -1.54 9.17 41.65
CA ILE B 127 -0.79 8.23 40.81
C ILE B 127 -0.85 8.63 39.34
N ILE B 128 -2.02 9.03 38.86
CA ILE B 128 -2.17 9.39 37.46
C ILE B 128 -1.41 10.68 37.15
N CYS B 129 -1.70 11.74 37.91
CA CYS B 129 -1.05 13.02 37.69
C CYS B 129 0.47 12.86 37.69
N GLN B 130 0.98 11.93 38.50
CA GLN B 130 2.41 11.64 38.50
C GLN B 130 2.88 11.21 37.12
N GLU B 131 2.38 10.08 36.64
CA GLU B 131 2.82 9.51 35.38
C GLU B 131 2.44 10.37 34.18
N ILE B 132 1.44 11.23 34.32
CA ILE B 132 1.13 12.17 33.25
C ILE B 132 2.19 13.27 33.18
N SER B 133 2.74 13.65 34.34
CA SER B 133 3.79 14.66 34.34
C SER B 133 5.03 14.13 33.62
N THR B 134 5.43 12.90 33.93
CA THR B 134 6.56 12.28 33.23
C THR B 134 6.36 12.28 31.72
N LEU B 135 5.14 11.98 31.27
CA LEU B 135 4.87 11.93 29.84
C LEU B 135 5.04 13.29 29.19
N CYS B 136 4.54 14.35 29.84
CA CYS B 136 4.56 15.68 29.23
C CYS B 136 5.97 16.22 29.15
N ASP B 137 6.81 15.91 30.13
CA ASP B 137 8.22 16.26 30.04
C ASP B 137 8.90 15.45 28.95
N MET B 138 8.57 14.15 28.86
CA MET B 138 9.06 13.31 27.77
C MET B 138 8.68 13.90 26.42
N LEU B 139 7.43 14.33 26.26
CA LEU B 139 6.95 14.86 24.99
C LEU B 139 7.53 16.24 24.70
N ALA B 140 7.92 16.98 25.74
CA ALA B 140 8.46 18.32 25.56
C ALA B 140 9.84 18.29 24.94
N THR B 141 10.57 17.18 25.09
CA THR B 141 11.85 17.02 24.42
C THR B 141 11.70 16.97 22.91
N HIS B 142 10.46 16.92 22.41
CA HIS B 142 10.17 16.83 20.99
C HIS B 142 9.59 18.12 20.42
N ASN B 143 9.82 19.25 21.09
CA ASN B 143 9.28 20.53 20.62
C ASN B 143 9.64 20.77 19.16
N GLY B 144 8.62 20.94 18.33
CA GLY B 144 8.81 21.25 16.92
C GLY B 144 8.86 20.06 16.00
N GLN B 145 8.61 18.85 16.50
CA GLN B 145 8.71 17.63 15.70
C GLN B 145 7.34 16.99 15.58
N SER B 146 7.21 16.13 14.56
CA SER B 146 6.01 15.32 14.34
C SER B 146 6.32 13.88 14.73
N ILE B 147 5.51 13.31 15.64
CA ILE B 147 5.80 12.03 16.27
C ILE B 147 4.53 11.20 16.36
N ASP B 148 4.72 9.91 16.63
CA ASP B 148 3.63 8.98 16.91
C ASP B 148 3.62 8.70 18.40
N ILE B 149 2.60 9.19 19.10
CA ILE B 149 2.59 9.19 20.57
C ILE B 149 2.06 7.90 21.16
N SER B 150 2.00 6.83 20.37
CA SER B 150 1.50 5.57 20.92
C SER B 150 2.35 5.13 22.11
N PHE B 151 3.66 5.03 21.91
CA PHE B 151 4.53 4.41 22.91
C PHE B 151 4.65 5.26 24.17
N PRO B 152 4.80 6.59 24.07
CA PRO B 152 4.83 7.40 25.30
C PRO B 152 3.56 7.25 26.13
N VAL B 153 2.40 7.20 25.47
CA VAL B 153 1.15 7.00 26.18
C VAL B 153 1.06 5.56 26.68
N PHE B 154 1.48 4.61 25.86
CA PHE B 154 1.51 3.21 26.28
C PHE B 154 2.26 3.04 27.60
N VAL B 155 3.39 3.75 27.74
CA VAL B 155 4.20 3.59 28.95
C VAL B 155 3.54 4.25 30.14
N ALA B 156 2.91 5.40 29.94
CA ALA B 156 2.25 6.09 31.04
C ALA B 156 1.16 5.21 31.66
N VAL B 157 0.28 4.66 30.82
CA VAL B 157 -0.86 3.92 31.34
C VAL B 157 -0.46 2.50 31.74
N THR B 158 0.66 1.99 31.24
CA THR B 158 1.20 0.75 31.78
C THR B 158 1.67 0.95 33.21
N ASN B 159 2.27 2.11 33.50
CA ASN B 159 2.80 2.36 34.84
C ASN B 159 1.69 2.53 35.86
N VAL B 160 0.63 3.28 35.51
CA VAL B 160 -0.50 3.43 36.42
C VAL B 160 -1.05 2.06 36.79
N ILE B 161 -1.41 1.26 35.79
CA ILE B 161 -1.95 -0.06 36.06
C ILE B 161 -0.98 -0.89 36.89
N SER B 162 0.33 -0.69 36.68
CA SER B 162 1.33 -1.45 37.42
C SER B 162 1.43 -0.96 38.86
N LEU B 163 1.16 0.33 39.09
CA LEU B 163 1.18 0.86 40.45
C LEU B 163 -0.05 0.41 41.23
N ILE B 164 -1.13 0.08 40.54
CA ILE B 164 -2.34 -0.40 41.21
C ILE B 164 -2.25 -1.89 41.50
N CYS B 165 -1.50 -2.64 40.68
CA CYS B 165 -1.39 -4.08 40.81
C CYS B 165 -0.17 -4.53 41.62
N PHE B 166 0.90 -3.74 41.62
CA PHE B 166 2.16 -4.15 42.20
C PHE B 166 2.81 -3.10 43.08
N ASN B 167 2.37 -1.83 43.00
CA ASN B 167 3.08 -0.70 43.60
C ASN B 167 4.49 -0.57 43.03
N THR B 168 4.67 -0.97 41.77
CA THR B 168 5.92 -0.78 41.04
C THR B 168 5.61 -0.06 39.73
N SER B 169 6.62 0.61 39.20
CA SER B 169 6.52 1.23 37.90
C SER B 169 7.86 1.12 37.19
N TYR B 170 7.82 1.13 35.86
CA TYR B 170 9.00 0.95 35.03
C TYR B 170 9.70 2.29 34.82
N LYS B 171 11.00 2.33 35.12
CA LYS B 171 11.80 3.51 34.85
C LYS B 171 11.86 3.77 33.34
N ASN B 172 12.32 4.96 32.98
CA ASN B 172 12.41 5.31 31.57
C ASN B 172 13.44 4.45 30.86
N GLY B 173 13.15 4.11 29.61
CA GLY B 173 14.05 3.32 28.80
C GLY B 173 14.19 1.88 29.23
N ASP B 174 13.44 1.44 30.23
CA ASP B 174 13.47 0.04 30.63
C ASP B 174 13.14 -0.82 29.41
N PRO B 175 13.94 -1.86 29.12
CA PRO B 175 13.67 -2.65 27.92
C PRO B 175 12.49 -3.57 28.05
N GLU B 176 12.06 -3.87 29.29
CA GLU B 176 10.89 -4.68 29.49
C GLU B 176 9.66 -4.04 28.86
N LEU B 177 9.59 -2.70 28.87
CA LEU B 177 8.47 -1.98 28.28
C LEU B 177 8.33 -2.30 26.81
N ASN B 178 9.45 -2.46 26.10
CA ASN B 178 9.39 -2.77 24.68
C ASN B 178 9.02 -4.23 24.46
N VAL B 179 9.37 -5.10 25.40
CA VAL B 179 8.91 -6.48 25.33
C VAL B 179 7.41 -6.54 25.51
N ILE B 180 6.88 -5.77 26.47
CA ILE B 180 5.43 -5.76 26.72
C ILE B 180 4.72 -5.24 25.48
N GLN B 181 5.21 -4.14 24.91
CA GLN B 181 4.60 -3.59 23.71
C GLN B 181 4.57 -4.63 22.59
N ASN B 182 5.64 -5.42 22.49
CA ASN B 182 5.73 -6.39 21.39
C ASN B 182 4.67 -7.48 21.54
N TYR B 183 4.51 -8.04 22.75
CA TYR B 183 3.55 -9.12 22.89
C TYR B 183 2.13 -8.61 23.00
N ASN B 184 1.92 -7.37 23.44
CA ASN B 184 0.60 -6.77 23.35
C ASN B 184 0.15 -6.70 21.90
N GLU B 185 1.01 -6.19 21.03
CA GLU B 185 0.68 -6.09 19.62
C GLU B 185 0.54 -7.46 18.98
N GLY B 186 1.24 -8.46 19.50
CA GLY B 186 1.21 -9.78 18.90
C GLY B 186 -0.07 -10.50 19.26
N ILE B 187 -0.45 -10.42 20.53
CA ILE B 187 -1.74 -10.98 20.96
C ILE B 187 -2.87 -10.33 20.18
N ILE B 188 -2.87 -9.00 20.09
CA ILE B 188 -3.95 -8.30 19.40
C ILE B 188 -4.06 -8.76 17.95
N ASP B 189 -2.93 -9.04 17.31
CA ASP B 189 -2.96 -9.34 15.88
C ASP B 189 -3.57 -10.71 15.60
N ASN B 190 -3.27 -11.70 16.43
CA ASN B 190 -3.72 -13.06 16.17
C ASN B 190 -4.99 -13.44 16.93
N LEU B 191 -5.43 -12.62 17.88
CA LEU B 191 -6.66 -12.95 18.60
C LEU B 191 -7.87 -12.89 17.68
N SER B 192 -7.78 -12.10 16.60
CA SER B 192 -8.84 -12.00 15.61
C SER B 192 -8.33 -11.13 14.48
N LYS B 193 -8.92 -11.31 13.30
CA LYS B 193 -8.71 -10.41 12.17
C LYS B 193 -9.80 -9.35 12.09
N ASP B 194 -10.79 -9.42 12.97
CA ASP B 194 -11.84 -8.41 13.08
C ASP B 194 -12.26 -8.38 14.55
N SER B 195 -13.49 -7.92 14.81
CA SER B 195 -14.04 -8.06 16.14
C SER B 195 -14.14 -9.55 16.51
N LEU B 196 -14.44 -9.80 17.77
CA LEU B 196 -14.43 -11.17 18.29
C LEU B 196 -15.68 -11.92 17.81
N VAL B 197 -15.99 -11.79 16.52
CA VAL B 197 -17.25 -12.30 15.99
C VAL B 197 -16.94 -13.14 14.76
N ASP B 198 -16.49 -14.37 15.00
CA ASP B 198 -16.16 -15.29 13.92
C ASP B 198 -17.46 -15.85 13.36
N LEU B 199 -18.07 -15.11 12.43
CA LEU B 199 -19.26 -15.63 11.77
C LEU B 199 -18.98 -17.01 11.21
N VAL B 200 -17.98 -17.10 10.33
CA VAL B 200 -17.49 -18.37 9.81
C VAL B 200 -16.27 -18.76 10.63
N PRO B 201 -16.15 -20.04 11.06
CA PRO B 201 -14.99 -20.46 11.89
C PRO B 201 -13.80 -20.83 11.02
N TRP B 202 -13.20 -19.81 10.39
CA TRP B 202 -12.15 -20.05 9.41
C TRP B 202 -11.03 -20.92 9.96
N LEU B 203 -10.57 -20.65 11.19
CA LEU B 203 -9.32 -21.25 11.64
C LEU B 203 -9.45 -22.73 12.00
N LYS B 204 -10.62 -23.33 11.76
CA LYS B 204 -10.79 -24.77 11.86
C LYS B 204 -11.02 -25.42 10.50
N ILE B 205 -11.27 -24.63 9.47
CA ILE B 205 -11.55 -25.14 8.12
C ILE B 205 -10.26 -25.38 7.34
N PHE B 206 -9.34 -24.42 7.38
CA PHE B 206 -8.10 -24.47 6.62
C PHE B 206 -6.91 -24.51 7.59
N PRO B 207 -5.80 -25.11 7.19
CA PRO B 207 -4.63 -25.10 8.07
C PRO B 207 -4.13 -23.68 8.22
N ASN B 208 -3.61 -23.35 9.40
CA ASN B 208 -3.13 -22.00 9.63
C ASN B 208 -2.22 -21.99 10.84
N LYS B 209 -1.29 -21.05 10.83
CA LYS B 209 -0.34 -20.87 11.92
C LYS B 209 -0.87 -19.96 13.02
N THR B 210 -2.13 -19.50 12.89
CA THR B 210 -2.65 -18.46 13.76
C THR B 210 -2.61 -18.86 15.23
N LEU B 211 -3.04 -20.09 15.54
CA LEU B 211 -3.08 -20.50 16.94
C LEU B 211 -1.67 -20.63 17.52
N GLU B 212 -0.74 -21.18 16.76
CA GLU B 212 0.61 -21.36 17.28
C GLU B 212 1.31 -20.02 17.50
N LYS B 213 1.05 -19.03 16.63
CA LYS B 213 1.59 -17.69 16.87
C LYS B 213 1.06 -17.11 18.17
N LEU B 214 -0.22 -17.29 18.45
CA LEU B 214 -0.83 -16.69 19.63
C LEU B 214 -0.20 -17.23 20.90
N LYS B 215 -0.02 -18.55 20.99
CA LYS B 215 0.63 -19.15 22.14
C LYS B 215 1.99 -18.52 22.40
N SER B 216 2.71 -18.18 21.32
CA SER B 216 4.03 -17.58 21.46
C SER B 216 3.98 -16.33 22.33
N HIS B 217 3.15 -15.35 21.92
CA HIS B 217 3.14 -14.07 22.60
C HIS B 217 2.56 -14.18 24.00
N VAL B 218 1.56 -15.03 24.20
CA VAL B 218 1.00 -15.22 25.52
C VAL B 218 2.02 -15.89 26.43
N LYS B 219 2.80 -16.82 25.88
CA LYS B 219 3.85 -17.46 26.66
C LYS B 219 4.82 -16.43 27.24
N ILE B 220 5.28 -15.50 26.40
CA ILE B 220 6.10 -14.41 26.90
C ILE B 220 5.35 -13.63 27.98
N ARG B 221 4.12 -13.20 27.66
CA ARG B 221 3.29 -12.50 28.64
C ARG B 221 3.20 -13.29 29.94
N ASN B 222 2.87 -14.59 29.84
CA ASN B 222 2.65 -15.38 31.05
C ASN B 222 3.94 -15.57 31.84
N ASP B 223 5.03 -15.90 31.15
CA ASP B 223 6.30 -16.10 31.82
C ASP B 223 6.71 -14.83 32.56
N LEU B 224 6.40 -13.67 31.99
CA LEU B 224 6.78 -12.40 32.61
C LEU B 224 6.00 -12.17 33.90
N LEU B 225 4.67 -12.28 33.83
CA LEU B 225 3.88 -12.12 35.05
C LEU B 225 4.29 -13.13 36.11
N ASN B 226 4.75 -14.31 35.69
CA ASN B 226 5.11 -15.35 36.66
C ASN B 226 6.40 -14.99 37.38
N LYS B 227 7.37 -14.42 36.68
CA LYS B 227 8.55 -13.89 37.36
C LYS B 227 8.15 -12.88 38.44
N ILE B 228 7.22 -11.98 38.12
CA ILE B 228 6.83 -10.97 39.09
C ILE B 228 6.13 -11.59 40.29
N LEU B 229 5.38 -12.68 40.08
CA LEU B 229 4.62 -13.26 41.18
C LEU B 229 5.52 -14.01 42.15
N GLU B 230 6.62 -14.59 41.67
CA GLU B 230 7.54 -15.29 42.57
C GLU B 230 8.26 -14.31 43.49
N ASN B 231 8.80 -13.22 42.93
CA ASN B 231 9.55 -12.27 43.72
C ASN B 231 8.69 -11.68 44.84
N TYR B 232 7.41 -11.46 44.56
CA TYR B 232 6.53 -10.79 45.51
C TYR B 232 6.16 -11.67 46.70
N LYS B 233 6.27 -13.00 46.58
CA LYS B 233 5.89 -13.87 47.68
C LYS B 233 6.79 -13.61 48.88
N GLU B 234 8.07 -13.38 48.62
CA GLU B 234 8.98 -12.97 49.70
C GLU B 234 8.52 -11.66 50.29
N LYS B 235 8.08 -10.73 49.44
CA LYS B 235 7.71 -9.38 49.86
C LYS B 235 6.34 -9.29 50.51
N PHE B 236 5.51 -10.33 50.43
CA PHE B 236 4.12 -10.18 50.86
C PHE B 236 4.03 -10.09 52.37
N ARG B 237 3.38 -9.03 52.87
CA ARG B 237 3.12 -8.84 54.29
C ARG B 237 1.61 -8.75 54.47
N SER B 238 1.06 -9.62 55.31
CA SER B 238 -0.38 -9.67 55.52
C SER B 238 -0.91 -8.39 56.17
N ASP B 239 -0.09 -7.72 56.98
CA ASP B 239 -0.53 -6.52 57.67
C ASP B 239 -0.65 -5.30 56.77
N SER B 240 -0.13 -5.34 55.54
CA SER B 240 -0.10 -4.19 54.66
C SER B 240 -0.70 -4.57 53.32
N ILE B 241 -1.86 -4.01 53.01
CA ILE B 241 -2.62 -4.34 51.80
C ILE B 241 -2.78 -3.05 51.00
N THR B 242 -2.03 -2.94 49.90
CA THR B 242 -2.00 -1.71 49.13
C THR B 242 -2.01 -1.90 47.62
N ASN B 243 -2.14 -3.12 47.12
CA ASN B 243 -2.22 -3.35 45.68
C ASN B 243 -3.13 -4.56 45.43
N MET B 244 -3.41 -4.80 44.15
CA MET B 244 -4.33 -5.88 43.80
C MET B 244 -3.76 -7.23 44.19
N LEU B 245 -2.47 -7.44 43.93
CA LEU B 245 -1.86 -8.72 44.22
C LEU B 245 -1.90 -9.01 45.71
N ASP B 246 -1.89 -7.96 46.55
CA ASP B 246 -2.14 -8.15 47.97
C ASP B 246 -3.54 -8.68 48.19
N THR B 247 -4.54 -7.98 47.65
CA THR B 247 -5.93 -8.41 47.78
C THR B 247 -6.11 -9.86 47.35
N LEU B 248 -5.47 -10.25 46.25
CA LEU B 248 -5.61 -11.61 45.74
C LEU B 248 -4.86 -12.61 46.63
N MET B 249 -3.63 -12.27 47.02
CA MET B 249 -2.85 -13.17 47.86
C MET B 249 -3.44 -13.27 49.26
N GLN B 250 -4.00 -12.16 49.77
CA GLN B 250 -4.74 -12.19 51.02
C GLN B 250 -5.88 -13.19 50.96
N ALA B 251 -6.69 -13.13 49.89
CA ALA B 251 -7.79 -14.07 49.73
C ALA B 251 -7.33 -15.52 49.81
N LYS B 252 -6.24 -15.85 49.11
CA LYS B 252 -5.72 -17.22 49.16
C LYS B 252 -5.26 -17.56 50.57
N MET B 253 -4.78 -16.56 51.32
CA MET B 253 -4.41 -16.76 52.72
C MET B 253 -5.63 -17.12 53.55
N ASN B 254 -6.61 -16.22 53.59
CA ASN B 254 -7.81 -16.39 54.40
C ASN B 254 -8.60 -17.63 54.00
N SER B 255 -8.39 -18.13 52.78
CA SER B 255 -9.05 -19.36 52.33
C SER B 255 -8.42 -20.61 52.93
N ASP B 256 -7.09 -20.65 53.02
CA ASP B 256 -6.36 -21.83 53.50
C ASP B 256 -6.21 -21.92 55.02
N ASN B 257 -7.20 -21.47 55.79
CA ASN B 257 -7.15 -21.68 57.25
C ASN B 257 -8.38 -22.43 57.75
N GLY B 261 -10.58 -28.55 56.10
CA GLY B 261 -9.51 -27.60 56.38
C GLY B 261 -9.58 -26.36 55.49
N PRO B 262 -8.91 -26.37 54.34
CA PRO B 262 -8.99 -25.23 53.43
C PRO B 262 -10.36 -25.04 52.80
N ASP B 263 -10.66 -23.79 52.45
CA ASP B 263 -11.97 -23.40 51.95
C ASP B 263 -12.13 -23.74 50.47
N GLN B 264 -13.36 -23.53 49.98
CA GLN B 264 -13.65 -23.66 48.56
C GLN B 264 -12.93 -22.60 47.73
N ASP B 265 -12.66 -21.44 48.34
CA ASP B 265 -12.06 -20.33 47.59
C ASP B 265 -10.62 -20.59 47.23
N SER B 266 -10.04 -21.70 47.70
CA SER B 266 -8.62 -21.97 47.50
C SER B 266 -8.33 -22.40 46.07
N GLU B 267 -9.10 -23.36 45.54
CA GLU B 267 -8.89 -23.81 44.17
C GLU B 267 -9.09 -22.69 43.16
N LEU B 268 -9.79 -21.62 43.54
CA LEU B 268 -10.08 -20.52 42.65
C LEU B 268 -8.98 -19.47 42.64
N LEU B 269 -8.00 -19.60 43.53
CA LEU B 269 -6.93 -18.63 43.68
C LEU B 269 -5.57 -19.29 43.49
N SER B 270 -5.50 -20.28 42.61
CA SER B 270 -4.21 -20.80 42.21
C SER B 270 -3.39 -19.68 41.59
N ASP B 271 -2.10 -19.95 41.37
CA ASP B 271 -1.24 -18.92 40.83
C ASP B 271 -1.55 -18.64 39.36
N ASN B 272 -2.15 -19.58 38.65
CA ASN B 272 -2.58 -19.32 37.28
C ASN B 272 -3.84 -18.44 37.26
N HIS B 273 -4.75 -18.64 38.22
CA HIS B 273 -5.94 -17.79 38.28
C HIS B 273 -5.57 -16.37 38.68
N ILE B 274 -4.61 -16.22 39.59
CA ILE B 274 -4.17 -14.89 39.99
C ILE B 274 -3.43 -14.23 38.84
N LEU B 275 -2.59 -14.99 38.15
CA LEU B 275 -1.84 -14.47 37.01
C LEU B 275 -2.79 -13.92 35.95
N THR B 276 -3.73 -14.75 35.48
CA THR B 276 -4.57 -14.34 34.35
C THR B 276 -5.45 -13.16 34.72
N THR B 277 -5.88 -13.06 35.97
CA THR B 277 -6.66 -11.90 36.38
C THR B 277 -5.86 -10.63 36.19
N ILE B 278 -4.61 -10.62 36.68
CA ILE B 278 -3.73 -9.48 36.42
C ILE B 278 -3.54 -9.30 34.92
N GLY B 279 -3.42 -10.41 34.19
CA GLY B 279 -3.19 -10.33 32.76
C GLY B 279 -4.35 -9.72 32.01
N ASP B 280 -5.57 -9.86 32.54
CA ASP B 280 -6.74 -9.25 31.90
C ASP B 280 -6.86 -7.77 32.27
N ILE B 281 -6.47 -7.40 33.49
CA ILE B 281 -6.40 -5.99 33.87
C ILE B 281 -5.42 -5.26 32.96
N PHE B 282 -4.17 -5.73 32.97
CA PHE B 282 -3.13 -5.16 32.13
C PHE B 282 -3.56 -5.16 30.67
N GLY B 283 -3.99 -6.33 30.17
CA GLY B 283 -4.25 -6.45 28.74
C GLY B 283 -5.39 -5.54 28.29
N ALA B 284 -6.51 -5.58 29.01
CA ALA B 284 -7.63 -4.71 28.66
C ALA B 284 -7.29 -3.26 28.93
N GLY B 285 -6.82 -2.96 30.14
CA GLY B 285 -6.62 -1.58 30.54
C GLY B 285 -5.68 -0.80 29.64
N VAL B 286 -4.54 -1.41 29.26
CA VAL B 286 -3.47 -0.63 28.64
C VAL B 286 -3.84 -0.22 27.22
N GLU B 287 -4.14 -1.18 26.36
CA GLU B 287 -4.30 -0.86 24.93
C GLU B 287 -5.54 -0.03 24.67
N THR B 288 -6.60 -0.20 25.46
CA THR B 288 -7.84 0.51 25.21
C THR B 288 -7.75 1.97 25.67
N THR B 289 -7.25 2.21 26.87
CA THR B 289 -7.06 3.59 27.29
C THR B 289 -6.17 4.33 26.31
N THR B 290 -5.06 3.71 25.92
CA THR B 290 -4.19 4.30 24.91
C THR B 290 -4.94 4.49 23.59
N SER B 291 -5.79 3.53 23.23
CA SER B 291 -6.48 3.61 21.94
C SER B 291 -7.43 4.80 21.92
N VAL B 292 -8.16 5.02 23.01
CA VAL B 292 -9.07 6.16 23.08
C VAL B 292 -8.29 7.47 23.01
N VAL B 293 -7.16 7.55 23.72
CA VAL B 293 -6.36 8.78 23.68
C VAL B 293 -5.95 9.09 22.24
N LYS B 294 -5.42 8.08 21.53
CA LYS B 294 -5.06 8.28 20.13
C LYS B 294 -6.28 8.66 19.30
N TRP B 295 -7.44 8.09 19.64
CA TRP B 295 -8.68 8.39 18.91
C TRP B 295 -9.14 9.82 19.14
N THR B 296 -8.93 10.36 20.33
CA THR B 296 -9.39 11.71 20.61
C THR B 296 -8.53 12.74 19.87
N LEU B 297 -7.21 12.55 19.87
CA LEU B 297 -6.34 13.45 19.12
C LEU B 297 -6.65 13.43 17.63
N ALA B 298 -6.90 12.24 17.07
CA ALA B 298 -7.30 12.16 15.66
C ALA B 298 -8.50 13.04 15.39
N PHE B 299 -9.50 13.02 16.29
CA PHE B 299 -10.71 13.77 16.06
C PHE B 299 -10.50 15.27 16.22
N LEU B 300 -9.61 15.67 17.14
CA LEU B 300 -9.30 17.08 17.29
C LEU B 300 -8.48 17.63 16.13
N LEU B 301 -7.69 16.79 15.47
CA LEU B 301 -6.97 17.25 14.28
C LEU B 301 -7.92 17.44 13.10
N HIS B 302 -9.04 16.71 13.12
CA HIS B 302 -10.06 16.88 12.10
C HIS B 302 -11.00 18.03 12.43
N ASN B 303 -11.03 18.47 13.68
CA ASN B 303 -11.97 19.47 14.16
C ASN B 303 -11.21 20.53 14.95
N PRO B 304 -10.40 21.34 14.27
CA PRO B 304 -9.66 22.39 14.99
C PRO B 304 -10.58 23.38 15.65
N GLN B 305 -11.81 23.52 15.13
CA GLN B 305 -12.80 24.39 15.75
C GLN B 305 -13.12 23.93 17.16
N VAL B 306 -13.33 22.62 17.34
CA VAL B 306 -13.50 22.07 18.69
C VAL B 306 -12.20 22.18 19.45
N LYS B 307 -11.08 21.91 18.78
CA LYS B 307 -9.78 22.01 19.43
C LYS B 307 -9.58 23.40 20.03
N LYS B 308 -9.85 24.44 19.25
CA LYS B 308 -9.68 25.81 19.73
C LYS B 308 -10.52 26.04 20.99
N LYS B 309 -11.82 25.73 20.92
CA LYS B 309 -12.70 25.94 22.06
C LYS B 309 -12.27 25.16 23.28
N LEU B 310 -11.51 24.08 23.10
CA LEU B 310 -10.99 23.32 24.23
C LEU B 310 -9.80 24.02 24.87
N TYR B 311 -8.98 24.68 24.07
CA TYR B 311 -7.91 25.52 24.59
C TYR B 311 -8.49 26.72 25.34
N GLU B 312 -9.40 27.44 24.71
CA GLU B 312 -10.00 28.61 25.34
C GLU B 312 -10.64 28.25 26.67
N GLU B 313 -11.36 27.13 26.73
CA GLU B 313 -12.04 26.75 27.96
C GLU B 313 -11.05 26.48 29.09
N ILE B 314 -9.95 25.79 28.78
CA ILE B 314 -9.05 25.36 29.84
C ILE B 314 -8.15 26.49 30.30
N ASP B 315 -7.82 27.43 29.41
CA ASP B 315 -7.08 28.61 29.83
C ASP B 315 -7.93 29.45 30.76
N GLN B 316 -9.24 29.52 30.48
CA GLN B 316 -10.15 30.32 31.27
C GLN B 316 -10.38 29.75 32.66
N ASN B 317 -10.37 28.43 32.80
CA ASN B 317 -10.83 27.77 34.00
C ASN B 317 -9.72 27.14 34.84
N VAL B 318 -8.51 26.97 34.28
CA VAL B 318 -7.41 26.35 35.03
C VAL B 318 -6.20 27.26 34.97
N GLY B 319 -5.94 27.85 33.81
CA GLY B 319 -4.79 28.75 33.67
C GLY B 319 -3.50 27.99 33.48
N PHE B 320 -2.40 28.63 33.88
CA PHE B 320 -1.08 28.04 33.78
C PHE B 320 -0.32 28.13 35.11
N SER B 321 -0.97 28.63 36.16
CA SER B 321 -0.38 28.69 37.49
C SER B 321 -0.38 27.32 38.19
N ARG B 322 -1.22 26.38 37.75
CA ARG B 322 -1.27 25.06 38.37
C ARG B 322 -1.57 24.05 37.26
N THR B 323 -1.49 22.75 37.63
CA THR B 323 -1.86 21.67 36.73
C THR B 323 -3.29 21.19 36.98
N PRO B 324 -3.92 20.59 35.97
CA PRO B 324 -5.30 20.10 36.13
C PRO B 324 -5.48 19.11 37.27
N THR B 325 -6.73 19.04 37.75
CA THR B 325 -7.16 18.23 38.87
C THR B 325 -8.51 17.61 38.53
N ILE B 326 -8.83 16.46 39.13
CA ILE B 326 -10.16 15.89 38.95
C ILE B 326 -11.23 16.92 39.29
N SER B 327 -10.99 17.73 40.32
CA SER B 327 -11.91 18.80 40.66
C SER B 327 -12.29 19.62 39.43
N ASP B 328 -11.43 19.63 38.41
CA ASP B 328 -11.68 20.40 37.19
C ASP B 328 -12.67 19.74 36.25
N ARG B 329 -13.17 18.54 36.56
CA ARG B 329 -14.25 17.97 35.77
C ARG B 329 -15.46 18.89 35.74
N ASN B 330 -15.65 19.67 36.80
CA ASN B 330 -16.86 20.46 36.97
C ASN B 330 -16.87 21.71 36.12
N ARG B 331 -15.70 22.29 35.83
CA ARG B 331 -15.63 23.47 34.97
C ARG B 331 -15.30 23.14 33.53
N LEU B 332 -14.47 22.12 33.29
CA LEU B 332 -14.06 21.73 31.93
C LEU B 332 -15.09 20.78 31.34
N LEU B 333 -16.22 21.33 30.92
CA LEU B 333 -17.32 20.48 30.47
C LEU B 333 -17.14 20.02 29.03
N LEU B 334 -16.77 20.96 28.14
CA LEU B 334 -16.61 20.60 26.74
C LEU B 334 -15.62 19.45 26.58
N LEU B 335 -14.63 19.36 27.46
CA LEU B 335 -13.69 18.24 27.41
C LEU B 335 -14.38 16.93 27.77
N GLU B 336 -15.14 16.91 28.87
CA GLU B 336 -15.85 15.69 29.23
C GLU B 336 -16.82 15.27 28.14
N ALA B 337 -17.44 16.23 27.47
CA ALA B 337 -18.34 15.88 26.37
C ALA B 337 -17.56 15.34 25.17
N THR B 338 -16.41 15.95 24.87
CA THR B 338 -15.61 15.47 23.75
C THR B 338 -15.15 14.04 23.98
N ILE B 339 -14.79 13.70 25.21
CA ILE B 339 -14.44 12.31 25.53
C ILE B 339 -15.69 11.44 25.37
N ARG B 340 -16.84 11.95 25.81
CA ARG B 340 -18.08 11.20 25.68
C ARG B 340 -18.42 10.95 24.21
N GLU B 341 -18.14 11.93 23.34
CA GLU B 341 -18.51 11.81 21.93
C GLU B 341 -17.54 10.94 21.14
N VAL B 342 -16.30 10.76 21.61
CA VAL B 342 -15.40 9.82 20.96
C VAL B 342 -15.79 8.40 21.33
N LEU B 343 -16.21 8.18 22.57
CA LEU B 343 -16.70 6.88 22.99
C LEU B 343 -18.04 6.54 22.36
N ARG B 344 -18.75 7.52 21.82
CA ARG B 344 -19.96 7.22 21.07
C ARG B 344 -19.62 6.86 19.63
N LEU B 345 -18.97 7.79 18.91
CA LEU B 345 -18.71 7.59 17.49
C LEU B 345 -17.79 6.40 17.25
N ARG B 346 -16.89 6.12 18.20
CA ARG B 346 -15.85 5.10 18.02
C ARG B 346 -15.72 4.35 19.33
N PRO B 347 -16.68 3.50 19.65
CA PRO B 347 -16.61 2.74 20.90
C PRO B 347 -15.36 1.89 20.95
N VAL B 348 -14.75 1.82 22.13
CA VAL B 348 -13.68 0.84 22.35
C VAL B 348 -14.10 -0.52 21.83
N ALA B 349 -15.35 -0.90 22.09
CA ALA B 349 -15.85 -2.25 21.84
C ALA B 349 -17.17 -2.13 21.08
N PRO B 350 -17.11 -1.90 19.77
CA PRO B 350 -18.35 -1.62 19.02
C PRO B 350 -19.36 -2.77 19.06
N MET B 351 -18.99 -3.92 19.63
CA MET B 351 -19.95 -5.00 19.84
C MET B 351 -19.73 -5.66 21.19
N LEU B 352 -19.29 -4.88 22.17
CA LEU B 352 -19.02 -5.37 23.53
C LEU B 352 -18.14 -6.61 23.42
N ILE B 353 -18.27 -7.50 24.40
CA ILE B 353 -17.77 -8.86 24.30
C ILE B 353 -19.00 -9.74 24.13
N PRO B 354 -18.92 -10.86 23.42
CA PRO B 354 -20.11 -11.72 23.31
C PRO B 354 -20.59 -12.18 24.67
N HIS B 355 -21.91 -12.05 24.88
CA HIS B 355 -22.57 -12.69 26.00
C HIS B 355 -23.11 -14.06 25.57
N LYS B 356 -23.48 -14.86 26.55
CA LYS B 356 -24.02 -16.19 26.33
C LYS B 356 -25.22 -16.40 27.24
N ALA B 357 -26.20 -17.15 26.75
CA ALA B 357 -27.39 -17.45 27.53
C ALA B 357 -27.08 -18.58 28.51
N ASN B 358 -27.12 -18.27 29.81
CA ASN B 358 -26.84 -19.28 30.82
C ASN B 358 -27.99 -20.25 30.96
N VAL B 359 -29.21 -19.81 30.63
CA VAL B 359 -30.43 -20.57 30.87
C VAL B 359 -31.44 -20.18 29.81
N ASP B 360 -32.35 -21.09 29.51
CA ASP B 360 -33.45 -20.75 28.60
C ASP B 360 -34.11 -19.46 29.04
N SER B 361 -34.41 -18.60 28.08
CA SER B 361 -34.81 -17.23 28.40
C SER B 361 -35.45 -16.61 27.15
N SER B 362 -35.66 -15.30 27.19
CA SER B 362 -36.30 -14.58 26.10
C SER B 362 -35.69 -13.18 25.96
N ILE B 363 -35.65 -12.70 24.73
CA ILE B 363 -35.28 -11.32 24.41
C ILE B 363 -36.41 -10.70 23.62
N GLY B 364 -36.98 -9.62 24.15
CA GLY B 364 -38.06 -8.94 23.44
C GLY B 364 -39.19 -9.89 23.15
N GLU B 365 -39.45 -10.80 24.10
CA GLU B 365 -40.54 -11.77 24.03
C GLU B 365 -40.32 -12.81 22.95
N PHE B 366 -39.10 -12.89 22.42
CA PHE B 366 -38.66 -13.96 21.53
C PHE B 366 -37.88 -14.98 22.34
N ALA B 367 -37.99 -16.25 21.93
CA ALA B 367 -37.32 -17.32 22.65
C ALA B 367 -35.84 -17.36 22.32
N VAL B 368 -35.04 -17.68 23.33
CA VAL B 368 -33.59 -17.74 23.24
C VAL B 368 -33.10 -18.90 24.09
N ASP B 369 -32.60 -19.95 23.45
CA ASP B 369 -32.23 -21.17 24.15
C ASP B 369 -30.94 -21.01 24.94
N LYS B 370 -30.80 -21.83 25.98
CA LYS B 370 -29.54 -21.95 26.69
C LYS B 370 -28.39 -22.17 25.71
N GLY B 371 -27.26 -21.54 25.99
CA GLY B 371 -26.07 -21.73 25.18
C GLY B 371 -26.01 -20.94 23.89
N THR B 372 -26.82 -19.89 23.74
CA THR B 372 -26.92 -19.15 22.49
C THR B 372 -26.10 -17.86 22.60
N GLU B 373 -25.19 -17.67 21.65
CA GLU B 373 -24.37 -16.47 21.61
C GLU B 373 -25.24 -15.25 21.34
N VAL B 374 -25.23 -14.30 22.28
CA VAL B 374 -25.93 -13.03 22.14
C VAL B 374 -24.90 -11.93 21.99
N ILE B 375 -25.14 -11.02 21.04
CA ILE B 375 -24.19 -9.96 20.73
C ILE B 375 -24.93 -8.64 20.72
N ILE B 376 -24.47 -7.68 21.51
CA ILE B 376 -25.02 -6.33 21.51
C ILE B 376 -24.27 -5.51 20.48
N ASN B 377 -25.01 -4.92 19.53
CA ASN B 377 -24.40 -4.14 18.46
C ASN B 377 -24.36 -2.67 18.87
N LEU B 378 -23.47 -2.39 19.83
CA LEU B 378 -23.31 -1.04 20.36
C LEU B 378 -23.15 -0.01 19.25
N TRP B 379 -22.48 -0.39 18.17
CA TRP B 379 -22.33 0.52 17.02
C TRP B 379 -23.70 0.96 16.51
N ALA B 380 -24.66 0.02 16.47
CA ALA B 380 -26.01 0.35 16.04
C ALA B 380 -26.70 1.26 17.04
N LEU B 381 -26.50 1.00 18.34
CA LEU B 381 -27.08 1.85 19.37
C LEU B 381 -26.54 3.28 19.28
N HIS B 382 -25.26 3.43 18.92
CA HIS B 382 -24.64 4.75 18.91
C HIS B 382 -24.82 5.49 17.60
N HIS B 383 -25.38 4.85 16.58
CA HIS B 383 -25.64 5.49 15.30
C HIS B 383 -27.12 5.42 14.93
N ASN B 384 -27.96 5.02 15.87
CA ASN B 384 -29.41 4.97 15.67
C ASN B 384 -29.93 6.35 15.27
N GLU B 385 -30.51 6.44 14.07
CA GLU B 385 -30.95 7.73 13.53
C GLU B 385 -31.97 8.40 14.43
N LYS B 386 -32.86 7.63 15.04
CA LYS B 386 -33.95 8.22 15.81
C LYS B 386 -33.51 8.67 17.19
N GLU B 387 -32.52 8.00 17.78
CA GLU B 387 -32.02 8.36 19.09
C GLU B 387 -30.88 9.39 19.04
N TRP B 388 -30.34 9.68 17.86
CA TRP B 388 -29.22 10.61 17.72
C TRP B 388 -29.44 11.55 16.55
N HIS B 389 -29.20 12.85 16.78
CA HIS B 389 -29.31 13.87 15.75
C HIS B 389 -27.99 13.95 14.98
N GLN B 390 -28.06 13.78 13.65
CA GLN B 390 -26.86 13.76 12.82
C GLN B 390 -25.87 12.74 13.37
N PRO B 391 -26.22 11.44 13.34
CA PRO B 391 -25.45 10.46 14.12
C PRO B 391 -24.03 10.24 13.63
N ASP B 392 -23.77 10.41 12.33
CA ASP B 392 -22.45 10.16 11.79
C ASP B 392 -21.47 11.29 12.03
N GLN B 393 -21.90 12.40 12.62
CA GLN B 393 -21.04 13.56 12.78
C GLN B 393 -20.54 13.68 14.22
N PHE B 394 -19.40 14.35 14.35
CA PHE B 394 -18.70 14.56 15.62
C PHE B 394 -19.17 15.89 16.19
N MET B 395 -20.03 15.83 17.21
CA MET B 395 -20.59 17.04 17.83
C MET B 395 -20.58 16.88 19.34
N PRO B 396 -19.48 17.24 20.00
CA PRO B 396 -19.49 17.24 21.47
C PRO B 396 -20.51 18.20 22.04
N GLU B 397 -20.96 19.18 21.24
CA GLU B 397 -22.06 20.05 21.63
C GLU B 397 -23.27 19.26 22.13
N ARG B 398 -23.50 18.07 21.59
CA ARG B 398 -24.74 17.33 21.84
C ARG B 398 -24.83 16.79 23.27
N PHE B 399 -23.75 16.80 24.04
CA PHE B 399 -23.76 16.39 25.43
C PHE B 399 -23.81 17.57 26.38
N LEU B 400 -24.24 18.73 25.88
CA LEU B 400 -24.39 19.93 26.68
C LEU B 400 -25.75 20.53 26.40
N ASN B 401 -26.31 21.21 27.40
CA ASN B 401 -27.48 22.04 27.14
C ASN B 401 -27.11 23.11 26.12
N PRO B 402 -28.10 23.76 25.51
CA PRO B 402 -27.78 24.75 24.48
C PRO B 402 -26.92 25.89 24.99
N ALA B 403 -26.93 26.14 26.30
CA ALA B 403 -26.07 27.16 26.88
C ALA B 403 -24.61 26.73 26.80
N GLY B 404 -24.31 25.52 27.26
CA GLY B 404 -22.93 25.03 27.29
C GLY B 404 -22.41 25.04 28.71
N THR B 405 -23.31 24.80 29.65
CA THR B 405 -23.05 25.07 31.05
C THR B 405 -23.26 23.89 31.98
N GLN B 406 -23.78 22.76 31.50
CA GLN B 406 -23.70 21.52 32.27
C GLN B 406 -23.93 20.35 31.32
N LEU B 407 -23.52 19.17 31.79
CA LEU B 407 -23.51 17.97 30.97
C LEU B 407 -24.86 17.27 31.05
N ILE B 408 -25.25 16.67 29.93
CA ILE B 408 -26.57 16.06 29.78
C ILE B 408 -26.40 14.65 29.22
N SER B 409 -27.51 13.92 29.17
CA SER B 409 -27.55 12.57 28.59
C SER B 409 -28.60 12.57 27.48
N PRO B 410 -28.26 13.06 26.29
CA PRO B 410 -29.30 13.30 25.27
C PRO B 410 -29.98 12.05 24.80
N SER B 411 -29.41 10.88 25.05
CA SER B 411 -30.01 9.64 24.59
C SER B 411 -29.68 8.53 25.57
N VAL B 412 -30.58 7.55 25.61
CA VAL B 412 -30.41 6.38 26.45
C VAL B 412 -29.72 5.26 25.69
N SER B 413 -29.61 5.40 24.37
CA SER B 413 -28.91 4.45 23.51
C SER B 413 -27.41 4.75 23.50
N TYR B 414 -26.82 4.70 24.69
CA TYR B 414 -25.42 5.09 24.90
C TYR B 414 -24.90 4.27 26.07
N LEU B 415 -24.15 3.21 25.75
CA LEU B 415 -23.55 2.32 26.76
C LEU B 415 -22.11 2.02 26.36
N PRO B 416 -21.22 3.01 26.41
CA PRO B 416 -19.84 2.74 26.00
C PRO B 416 -19.14 1.72 26.87
N PHE B 417 -19.38 1.73 28.18
CA PHE B 417 -18.79 0.78 29.10
C PHE B 417 -19.71 -0.38 29.37
N GLY B 418 -20.75 -0.55 28.56
CA GLY B 418 -21.68 -1.63 28.76
C GLY B 418 -22.52 -1.39 29.99
N ALA B 419 -23.14 -2.47 30.46
CA ALA B 419 -23.96 -2.40 31.65
C ALA B 419 -24.18 -3.82 32.16
N GLY B 420 -24.79 -3.90 33.35
CA GLY B 420 -25.14 -5.15 33.94
C GLY B 420 -24.04 -5.84 34.71
N PRO B 421 -24.22 -7.14 34.96
CA PRO B 421 -23.21 -7.90 35.71
C PRO B 421 -21.85 -7.93 35.04
N ARG B 422 -21.77 -7.56 33.76
CA ARG B 422 -20.56 -7.73 32.96
C ARG B 422 -19.99 -6.41 32.47
N SER B 423 -20.38 -5.30 33.09
CA SER B 423 -19.88 -4.00 32.68
C SER B 423 -18.39 -3.86 33.01
N CYS B 424 -17.75 -2.90 32.36
CA CYS B 424 -16.38 -2.54 32.69
C CYS B 424 -16.19 -2.36 34.18
N ILE B 425 -15.14 -2.99 34.72
CA ILE B 425 -14.78 -2.76 36.11
C ILE B 425 -13.77 -1.62 36.24
N GLY B 426 -13.13 -1.22 35.14
CA GLY B 426 -12.17 -0.12 35.16
C GLY B 426 -12.78 1.15 34.60
N GLU B 427 -14.11 1.26 34.65
CA GLU B 427 -14.78 2.43 34.12
C GLU B 427 -14.29 3.69 34.84
N ILE B 428 -14.24 3.64 36.17
CA ILE B 428 -13.81 4.81 36.94
C ILE B 428 -12.42 5.24 36.49
N LEU B 429 -11.47 4.30 36.52
CA LEU B 429 -10.09 4.62 36.18
C LEU B 429 -9.98 5.23 34.79
N ALA B 430 -10.61 4.60 33.79
CA ALA B 430 -10.52 5.10 32.43
C ALA B 430 -11.08 6.50 32.30
N ARG B 431 -12.23 6.77 32.94
CA ARG B 431 -12.84 8.09 32.82
C ARG B 431 -11.92 9.16 33.39
N GLN B 432 -11.11 8.81 34.40
CA GLN B 432 -10.14 9.73 34.96
C GLN B 432 -8.91 9.87 34.07
N GLU B 433 -8.22 8.74 33.82
CA GLU B 433 -7.04 8.77 32.95
C GLU B 433 -7.30 9.57 31.67
N LEU B 434 -8.45 9.32 31.03
CA LEU B 434 -8.72 10.00 29.77
C LEU B 434 -8.94 11.49 29.98
N PHE B 435 -9.63 11.87 31.05
CA PHE B 435 -9.84 13.29 31.31
C PHE B 435 -8.53 14.00 31.61
N LEU B 436 -7.75 13.46 32.56
CA LEU B 436 -6.52 14.12 32.98
C LEU B 436 -5.53 14.25 31.84
N ILE B 437 -5.19 13.13 31.20
CA ILE B 437 -4.25 13.09 30.08
C ILE B 437 -4.56 14.25 29.14
N MET B 438 -5.81 14.28 28.67
CA MET B 438 -6.21 15.24 27.65
C MET B 438 -6.12 16.66 28.17
N ALA B 439 -6.39 16.86 29.45
CA ALA B 439 -6.21 18.18 30.06
C ALA B 439 -4.76 18.61 30.03
N TRP B 440 -3.88 17.84 30.67
CA TRP B 440 -2.47 18.17 30.75
C TRP B 440 -1.87 18.49 29.39
N LEU B 441 -2.30 17.78 28.35
CA LEU B 441 -1.72 18.01 27.02
C LEU B 441 -2.22 19.31 26.42
N LEU B 442 -3.52 19.58 26.54
CA LEU B 442 -4.07 20.80 25.97
C LEU B 442 -3.50 22.02 26.66
N GLN B 443 -3.24 21.93 27.97
CA GLN B 443 -2.56 23.00 28.69
C GLN B 443 -1.18 23.27 28.08
N ARG B 444 -0.33 22.24 28.06
CA ARG B 444 1.07 22.43 27.65
C ARG B 444 1.20 22.66 26.14
N PHE B 445 0.56 21.82 25.33
CA PHE B 445 1.00 21.61 23.95
C PHE B 445 0.02 22.11 22.92
N ASP B 446 0.57 22.72 21.87
CA ASP B 446 -0.12 22.87 20.60
C ASP B 446 -0.03 21.55 19.85
N LEU B 447 -1.15 21.11 19.29
CA LEU B 447 -1.22 19.82 18.63
C LEU B 447 -1.83 20.05 17.25
N GLU B 448 -1.02 19.83 16.21
CA GLU B 448 -1.38 20.24 14.87
C GLU B 448 -0.97 19.19 13.86
N VAL B 449 -1.46 19.36 12.65
CA VAL B 449 -1.14 18.47 11.54
C VAL B 449 0.34 18.58 11.19
N PRO B 450 1.04 17.47 10.95
CA PRO B 450 2.45 17.53 10.54
C PRO B 450 2.67 18.24 9.21
N ASP B 451 3.95 18.40 8.83
CA ASP B 451 4.32 19.25 7.71
C ASP B 451 3.96 18.61 6.36
N ASP B 452 3.96 17.28 6.29
CA ASP B 452 3.48 16.60 5.09
C ASP B 452 1.96 16.75 4.91
N GLY B 453 1.25 17.18 5.94
CA GLY B 453 -0.16 17.51 5.81
C GLY B 453 -1.10 16.34 5.93
N GLN B 454 -0.63 15.18 6.37
CA GLN B 454 -1.46 13.98 6.42
C GLN B 454 -2.33 13.99 7.68
N LEU B 455 -3.59 13.58 7.52
CA LEU B 455 -4.51 13.47 8.63
C LEU B 455 -4.79 12.00 8.93
N PRO B 456 -5.02 11.64 10.19
CA PRO B 456 -5.33 10.24 10.50
C PRO B 456 -6.65 9.81 9.87
N SER B 457 -6.73 8.52 9.57
CA SER B 457 -7.94 7.93 9.01
C SER B 457 -8.86 7.58 10.18
N LEU B 458 -10.05 8.17 10.18
CA LEU B 458 -11.02 7.88 11.23
C LEU B 458 -11.79 6.60 10.99
N GLU B 459 -11.51 5.90 9.88
CA GLU B 459 -12.16 4.63 9.60
C GLU B 459 -11.87 3.61 10.69
N GLY B 460 -10.60 3.43 11.04
CA GLY B 460 -10.22 2.55 12.12
C GLY B 460 -10.08 1.11 11.68
N ILE B 461 -9.69 0.28 12.66
CA ILE B 461 -9.33 -1.11 12.42
C ILE B 461 -9.93 -1.94 13.54
N PRO B 462 -11.00 -2.71 13.30
CA PRO B 462 -11.61 -3.45 14.41
C PRO B 462 -10.78 -4.68 14.72
N LYS B 463 -10.28 -4.74 15.94
CA LYS B 463 -9.70 -5.96 16.48
C LYS B 463 -10.41 -6.19 17.82
N VAL B 464 -9.76 -6.95 18.70
CA VAL B 464 -10.22 -7.11 20.07
C VAL B 464 -10.40 -5.73 20.68
N VAL B 465 -9.69 -4.75 20.12
CA VAL B 465 -9.90 -3.33 20.41
C VAL B 465 -10.21 -2.64 19.09
N PHE B 466 -11.07 -1.62 19.16
CA PHE B 466 -11.33 -0.84 17.96
C PHE B 466 -10.18 0.16 17.87
N LEU B 467 -9.18 -0.19 17.07
CA LEU B 467 -7.93 0.57 16.99
C LEU B 467 -7.96 1.56 15.84
N ILE B 468 -7.08 2.55 15.93
CA ILE B 468 -6.91 3.54 14.88
C ILE B 468 -5.54 3.33 14.25
N ASP B 469 -5.48 3.48 12.93
CA ASP B 469 -4.22 3.42 12.21
C ASP B 469 -3.19 4.35 12.87
N SER B 470 -1.94 3.92 12.88
CA SER B 470 -0.90 4.78 13.44
C SER B 470 -0.81 6.07 12.64
N PHE B 471 -0.58 7.17 13.34
CA PHE B 471 -0.51 8.49 12.71
C PHE B 471 0.39 9.37 13.56
N LYS B 472 0.86 10.46 12.95
CA LYS B 472 1.77 11.38 13.63
C LYS B 472 1.08 12.73 13.86
N VAL B 473 1.62 13.48 14.83
CA VAL B 473 1.12 14.80 15.18
C VAL B 473 2.30 15.72 15.48
N LYS B 474 2.29 16.90 14.86
CA LYS B 474 3.23 17.96 15.20
C LYS B 474 2.89 18.51 16.59
N ILE B 475 3.89 18.59 17.45
CA ILE B 475 3.69 18.96 18.85
C ILE B 475 4.67 20.08 19.18
N LYS B 476 4.14 21.27 19.47
CA LYS B 476 4.92 22.40 19.93
C LYS B 476 4.44 22.78 21.33
N VAL B 477 5.36 23.06 22.24
CA VAL B 477 4.97 23.62 23.51
C VAL B 477 4.30 24.97 23.25
N ARG B 478 3.32 25.30 24.07
CA ARG B 478 2.47 26.46 23.81
C ARG B 478 3.15 27.75 24.23
N GLN B 479 2.90 28.81 23.45
CA GLN B 479 3.37 30.14 23.82
C GLN B 479 2.97 30.48 25.24
N ALA B 480 1.68 30.34 25.56
CA ALA B 480 1.18 30.73 26.87
C ALA B 480 1.87 29.99 28.01
N TRP B 481 2.24 28.72 27.79
CA TRP B 481 2.82 27.93 28.87
C TRP B 481 4.24 28.38 29.18
N ARG B 482 5.00 28.77 28.16
CA ARG B 482 6.35 29.31 28.40
C ARG B 482 6.27 30.56 29.25
N GLU B 483 5.57 31.58 28.75
CA GLU B 483 5.49 32.88 29.40
C GLU B 483 4.98 32.79 30.83
N ALA B 484 4.40 31.66 31.22
CA ALA B 484 3.88 31.46 32.56
C ALA B 484 4.91 30.84 33.51
N GLN B 485 6.20 30.88 33.16
CA GLN B 485 7.22 30.27 34.01
C GLN B 485 8.11 31.25 34.76
N ALA B 486 8.06 32.55 34.45
CA ALA B 486 8.84 33.53 35.22
C ALA B 486 8.06 34.02 36.43
N SER C 12 41.15 16.80 -25.77
CA SER C 12 40.93 18.22 -25.52
C SER C 12 40.27 18.91 -26.73
N LEU C 13 40.36 18.26 -27.89
CA LEU C 13 39.58 18.67 -29.06
C LEU C 13 38.47 17.68 -29.39
N LEU C 14 38.29 16.64 -28.59
CA LEU C 14 37.24 15.65 -28.75
C LEU C 14 36.12 15.91 -27.75
N SER C 15 34.94 15.38 -28.05
CA SER C 15 33.77 15.68 -27.24
C SER C 15 32.97 14.42 -26.99
N LEU C 16 32.55 14.23 -25.75
CA LEU C 16 31.68 13.10 -25.44
C LEU C 16 30.29 13.31 -26.05
N PRO C 17 29.55 12.22 -26.29
CA PRO C 17 28.21 12.36 -26.84
C PRO C 17 27.28 13.06 -25.87
N LEU C 18 26.26 13.71 -26.43
CA LEU C 18 25.32 14.52 -25.66
C LEU C 18 23.93 13.96 -25.92
N VAL C 19 23.37 13.27 -24.92
CA VAL C 19 22.22 12.40 -25.13
C VAL C 19 20.93 12.93 -24.56
N GLY C 20 20.96 14.02 -23.79
CA GLY C 20 19.75 14.69 -23.38
C GLY C 20 19.98 16.16 -23.09
N SER C 21 19.01 17.01 -23.43
CA SER C 21 19.13 18.42 -23.12
C SER C 21 17.74 19.05 -23.08
N LEU C 22 17.58 20.03 -22.19
CA LEU C 22 16.41 20.86 -22.12
C LEU C 22 16.87 22.32 -22.17
N PRO C 23 16.12 23.20 -22.81
CA PRO C 23 16.53 24.60 -22.85
C PRO C 23 16.25 25.24 -21.50
N PHE C 24 17.04 26.26 -21.18
CA PHE C 24 16.96 26.87 -19.86
C PHE C 24 15.54 26.78 -19.32
N LEU C 25 15.30 25.79 -18.45
CA LEU C 25 13.94 25.49 -18.01
C LEU C 25 13.28 26.74 -17.44
N PRO C 26 11.95 26.84 -17.55
CA PRO C 26 11.25 28.05 -17.13
C PRO C 26 11.51 28.33 -15.65
N ARG C 27 12.10 29.50 -15.38
CA ARG C 27 12.49 29.86 -14.04
C ARG C 27 11.37 29.55 -13.05
N HIS C 28 10.30 30.33 -13.08
CA HIS C 28 9.07 29.94 -12.41
C HIS C 28 7.91 30.64 -13.11
N GLY C 29 6.71 30.14 -12.82
CA GLY C 29 5.53 30.60 -13.52
C GLY C 29 4.61 29.45 -13.87
N HIS C 30 3.46 29.77 -14.44
CA HIS C 30 2.50 28.74 -14.81
C HIS C 30 2.93 28.06 -16.10
N MET C 31 2.69 26.74 -16.16
CA MET C 31 3.01 25.96 -17.36
C MET C 31 2.51 26.67 -18.61
N HIS C 32 1.21 26.98 -18.64
CA HIS C 32 0.59 27.46 -19.87
C HIS C 32 1.25 28.72 -20.38
N ASN C 33 1.74 29.60 -19.49
CA ASN C 33 2.37 30.83 -19.95
C ASN C 33 3.82 30.60 -20.40
N ASN C 34 4.51 29.61 -19.84
CA ASN C 34 5.86 29.30 -20.29
C ASN C 34 5.82 28.67 -21.67
N PHE C 35 4.86 27.78 -21.90
CA PHE C 35 4.64 27.22 -23.23
C PHE C 35 4.36 28.32 -24.24
N PHE C 36 3.80 29.44 -23.77
CA PHE C 36 3.42 30.54 -24.65
C PHE C 36 4.62 31.45 -24.93
N LYS C 37 5.34 31.83 -23.88
CA LYS C 37 6.62 32.52 -24.04
C LYS C 37 7.54 31.80 -25.01
N LEU C 38 7.42 30.48 -25.11
CA LEU C 38 8.36 29.69 -25.87
C LEU C 38 8.05 29.70 -27.37
N GLN C 39 6.84 30.09 -27.75
CA GLN C 39 6.48 30.11 -29.16
C GLN C 39 7.28 31.16 -29.91
N LYS C 40 7.67 32.24 -29.22
CA LYS C 40 8.49 33.26 -29.84
C LYS C 40 9.79 32.67 -30.40
N LYS C 41 10.35 31.67 -29.71
CA LYS C 41 11.54 30.97 -30.21
C LYS C 41 11.19 29.86 -31.20
N TYR C 42 10.24 28.99 -30.86
CA TYR C 42 10.07 27.71 -31.56
C TYR C 42 8.84 27.64 -32.44
N GLY C 43 7.98 28.66 -32.42
CA GLY C 43 6.83 28.67 -33.28
C GLY C 43 5.56 28.23 -32.57
N PRO C 44 4.49 28.04 -33.33
CA PRO C 44 3.19 27.71 -32.71
C PRO C 44 2.99 26.23 -32.41
N ILE C 45 3.88 25.35 -32.88
CA ILE C 45 3.77 23.93 -32.61
C ILE C 45 5.17 23.37 -32.39
N TYR C 46 5.34 22.58 -31.34
CA TYR C 46 6.65 22.05 -31.00
C TYR C 46 6.50 20.94 -29.98
N SER C 47 7.50 20.08 -29.89
CA SER C 47 7.41 18.83 -29.14
C SER C 47 8.61 18.64 -28.21
N VAL C 48 8.44 17.67 -27.30
CA VAL C 48 9.42 17.33 -26.29
C VAL C 48 9.38 15.82 -26.11
N ARG C 49 10.53 15.21 -25.81
CA ARG C 49 10.64 13.76 -25.79
C ARG C 49 11.26 13.27 -24.49
N MET C 50 10.50 12.48 -23.73
CA MET C 50 10.96 11.77 -22.54
C MET C 50 10.95 10.28 -22.85
N GLY C 51 12.12 9.67 -22.93
CA GLY C 51 12.23 8.27 -23.33
C GLY C 51 11.52 7.99 -24.63
N THR C 52 10.48 7.15 -24.61
CA THR C 52 9.70 6.86 -25.80
C THR C 52 8.47 7.76 -25.90
N LYS C 53 8.12 8.45 -24.81
CA LYS C 53 6.95 9.31 -24.78
C LYS C 53 7.25 10.65 -25.44
N THR C 54 6.26 11.19 -26.14
CA THR C 54 6.41 12.46 -26.82
C THR C 54 5.19 13.35 -26.57
N THR C 55 5.44 14.65 -26.42
CA THR C 55 4.41 15.61 -26.06
C THR C 55 4.47 16.79 -27.03
N VAL C 56 3.35 17.06 -27.69
CA VAL C 56 3.22 18.19 -28.62
C VAL C 56 2.38 19.28 -27.96
N ILE C 57 2.80 20.53 -28.13
CA ILE C 57 2.09 21.68 -27.58
C ILE C 57 1.65 22.56 -28.76
N VAL C 58 0.34 22.75 -28.89
CA VAL C 58 -0.24 23.54 -29.97
C VAL C 58 -0.74 24.85 -29.39
N GLY C 59 -0.47 25.95 -30.08
CA GLY C 59 -0.84 27.26 -29.59
C GLY C 59 -1.27 28.24 -30.67
N HIS C 60 -1.86 27.74 -31.75
CA HIS C 60 -2.46 28.58 -32.77
C HIS C 60 -3.82 28.00 -33.14
N HIS C 61 -4.81 28.88 -33.30
CA HIS C 61 -6.19 28.43 -33.46
C HIS C 61 -6.37 27.53 -34.68
N GLN C 62 -5.61 27.75 -35.74
CA GLN C 62 -5.81 26.97 -36.96
C GLN C 62 -5.37 25.53 -36.76
N LEU C 63 -4.24 25.32 -36.10
CA LEU C 63 -3.76 23.96 -35.82
C LEU C 63 -4.61 23.27 -34.77
N ALA C 64 -5.07 24.00 -33.75
CA ALA C 64 -5.89 23.41 -32.71
C ALA C 64 -7.21 22.92 -33.28
N LYS C 65 -7.83 23.72 -34.14
CA LYS C 65 -9.06 23.32 -34.80
C LYS C 65 -8.84 22.13 -35.72
N GLU C 66 -7.62 21.92 -36.19
CA GLU C 66 -7.30 20.70 -36.91
C GLU C 66 -7.28 19.51 -35.94
N VAL C 67 -6.75 19.73 -34.73
CA VAL C 67 -6.69 18.67 -33.74
C VAL C 67 -8.07 18.35 -33.20
N LEU C 68 -8.86 19.39 -32.88
CA LEU C 68 -10.10 19.20 -32.15
C LEU C 68 -11.24 18.80 -33.08
N ILE C 69 -11.27 19.35 -34.29
CA ILE C 69 -12.42 19.18 -35.17
C ILE C 69 -12.01 18.42 -36.43
N LYS C 70 -11.17 19.06 -37.25
CA LYS C 70 -10.88 18.55 -38.59
C LYS C 70 -10.37 17.12 -38.53
N LYS C 71 -9.38 16.85 -37.67
CA LYS C 71 -8.93 15.50 -37.38
C LYS C 71 -9.37 15.10 -35.97
N GLY C 72 -10.62 15.43 -35.63
CA GLY C 72 -11.10 15.31 -34.26
C GLY C 72 -11.01 13.91 -33.71
N LYS C 73 -11.41 12.91 -34.50
CA LYS C 73 -11.39 11.53 -34.00
C LYS C 73 -9.97 10.97 -33.93
N ASP C 74 -9.06 11.43 -34.79
CA ASP C 74 -7.68 10.98 -34.72
C ASP C 74 -7.01 11.42 -33.42
N PHE C 75 -7.41 12.56 -32.89
CA PHE C 75 -6.86 13.08 -31.64
C PHE C 75 -7.95 13.12 -30.58
N SER C 76 -8.48 11.94 -30.23
CA SER C 76 -9.62 11.84 -29.34
C SER C 76 -9.35 10.87 -28.20
N GLY C 77 -8.13 10.38 -28.05
CA GLY C 77 -7.76 9.59 -26.92
C GLY C 77 -7.18 10.44 -25.81
N ARG C 78 -6.98 9.82 -24.66
CA ARG C 78 -6.39 10.50 -23.52
C ARG C 78 -5.15 9.72 -23.09
N PRO C 79 -4.12 10.40 -22.59
CA PRO C 79 -2.92 9.68 -22.17
C PRO C 79 -3.06 9.12 -20.77
N GLN C 80 -2.53 7.93 -20.57
CA GLN C 80 -2.54 7.29 -19.26
C GLN C 80 -1.60 8.04 -18.33
N MET C 81 -2.15 8.58 -17.25
CA MET C 81 -1.36 9.24 -16.21
C MET C 81 -1.62 8.52 -14.89
N ALA C 82 -0.57 8.38 -14.08
CA ALA C 82 -0.69 7.64 -12.84
C ALA C 82 -1.59 8.37 -11.85
N THR C 83 -1.54 9.70 -11.86
CA THR C 83 -2.35 10.48 -10.94
C THR C 83 -3.82 10.44 -11.33
N LEU C 84 -4.12 10.42 -12.63
CA LEU C 84 -5.50 10.30 -13.07
C LEU C 84 -6.03 8.88 -12.95
N ASP C 85 -5.16 7.88 -13.01
CA ASP C 85 -5.60 6.49 -12.83
C ASP C 85 -6.33 6.34 -11.50
N ILE C 86 -5.87 7.07 -10.48
CA ILE C 86 -6.51 7.02 -9.17
C ILE C 86 -7.84 7.73 -9.21
N ALA C 87 -7.84 8.98 -9.68
CA ALA C 87 -9.02 9.82 -9.68
C ALA C 87 -10.15 9.26 -10.55
N SER C 88 -9.84 8.38 -11.50
CA SER C 88 -10.84 7.85 -12.42
C SER C 88 -11.09 6.37 -12.21
N ASN C 89 -10.56 5.78 -11.14
CA ASN C 89 -10.71 4.36 -10.87
C ASN C 89 -10.30 3.55 -12.11
N ASN C 90 -9.07 3.83 -12.55
CA ASN C 90 -8.45 3.25 -13.74
C ASN C 90 -9.26 3.55 -15.00
N ARG C 91 -9.20 4.82 -15.40
CA ARG C 91 -9.66 5.27 -16.72
C ARG C 91 -11.11 4.86 -16.98
N LYS C 92 -11.94 4.93 -15.96
CA LYS C 92 -13.37 4.87 -16.15
C LYS C 92 -13.91 6.29 -16.17
N GLY C 93 -15.23 6.42 -16.33
CA GLY C 93 -15.83 7.74 -16.39
C GLY C 93 -15.85 8.32 -17.79
N ILE C 94 -15.52 9.60 -17.92
CA ILE C 94 -15.59 10.28 -19.22
C ILE C 94 -14.33 11.08 -19.47
N ALA C 95 -14.11 12.13 -18.67
CA ALA C 95 -13.08 13.11 -18.97
C ALA C 95 -11.71 12.48 -19.14
N PHE C 96 -11.45 11.37 -18.45
CA PHE C 96 -10.11 10.78 -18.41
C PHE C 96 -10.07 9.39 -19.00
N ALA C 97 -11.11 8.99 -19.71
CA ALA C 97 -11.16 7.67 -20.33
C ALA C 97 -10.57 7.76 -21.73
N ASP C 98 -9.95 6.69 -22.17
CA ASP C 98 -9.46 6.69 -23.53
C ASP C 98 -10.64 6.54 -24.48
N SER C 99 -10.43 6.91 -25.74
CA SER C 99 -11.47 6.69 -26.72
C SER C 99 -11.72 5.18 -26.81
N GLY C 100 -12.99 4.82 -26.81
CA GLY C 100 -13.37 3.42 -26.68
C GLY C 100 -14.87 3.32 -26.52
N ALA C 101 -15.32 2.12 -26.16
CA ALA C 101 -16.75 1.93 -25.91
C ALA C 101 -17.16 2.56 -24.59
N HIS C 102 -16.40 2.30 -23.52
CA HIS C 102 -16.72 2.90 -22.22
C HIS C 102 -17.00 4.39 -22.36
N TRP C 103 -16.03 5.12 -22.91
CA TRP C 103 -16.17 6.56 -23.08
C TRP C 103 -17.34 6.90 -24.00
N GLN C 104 -17.42 6.20 -25.14
CA GLN C 104 -18.44 6.57 -26.13
C GLN C 104 -19.84 6.37 -25.57
N LEU C 105 -20.06 5.27 -24.88
CA LEU C 105 -21.36 4.99 -24.27
C LEU C 105 -21.69 6.03 -23.19
N HIS C 106 -20.80 6.16 -22.20
CA HIS C 106 -21.08 7.01 -21.05
C HIS C 106 -21.18 8.48 -21.44
N ARG C 107 -20.36 8.93 -22.39
CA ARG C 107 -20.51 10.31 -22.86
C ARG C 107 -21.88 10.52 -23.47
N ARG C 108 -22.38 9.51 -24.20
CA ARG C 108 -23.71 9.59 -24.80
C ARG C 108 -24.81 9.66 -23.76
N LEU C 109 -24.86 8.68 -22.85
CA LEU C 109 -25.93 8.63 -21.87
C LEU C 109 -25.94 9.90 -21.02
N ALA C 110 -24.76 10.44 -20.71
CA ALA C 110 -24.68 11.66 -19.94
C ALA C 110 -25.30 12.82 -20.70
N MET C 111 -25.04 12.94 -22.00
CA MET C 111 -25.65 14.00 -22.79
C MET C 111 -27.15 13.78 -22.93
N ALA C 112 -27.57 12.52 -23.12
CA ALA C 112 -28.98 12.21 -23.20
C ALA C 112 -29.72 12.64 -21.95
N THR C 113 -29.04 12.64 -20.80
CA THR C 113 -29.67 13.04 -19.56
C THR C 113 -29.95 14.55 -19.54
N PHE C 114 -29.05 15.35 -20.10
CA PHE C 114 -29.27 16.80 -20.14
C PHE C 114 -30.45 17.16 -21.04
N ALA C 115 -30.82 16.27 -21.96
CA ALA C 115 -32.00 16.51 -22.79
C ALA C 115 -33.28 16.52 -21.96
N LEU C 116 -33.34 15.64 -20.95
CA LEU C 116 -34.52 15.55 -20.09
C LEU C 116 -34.91 16.89 -19.49
N PHE C 117 -34.00 17.86 -19.46
CA PHE C 117 -34.23 19.10 -18.73
C PHE C 117 -34.43 20.27 -19.66
N LYS C 118 -35.28 20.07 -20.67
CA LYS C 118 -35.79 21.12 -21.53
C LYS C 118 -37.16 21.63 -21.09
N ASP C 119 -38.01 20.75 -20.56
CA ASP C 119 -39.40 21.05 -20.32
C ASP C 119 -39.90 20.39 -19.04
N GLY C 120 -40.85 21.06 -18.40
CA GLY C 120 -41.60 20.48 -17.29
C GLY C 120 -41.29 21.11 -15.95
N ASP C 121 -41.58 20.33 -14.89
CA ASP C 121 -41.22 20.73 -13.54
C ASP C 121 -39.73 20.56 -13.30
N GLN C 122 -39.13 19.57 -13.98
CA GLN C 122 -37.68 19.43 -14.08
C GLN C 122 -37.13 20.21 -15.27
N LYS C 123 -37.63 21.42 -15.49
CA LYS C 123 -37.02 22.29 -16.49
C LYS C 123 -35.72 22.84 -15.90
N LEU C 124 -34.63 22.73 -16.68
CA LEU C 124 -33.30 23.01 -16.14
C LEU C 124 -33.26 24.38 -15.46
N GLU C 125 -33.84 25.39 -16.11
CA GLU C 125 -33.82 26.74 -15.55
C GLU C 125 -34.50 26.80 -14.19
N LYS C 126 -35.59 26.06 -14.01
CA LYS C 126 -36.30 26.09 -12.73
C LYS C 126 -35.44 25.53 -11.61
N ILE C 127 -34.74 24.42 -11.88
CA ILE C 127 -33.87 23.82 -10.88
C ILE C 127 -32.77 24.80 -10.47
N ILE C 128 -32.20 25.51 -11.45
CA ILE C 128 -31.11 26.43 -11.17
C ILE C 128 -31.64 27.62 -10.38
N CYS C 129 -32.66 28.30 -10.92
CA CYS C 129 -33.21 29.48 -10.26
C CYS C 129 -33.58 29.19 -8.82
N GLN C 130 -34.06 27.96 -8.56
CA GLN C 130 -34.38 27.55 -7.19
C GLN C 130 -33.15 27.63 -6.29
N GLU C 131 -32.11 26.86 -6.62
CA GLU C 131 -30.94 26.79 -5.76
C GLU C 131 -30.19 28.13 -5.68
N ILE C 132 -30.42 29.04 -6.63
CA ILE C 132 -29.85 30.38 -6.51
C ILE C 132 -30.56 31.18 -5.44
N SER C 133 -31.88 30.97 -5.28
CA SER C 133 -32.63 31.74 -4.30
C SER C 133 -32.16 31.41 -2.89
N THR C 134 -32.01 30.12 -2.58
CA THR C 134 -31.44 29.74 -1.29
C THR C 134 -30.11 30.44 -1.08
N LEU C 135 -29.30 30.54 -2.14
CA LEU C 135 -28.00 31.19 -2.03
C LEU C 135 -28.15 32.68 -1.73
N CYS C 136 -29.07 33.36 -2.42
CA CYS C 136 -29.20 34.80 -2.24
C CYS C 136 -29.77 35.13 -0.87
N ASP C 137 -30.68 34.30 -0.38
CA ASP C 137 -31.15 34.46 1.00
C ASP C 137 -30.05 34.15 1.99
N MET C 138 -29.28 33.08 1.73
CA MET C 138 -28.15 32.76 2.60
C MET C 138 -27.16 33.91 2.70
N LEU C 139 -26.89 34.59 1.57
CA LEU C 139 -25.92 35.68 1.60
C LEU C 139 -26.46 36.93 2.28
N ALA C 140 -27.77 37.14 2.27
CA ALA C 140 -28.32 38.37 2.83
C ALA C 140 -28.21 38.40 4.35
N THR C 141 -28.12 37.23 4.98
CA THR C 141 -27.92 37.16 6.43
C THR C 141 -26.57 37.74 6.83
N HIS C 142 -25.73 38.08 5.86
CA HIS C 142 -24.41 38.63 6.10
C HIS C 142 -24.34 40.10 5.68
N ASN C 143 -25.50 40.74 5.58
CA ASN C 143 -25.60 42.13 5.12
C ASN C 143 -24.67 43.02 5.94
N GLY C 144 -23.76 43.71 5.24
CA GLY C 144 -22.85 44.63 5.88
C GLY C 144 -21.51 44.05 6.28
N GLN C 145 -21.25 42.79 5.93
CA GLN C 145 -20.01 42.10 6.28
C GLN C 145 -19.21 41.79 5.03
N SER C 146 -17.92 41.53 5.24
CA SER C 146 -17.02 41.08 4.18
C SER C 146 -16.76 39.60 4.39
N ILE C 147 -17.05 38.79 3.37
CA ILE C 147 -17.09 37.34 3.49
C ILE C 147 -16.45 36.68 2.28
N ASP C 148 -16.14 35.39 2.43
CA ASP C 148 -15.62 34.55 1.34
C ASP C 148 -16.76 33.64 0.88
N ILE C 149 -17.25 33.90 -0.33
CA ILE C 149 -18.49 33.29 -0.81
C ILE C 149 -18.27 31.94 -1.48
N SER C 150 -17.11 31.32 -1.24
CA SER C 150 -16.83 30.03 -1.87
C SER C 150 -17.89 28.99 -1.51
N PHE C 151 -18.07 28.73 -0.22
CA PHE C 151 -18.87 27.60 0.21
C PHE C 151 -20.35 27.79 -0.10
N PRO C 152 -20.92 28.98 0.08
CA PRO C 152 -22.33 29.16 -0.30
C PRO C 152 -22.60 28.86 -1.77
N VAL C 153 -21.68 29.24 -2.65
CA VAL C 153 -21.84 28.94 -4.07
C VAL C 153 -21.61 27.46 -4.33
N PHE C 154 -20.58 26.88 -3.68
CA PHE C 154 -20.33 25.46 -3.80
C PHE C 154 -21.59 24.65 -3.50
N VAL C 155 -22.35 25.08 -2.50
CA VAL C 155 -23.56 24.35 -2.11
C VAL C 155 -24.63 24.52 -3.17
N ALA C 156 -24.71 25.71 -3.76
CA ALA C 156 -25.70 25.96 -4.80
C ALA C 156 -25.48 25.06 -6.01
N VAL C 157 -24.26 25.06 -6.54
CA VAL C 157 -24.00 24.33 -7.79
C VAL C 157 -23.80 22.85 -7.55
N THR C 158 -23.44 22.44 -6.34
CA THR C 158 -23.47 21.03 -6.00
C THR C 158 -24.91 20.52 -6.03
N ASN C 159 -25.84 21.35 -5.56
CA ASN C 159 -27.23 20.93 -5.45
C ASN C 159 -27.88 20.78 -6.83
N VAL C 160 -27.60 21.72 -7.75
CA VAL C 160 -28.11 21.57 -9.11
C VAL C 160 -27.66 20.23 -9.68
N ILE C 161 -26.34 19.99 -9.66
CA ILE C 161 -25.81 18.74 -10.19
C ILE C 161 -26.40 17.56 -9.44
N SER C 162 -26.67 17.72 -8.14
CA SER C 162 -27.19 16.60 -7.37
C SER C 162 -28.62 16.29 -7.76
N LEU C 163 -29.38 17.31 -8.18
CA LEU C 163 -30.74 17.09 -8.65
C LEU C 163 -30.76 16.50 -10.05
N ILE C 164 -29.71 16.71 -10.85
CA ILE C 164 -29.69 16.16 -12.19
C ILE C 164 -29.23 14.71 -12.17
N CYS C 165 -28.43 14.31 -11.19
CA CYS C 165 -27.92 12.95 -11.09
C CYS C 165 -28.77 12.07 -10.18
N PHE C 166 -29.47 12.67 -9.22
CA PHE C 166 -30.17 11.93 -8.18
C PHE C 166 -31.60 12.40 -7.92
N ASN C 167 -31.99 13.59 -8.38
CA ASN C 167 -33.25 14.22 -7.97
C ASN C 167 -33.31 14.46 -6.47
N THR C 168 -32.15 14.67 -5.85
CA THR C 168 -32.05 15.05 -4.45
C THR C 168 -31.18 16.30 -4.35
N SER C 169 -31.35 17.03 -3.26
CA SER C 169 -30.52 18.18 -2.98
C SER C 169 -30.24 18.23 -1.49
N TYR C 170 -29.11 18.83 -1.14
CA TYR C 170 -28.68 18.90 0.25
C TYR C 170 -29.32 20.10 0.92
N LYS C 171 -30.01 19.84 2.03
CA LYS C 171 -30.59 20.94 2.81
C LYS C 171 -29.47 21.81 3.34
N ASN C 172 -29.83 22.98 3.84
CA ASN C 172 -28.83 23.89 4.37
C ASN C 172 -28.24 23.26 5.63
N GLY C 173 -26.95 23.46 5.83
CA GLY C 173 -26.27 22.93 7.00
C GLY C 173 -26.10 21.42 7.03
N ASP C 174 -26.48 20.71 5.98
CA ASP C 174 -26.19 19.28 5.91
C ASP C 174 -24.68 19.08 6.04
N PRO C 175 -24.20 18.19 6.92
CA PRO C 175 -22.75 18.04 7.07
C PRO C 175 -22.10 17.30 5.92
N GLU C 176 -22.87 16.57 5.11
CA GLU C 176 -22.32 15.96 3.91
C GLU C 176 -21.74 17.03 2.99
N LEU C 177 -22.32 18.23 2.99
CA LEU C 177 -21.81 19.32 2.15
C LEU C 177 -20.37 19.66 2.49
N ASN C 178 -20.01 19.61 3.78
CA ASN C 178 -18.64 19.89 4.18
C ASN C 178 -17.73 18.71 3.87
N VAL C 179 -18.31 17.51 3.86
CA VAL C 179 -17.57 16.32 3.45
C VAL C 179 -17.17 16.42 1.97
N ILE C 180 -18.12 16.82 1.12
CA ILE C 180 -17.83 16.91 -0.31
C ILE C 180 -16.80 18.00 -0.58
N GLN C 181 -17.00 19.18 0.01
CA GLN C 181 -16.04 20.26 -0.23
C GLN C 181 -14.65 19.83 0.18
N ASN C 182 -14.54 19.11 1.30
CA ASN C 182 -13.24 18.74 1.81
C ASN C 182 -12.53 17.78 0.87
N TYR C 183 -13.26 16.76 0.36
CA TYR C 183 -12.59 15.80 -0.50
C TYR C 183 -12.45 16.32 -1.92
N ASN C 184 -13.32 17.24 -2.36
CA ASN C 184 -13.07 17.95 -3.62
C ASN C 184 -11.81 18.79 -3.51
N GLU C 185 -11.68 19.55 -2.41
CA GLU C 185 -10.52 20.40 -2.23
C GLU C 185 -9.25 19.58 -2.14
N GLY C 186 -9.35 18.34 -1.67
CA GLY C 186 -8.19 17.49 -1.53
C GLY C 186 -7.78 16.82 -2.84
N ILE C 187 -8.76 16.33 -3.60
CA ILE C 187 -8.45 15.77 -4.91
C ILE C 187 -7.75 16.83 -5.77
N ILE C 188 -8.28 18.05 -5.78
CA ILE C 188 -7.69 19.10 -6.59
C ILE C 188 -6.25 19.37 -6.18
N ASP C 189 -5.96 19.33 -4.88
CA ASP C 189 -4.64 19.77 -4.42
C ASP C 189 -3.56 18.76 -4.79
N ASN C 190 -3.85 17.47 -4.68
CA ASN C 190 -2.83 16.44 -4.86
C ASN C 190 -2.83 15.84 -6.26
N LEU C 191 -3.82 16.15 -7.10
CA LEU C 191 -3.84 15.61 -8.45
C LEU C 191 -2.69 16.17 -9.28
N SER C 192 -2.24 17.38 -8.96
CA SER C 192 -1.12 18.00 -9.67
C SER C 192 -0.77 19.30 -8.96
N LYS C 193 0.42 19.81 -9.27
CA LYS C 193 0.86 21.10 -8.78
C LYS C 193 0.75 22.19 -9.84
N ASP C 194 0.36 21.83 -11.06
CA ASP C 194 0.08 22.78 -12.13
C ASP C 194 -1.00 22.12 -13.00
N SER C 195 -1.18 22.64 -14.22
CA SER C 195 -2.14 22.01 -15.11
C SER C 195 -1.62 20.64 -15.56
N LEU C 196 -2.51 19.84 -16.13
CA LEU C 196 -2.20 18.44 -16.44
C LEU C 196 -1.37 18.32 -17.72
N VAL C 197 -0.15 17.80 -17.57
CA VAL C 197 0.65 17.32 -18.68
C VAL C 197 1.26 15.99 -18.26
N ASP C 198 1.48 15.10 -19.24
CA ASP C 198 2.00 13.79 -18.89
C ASP C 198 3.49 13.82 -18.58
N LEU C 199 4.23 14.77 -19.14
CA LEU C 199 5.68 14.74 -18.97
C LEU C 199 6.10 14.85 -17.51
N VAL C 200 5.24 15.32 -16.63
CA VAL C 200 5.57 15.48 -15.22
C VAL C 200 5.04 14.27 -14.46
N PRO C 201 5.84 13.63 -13.62
CA PRO C 201 5.28 12.54 -12.80
C PRO C 201 4.81 13.05 -11.45
N TRP C 202 3.53 13.40 -11.35
CA TRP C 202 3.08 14.36 -10.34
C TRP C 202 3.28 13.83 -8.93
N LEU C 203 3.13 12.53 -8.74
CA LEU C 203 3.11 12.00 -7.40
C LEU C 203 4.48 11.56 -6.92
N LYS C 204 5.51 11.67 -7.76
CA LYS C 204 6.87 11.33 -7.37
C LYS C 204 7.86 12.48 -7.42
N ILE C 205 7.45 13.68 -7.87
CA ILE C 205 8.43 14.75 -8.00
C ILE C 205 8.84 15.31 -6.65
N PHE C 206 8.05 15.10 -5.59
CA PHE C 206 8.36 15.74 -4.32
C PHE C 206 8.19 14.78 -3.15
N PRO C 207 8.95 14.99 -2.09
CA PRO C 207 8.78 14.12 -0.91
C PRO C 207 7.50 14.36 -0.15
N ASN C 208 6.77 15.45 -0.41
CA ASN C 208 5.45 15.58 0.19
C ASN C 208 4.55 14.45 -0.31
N LYS C 209 3.77 13.87 0.59
CA LYS C 209 3.24 12.50 0.42
C LYS C 209 2.00 12.49 -0.47
N THR C 210 2.19 13.02 -1.68
CA THR C 210 1.06 13.25 -2.57
C THR C 210 0.26 11.98 -2.84
N LEU C 211 0.94 10.88 -3.21
CA LEU C 211 0.20 9.69 -3.60
C LEU C 211 -0.68 9.20 -2.45
N GLU C 212 -0.10 9.06 -1.26
CA GLU C 212 -0.88 8.60 -0.12
C GLU C 212 -2.08 9.50 0.13
N LYS C 213 -1.90 10.81 -0.03
CA LYS C 213 -2.99 11.76 0.21
C LYS C 213 -4.09 11.66 -0.84
N LEU C 214 -3.73 11.50 -2.11
CA LEU C 214 -4.75 11.48 -3.15
C LEU C 214 -5.70 10.31 -2.96
N LYS C 215 -5.15 9.12 -2.69
CA LYS C 215 -5.99 7.95 -2.42
C LYS C 215 -6.97 8.22 -1.28
N SER C 216 -6.56 8.98 -0.27
CA SER C 216 -7.44 9.28 0.86
C SER C 216 -8.74 9.89 0.38
N HIS C 217 -8.64 11.02 -0.32
CA HIS C 217 -9.82 11.78 -0.70
C HIS C 217 -10.67 11.03 -1.72
N VAL C 218 -10.04 10.28 -2.63
CA VAL C 218 -10.80 9.49 -3.59
C VAL C 218 -11.57 8.38 -2.90
N LYS C 219 -11.01 7.80 -1.83
CA LYS C 219 -11.71 6.78 -1.08
C LYS C 219 -13.02 7.32 -0.51
N ILE C 220 -12.96 8.48 0.14
CA ILE C 220 -14.18 9.12 0.63
C ILE C 220 -15.16 9.35 -0.52
N ARG C 221 -14.69 9.98 -1.60
CA ARG C 221 -15.54 10.19 -2.77
C ARG C 221 -16.20 8.89 -3.19
N ASN C 222 -15.41 7.82 -3.32
CA ASN C 222 -15.94 6.55 -3.81
C ASN C 222 -16.88 5.90 -2.81
N ASP C 223 -16.52 5.89 -1.52
CA ASP C 223 -17.38 5.26 -0.52
C ASP C 223 -18.73 5.93 -0.47
N LEU C 224 -18.76 7.26 -0.58
CA LEU C 224 -20.02 8.01 -0.47
C LEU C 224 -20.91 7.73 -1.67
N LEU C 225 -20.38 7.88 -2.88
CA LEU C 225 -21.17 7.57 -4.06
C LEU C 225 -21.69 6.14 -4.01
N ASN C 226 -20.96 5.25 -3.35
CA ASN C 226 -21.38 3.85 -3.27
C ASN C 226 -22.57 3.68 -2.34
N LYS C 227 -22.57 4.39 -1.20
CA LYS C 227 -23.76 4.44 -0.37
C LYS C 227 -24.97 4.88 -1.19
N ILE C 228 -24.80 5.95 -1.97
CA ILE C 228 -25.89 6.52 -2.73
C ILE C 228 -26.38 5.57 -3.80
N LEU C 229 -25.50 4.77 -4.40
CA LEU C 229 -25.93 3.88 -5.48
C LEU C 229 -26.66 2.65 -4.96
N GLU C 230 -26.30 2.14 -3.79
CA GLU C 230 -27.04 1.01 -3.23
C GLU C 230 -28.42 1.43 -2.77
N ASN C 231 -28.50 2.55 -2.06
CA ASN C 231 -29.78 3.07 -1.59
C ASN C 231 -30.75 3.28 -2.74
N TYR C 232 -30.26 3.74 -3.88
CA TYR C 232 -31.13 4.05 -5.01
C TYR C 232 -31.68 2.80 -5.70
N LYS C 233 -31.09 1.63 -5.48
CA LYS C 233 -31.53 0.43 -6.17
C LYS C 233 -32.98 0.11 -5.82
N GLU C 234 -33.35 0.31 -4.56
CA GLU C 234 -34.74 0.10 -4.15
C GLU C 234 -35.68 1.04 -4.89
N LYS C 235 -35.28 2.31 -5.03
CA LYS C 235 -36.13 3.35 -5.60
C LYS C 235 -36.21 3.33 -7.13
N PHE C 236 -35.40 2.54 -7.82
CA PHE C 236 -35.33 2.66 -9.27
C PHE C 236 -36.59 2.13 -9.94
N ARG C 237 -37.20 2.96 -10.79
CA ARG C 237 -38.37 2.58 -11.58
C ARG C 237 -38.03 2.66 -13.06
N SER C 238 -38.23 1.56 -13.78
CA SER C 238 -38.05 1.58 -15.23
C SER C 238 -39.05 2.53 -15.88
N ASP C 239 -40.24 2.66 -15.31
CA ASP C 239 -41.29 3.51 -15.86
C ASP C 239 -41.05 4.99 -15.61
N SER C 240 -40.11 5.35 -14.73
CA SER C 240 -39.84 6.75 -14.39
C SER C 240 -38.34 6.98 -14.56
N ILE C 241 -37.99 7.75 -15.59
CA ILE C 241 -36.60 8.01 -15.94
C ILE C 241 -36.44 9.53 -15.90
N THR C 242 -35.77 10.04 -14.85
CA THR C 242 -35.74 11.47 -14.62
C THR C 242 -34.40 12.04 -14.17
N ASN C 243 -33.35 11.23 -14.07
CA ASN C 243 -32.03 11.75 -13.72
C ASN C 243 -30.98 10.86 -14.37
N MET C 244 -29.71 11.24 -14.21
CA MET C 244 -28.63 10.51 -14.85
C MET C 244 -28.55 9.07 -14.34
N LEU C 245 -28.67 8.89 -13.03
CA LEU C 245 -28.56 7.55 -12.47
C LEU C 245 -29.65 6.62 -12.99
N ASP C 246 -30.83 7.15 -13.29
CA ASP C 246 -31.86 6.37 -13.95
C ASP C 246 -31.41 5.93 -15.34
N THR C 247 -30.99 6.90 -16.16
CA THR C 247 -30.55 6.61 -17.52
C THR C 247 -29.47 5.54 -17.55
N LEU C 248 -28.54 5.57 -16.60
CA LEU C 248 -27.46 4.60 -16.60
C LEU C 248 -27.95 3.21 -16.21
N MET C 249 -28.82 3.14 -15.19
CA MET C 249 -29.35 1.85 -14.75
C MET C 249 -30.35 1.30 -15.76
N GLN C 250 -31.14 2.16 -16.39
CA GLN C 250 -31.98 1.71 -17.49
C GLN C 250 -31.13 1.06 -18.57
N ALA C 251 -30.04 1.73 -18.95
CA ALA C 251 -29.11 1.18 -19.92
C ALA C 251 -28.60 -0.20 -19.47
N LYS C 252 -28.23 -0.33 -18.19
CA LYS C 252 -27.73 -1.61 -17.71
C LYS C 252 -28.79 -2.69 -17.83
N MET C 253 -30.07 -2.33 -17.68
CA MET C 253 -31.14 -3.30 -17.83
C MET C 253 -31.29 -3.74 -19.28
N ASN C 254 -31.64 -2.81 -20.18
CA ASN C 254 -31.80 -3.13 -21.59
C ASN C 254 -30.58 -3.83 -22.17
N SER C 255 -29.43 -3.70 -21.51
CA SER C 255 -28.24 -4.44 -21.94
C SER C 255 -28.36 -5.91 -21.60
N ASP C 256 -28.86 -6.22 -20.41
CA ASP C 256 -29.05 -7.58 -19.92
C ASP C 256 -30.33 -8.18 -20.45
N ASN C 257 -31.34 -7.34 -20.63
CA ASN C 257 -32.61 -7.69 -21.21
C ASN C 257 -32.44 -8.13 -22.67
N GLY C 258 -33.41 -8.96 -23.07
CA GLY C 258 -33.64 -9.33 -24.44
C GLY C 258 -32.88 -10.59 -24.85
N ASN C 259 -33.25 -11.10 -26.02
CA ASN C 259 -32.73 -12.35 -26.54
C ASN C 259 -31.47 -12.10 -27.36
N ALA C 260 -30.59 -13.09 -27.37
CA ALA C 260 -29.17 -12.95 -27.65
C ALA C 260 -28.45 -12.44 -26.41
N GLY C 261 -29.18 -12.21 -25.31
CA GLY C 261 -28.59 -11.91 -24.04
C GLY C 261 -27.95 -10.54 -23.98
N PRO C 262 -26.96 -10.39 -23.11
CA PRO C 262 -26.25 -9.11 -22.99
C PRO C 262 -25.51 -8.75 -24.27
N ASP C 263 -25.61 -7.49 -24.67
CA ASP C 263 -24.92 -6.96 -25.84
C ASP C 263 -23.56 -6.38 -25.38
N GLN C 264 -22.91 -5.65 -26.27
CA GLN C 264 -21.62 -5.03 -25.98
C GLN C 264 -21.63 -4.20 -24.69
N ASP C 265 -22.77 -3.64 -24.30
CA ASP C 265 -22.85 -2.64 -23.25
C ASP C 265 -22.89 -3.16 -21.81
N SER C 266 -22.96 -4.49 -21.60
CA SER C 266 -23.20 -4.95 -20.24
C SER C 266 -21.96 -4.80 -19.36
N GLU C 267 -20.80 -5.27 -19.84
CA GLU C 267 -19.57 -5.15 -19.06
C GLU C 267 -19.19 -3.71 -18.79
N LEU C 268 -19.73 -2.77 -19.57
CA LEU C 268 -19.39 -1.37 -19.51
C LEU C 268 -20.24 -0.61 -18.50
N LEU C 269 -21.26 -1.25 -17.94
CA LEU C 269 -22.21 -0.60 -17.05
C LEU C 269 -22.21 -1.29 -15.69
N SER C 270 -21.06 -1.78 -15.27
CA SER C 270 -20.93 -2.24 -13.90
C SER C 270 -21.21 -1.05 -12.99
N ASP C 271 -21.33 -1.34 -11.70
CA ASP C 271 -21.63 -0.25 -10.77
C ASP C 271 -20.42 0.65 -10.60
N ASN C 272 -19.21 0.14 -10.86
CA ASN C 272 -18.01 0.99 -10.84
C ASN C 272 -17.95 1.91 -12.05
N HIS C 273 -18.39 1.44 -13.22
CA HIS C 273 -18.42 2.31 -14.39
C HIS C 273 -19.45 3.42 -14.21
N ILE C 274 -20.60 3.07 -13.63
CA ILE C 274 -21.65 4.05 -13.36
C ILE C 274 -21.22 5.03 -12.28
N LEU C 275 -20.58 4.52 -11.24
CA LEU C 275 -20.11 5.36 -10.15
C LEU C 275 -19.18 6.47 -10.66
N THR C 276 -18.11 6.08 -11.38
CA THR C 276 -17.09 7.06 -11.75
C THR C 276 -17.62 8.09 -12.73
N THR C 277 -18.54 7.71 -13.62
CA THR C 277 -19.13 8.68 -14.53
C THR C 277 -19.84 9.79 -13.76
N ILE C 278 -20.66 9.42 -12.78
CA ILE C 278 -21.30 10.42 -11.94
C ILE C 278 -20.23 11.27 -11.25
N GLY C 279 -19.16 10.63 -10.79
CA GLY C 279 -18.10 11.34 -10.10
C GLY C 279 -17.37 12.33 -10.99
N ASP C 280 -17.39 12.10 -12.31
CA ASP C 280 -16.76 13.05 -13.22
C ASP C 280 -17.65 14.27 -13.43
N ILE C 281 -18.96 14.04 -13.44
CA ILE C 281 -19.93 15.13 -13.49
C ILE C 281 -19.81 16.01 -12.25
N PHE C 282 -19.98 15.41 -11.07
CA PHE C 282 -19.85 16.16 -9.83
C PHE C 282 -18.50 16.86 -9.75
N GLY C 283 -17.42 16.12 -9.92
CA GLY C 283 -16.10 16.68 -9.71
C GLY C 283 -15.79 17.80 -10.68
N ALA C 284 -16.07 17.59 -11.96
CA ALA C 284 -15.81 18.61 -12.96
C ALA C 284 -16.75 19.80 -12.77
N GLY C 285 -18.06 19.54 -12.76
CA GLY C 285 -19.02 20.63 -12.76
C GLY C 285 -18.87 21.58 -11.60
N VAL C 286 -18.68 21.05 -10.39
CA VAL C 286 -18.84 21.88 -9.19
C VAL C 286 -17.69 22.87 -9.08
N GLU C 287 -16.44 22.39 -9.06
CA GLU C 287 -15.32 23.29 -8.79
C GLU C 287 -15.06 24.27 -9.93
N THR C 288 -15.34 23.89 -11.18
CA THR C 288 -15.05 24.80 -12.28
C THR C 288 -16.08 25.92 -12.37
N THR C 289 -17.37 25.58 -12.33
CA THR C 289 -18.40 26.61 -12.33
C THR C 289 -18.22 27.55 -11.14
N THR C 290 -18.00 26.99 -9.95
CA THR C 290 -17.74 27.83 -8.78
C THR C 290 -16.53 28.72 -9.02
N SER C 291 -15.51 28.18 -9.69
CA SER C 291 -14.28 28.96 -9.92
C SER C 291 -14.53 30.11 -10.89
N VAL C 292 -15.29 29.88 -11.96
CA VAL C 292 -15.58 30.97 -12.89
C VAL C 292 -16.29 32.10 -12.17
N VAL C 293 -17.30 31.75 -11.37
CA VAL C 293 -18.04 32.77 -10.62
C VAL C 293 -17.10 33.57 -9.73
N LYS C 294 -16.27 32.87 -8.96
CA LYS C 294 -15.32 33.56 -8.10
C LYS C 294 -14.39 34.42 -8.95
N TRP C 295 -14.08 33.98 -10.16
CA TRP C 295 -13.20 34.75 -11.05
C TRP C 295 -13.89 36.01 -11.54
N THR C 296 -15.20 35.95 -11.78
CA THR C 296 -15.90 37.11 -12.32
C THR C 296 -16.09 38.20 -11.26
N LEU C 297 -16.47 37.83 -10.05
CA LEU C 297 -16.58 38.84 -8.99
C LEU C 297 -15.23 39.52 -8.78
N ALA C 298 -14.15 38.74 -8.82
CA ALA C 298 -12.81 39.29 -8.70
C ALA C 298 -12.58 40.39 -9.73
N PHE C 299 -12.99 40.16 -10.98
CA PHE C 299 -12.71 41.13 -12.04
C PHE C 299 -13.59 42.37 -11.90
N LEU C 300 -14.85 42.21 -11.46
CA LEU C 300 -15.71 43.36 -11.25
C LEU C 300 -15.27 44.20 -10.06
N LEU C 301 -14.61 43.59 -9.07
CA LEU C 301 -14.06 44.36 -7.96
C LEU C 301 -12.86 45.18 -8.42
N HIS C 302 -12.17 44.73 -9.46
CA HIS C 302 -11.08 45.48 -10.05
C HIS C 302 -11.57 46.51 -11.05
N ASN C 303 -12.79 46.36 -11.56
CA ASN C 303 -13.31 47.20 -12.63
C ASN C 303 -14.69 47.72 -12.25
N PRO C 304 -14.76 48.63 -11.29
CA PRO C 304 -16.08 49.16 -10.90
C PRO C 304 -16.79 49.86 -12.04
N GLN C 305 -16.06 50.36 -13.03
CA GLN C 305 -16.68 50.98 -14.19
C GLN C 305 -17.59 49.99 -14.92
N VAL C 306 -17.09 48.77 -15.16
CA VAL C 306 -17.93 47.74 -15.77
C VAL C 306 -19.04 47.31 -14.82
N LYS C 307 -18.70 47.16 -13.53
CA LYS C 307 -19.72 46.78 -12.56
C LYS C 307 -20.90 47.73 -12.65
N LYS C 308 -20.61 49.03 -12.70
CA LYS C 308 -21.66 50.04 -12.76
C LYS C 308 -22.57 49.82 -13.97
N LYS C 309 -21.98 49.73 -15.18
CA LYS C 309 -22.82 49.55 -16.36
C LYS C 309 -23.63 48.25 -16.28
N LEU C 310 -23.17 47.28 -15.51
CA LEU C 310 -23.89 46.02 -15.38
C LEU C 310 -25.10 46.16 -14.46
N TYR C 311 -24.98 46.98 -13.41
CA TYR C 311 -26.13 47.30 -12.57
C TYR C 311 -27.17 48.09 -13.36
N GLU C 312 -26.73 49.16 -14.03
CA GLU C 312 -27.64 50.00 -14.80
C GLU C 312 -28.41 49.17 -15.82
N GLU C 313 -27.71 48.26 -16.50
CA GLU C 313 -28.34 47.45 -17.54
C GLU C 313 -29.42 46.54 -16.96
N ILE C 314 -29.18 45.96 -15.78
CA ILE C 314 -30.09 44.96 -15.26
C ILE C 314 -31.32 45.62 -14.66
N ASP C 315 -31.17 46.81 -14.08
CA ASP C 315 -32.34 47.55 -13.60
C ASP C 315 -33.20 48.01 -14.76
N GLN C 316 -32.57 48.45 -15.86
CA GLN C 316 -33.29 48.96 -17.00
C GLN C 316 -34.04 47.85 -17.74
N ASN C 317 -33.51 46.63 -17.72
CA ASN C 317 -34.03 45.54 -18.56
C ASN C 317 -34.79 44.48 -17.79
N VAL C 318 -34.67 44.42 -16.47
CA VAL C 318 -35.40 43.44 -15.67
C VAL C 318 -36.15 44.17 -14.57
N GLY C 319 -35.50 45.12 -13.93
CA GLY C 319 -36.14 45.82 -12.84
C GLY C 319 -36.06 45.00 -11.55
N PHE C 320 -37.07 45.18 -10.70
CA PHE C 320 -37.14 44.47 -9.44
C PHE C 320 -38.50 43.80 -9.22
N SER C 321 -39.41 43.86 -10.20
CA SER C 321 -40.69 43.21 -10.06
C SER C 321 -40.59 41.69 -10.18
N ARG C 322 -39.51 41.17 -10.75
CA ARG C 322 -39.36 39.74 -10.93
C ARG C 322 -37.89 39.37 -10.80
N THR C 323 -37.63 38.04 -10.82
CA THR C 323 -36.28 37.52 -10.81
C THR C 323 -35.81 37.21 -12.23
N PRO C 324 -34.50 37.22 -12.48
CA PRO C 324 -34.00 36.94 -13.82
C PRO C 324 -34.42 35.60 -14.37
N THR C 325 -34.43 35.52 -15.70
CA THR C 325 -34.86 34.35 -16.46
C THR C 325 -33.88 34.15 -17.60
N ILE C 326 -33.73 32.90 -18.05
CA ILE C 326 -32.88 32.65 -19.22
C ILE C 326 -33.30 33.57 -20.37
N SER C 327 -34.61 33.78 -20.51
CA SER C 327 -35.12 34.72 -21.50
C SER C 327 -34.38 36.06 -21.46
N ASP C 328 -33.84 36.44 -20.30
CA ASP C 328 -33.15 37.71 -20.16
C ASP C 328 -31.76 37.70 -20.77
N ARG C 329 -31.30 36.57 -21.30
CA ARG C 329 -30.03 36.55 -22.02
C ARG C 329 -30.04 37.51 -23.20
N ASN C 330 -31.21 37.74 -23.79
CA ASN C 330 -31.30 38.51 -25.02
C ASN C 330 -31.22 40.01 -24.77
N ARG C 331 -31.63 40.48 -23.59
CA ARG C 331 -31.54 41.90 -23.27
C ARG C 331 -30.27 42.24 -22.47
N LEU C 332 -29.83 41.35 -21.58
CA LEU C 332 -28.66 41.59 -20.75
C LEU C 332 -27.41 41.16 -21.51
N LEU C 333 -26.99 42.01 -22.45
CA LEU C 333 -25.89 41.63 -23.33
C LEU C 333 -24.55 41.85 -22.65
N LEU C 334 -24.37 42.99 -21.98
CA LEU C 334 -23.10 43.24 -21.31
C LEU C 334 -22.75 42.14 -20.33
N LEU C 335 -23.76 41.52 -19.71
CA LEU C 335 -23.48 40.43 -18.78
C LEU C 335 -22.96 39.20 -19.52
N GLU C 336 -23.62 38.80 -20.62
CA GLU C 336 -23.11 37.67 -21.39
C GLU C 336 -21.70 37.95 -21.90
N ALA C 337 -21.41 39.20 -22.25
CA ALA C 337 -20.07 39.55 -22.71
C ALA C 337 -19.05 39.46 -21.58
N THR C 338 -19.42 39.93 -20.38
CA THR C 338 -18.50 39.85 -19.25
C THR C 338 -18.18 38.39 -18.94
N ILE C 339 -19.16 37.51 -19.06
CA ILE C 339 -18.92 36.08 -18.86
C ILE C 339 -18.02 35.55 -19.98
N ARG C 340 -18.24 35.99 -21.22
CA ARG C 340 -17.37 35.57 -22.32
C ARG C 340 -15.94 36.04 -22.10
N GLU C 341 -15.77 37.25 -21.56
CA GLU C 341 -14.45 37.84 -21.40
C GLU C 341 -13.69 37.27 -20.22
N VAL C 342 -14.38 36.73 -19.22
CA VAL C 342 -13.68 36.07 -18.12
C VAL C 342 -13.21 34.69 -18.57
N LEU C 343 -14.01 34.00 -19.37
CA LEU C 343 -13.59 32.73 -19.94
C LEU C 343 -12.49 32.92 -20.97
N ARG C 344 -12.29 34.13 -21.48
CA ARG C 344 -11.16 34.41 -22.36
C ARG C 344 -9.89 34.70 -21.55
N LEU C 345 -9.94 35.74 -20.71
CA LEU C 345 -8.75 36.15 -19.98
C LEU C 345 -8.28 35.08 -19.00
N ARG C 346 -9.20 34.26 -18.50
CA ARG C 346 -8.89 33.27 -17.47
C ARG C 346 -9.65 31.99 -17.75
N PRO C 347 -9.27 31.25 -18.78
CA PRO C 347 -9.93 29.97 -19.03
C PRO C 347 -9.72 29.03 -17.86
N VAL C 348 -10.81 28.53 -17.30
CA VAL C 348 -10.69 27.62 -16.17
C VAL C 348 -9.88 26.38 -16.55
N ALA C 349 -9.76 26.08 -17.84
CA ALA C 349 -8.97 24.96 -18.34
C ALA C 349 -7.93 25.51 -19.31
N PRO C 350 -6.86 26.15 -18.81
CA PRO C 350 -5.93 26.86 -19.71
C PRO C 350 -5.20 25.96 -20.70
N MET C 351 -5.29 24.64 -20.55
CA MET C 351 -4.72 23.72 -21.52
C MET C 351 -5.63 22.53 -21.75
N LEU C 352 -6.93 22.76 -21.66
CA LEU C 352 -7.94 21.71 -21.87
C LEU C 352 -7.60 20.52 -21.01
N ILE C 353 -7.98 19.35 -21.51
CA ILE C 353 -7.47 18.06 -21.05
C ILE C 353 -6.55 17.53 -22.15
N PRO C 354 -5.48 16.81 -21.81
CA PRO C 354 -4.60 16.27 -22.86
C PRO C 354 -5.35 15.34 -23.82
N HIS C 355 -5.13 15.56 -25.11
CA HIS C 355 -5.51 14.61 -26.15
C HIS C 355 -4.35 13.67 -26.47
N LYS C 356 -4.65 12.60 -27.18
CA LYS C 356 -3.66 11.63 -27.58
C LYS C 356 -3.92 11.20 -29.02
N ALA C 357 -2.85 10.92 -29.76
CA ALA C 357 -2.95 10.50 -31.15
C ALA C 357 -3.37 9.03 -31.22
N ASN C 358 -4.56 8.77 -31.74
CA ASN C 358 -5.04 7.40 -31.83
C ASN C 358 -4.35 6.64 -32.96
N VAL C 359 -3.86 7.34 -33.98
CA VAL C 359 -3.28 6.74 -35.17
C VAL C 359 -2.27 7.73 -35.73
N ASP C 360 -1.28 7.22 -36.48
CA ASP C 360 -0.38 8.12 -37.18
C ASP C 360 -1.20 9.17 -37.91
N SER C 361 -0.74 10.41 -37.86
CA SER C 361 -1.56 11.53 -38.32
C SER C 361 -0.65 12.74 -38.51
N SER C 362 -1.27 13.91 -38.70
CA SER C 362 -0.51 15.12 -38.95
C SER C 362 -1.24 16.31 -38.35
N ILE C 363 -0.48 17.31 -37.92
CA ILE C 363 -1.02 18.61 -37.56
C ILE C 363 -0.34 19.66 -38.43
N GLY C 364 -1.08 20.18 -39.41
CA GLY C 364 -0.61 21.31 -40.20
C GLY C 364 0.75 21.19 -40.86
N GLU C 365 1.09 20.02 -41.39
CA GLU C 365 2.33 19.73 -42.13
C GLU C 365 3.26 18.76 -41.42
N PHE C 366 3.14 18.66 -40.10
CA PHE C 366 4.07 17.88 -39.30
C PHE C 366 3.47 16.51 -39.00
N ALA C 367 4.31 15.49 -39.00
CA ALA C 367 3.87 14.15 -38.69
C ALA C 367 3.75 13.97 -37.19
N VAL C 368 2.79 13.14 -36.77
CA VAL C 368 2.51 12.95 -35.35
C VAL C 368 2.23 11.46 -35.15
N ASP C 369 3.14 10.79 -34.45
CA ASP C 369 3.01 9.35 -34.29
C ASP C 369 1.89 9.00 -33.32
N LYS C 370 1.32 7.81 -33.54
CA LYS C 370 0.36 7.23 -32.61
C LYS C 370 0.86 7.30 -31.18
N GLY C 371 -0.05 7.58 -30.26
CA GLY C 371 0.27 7.59 -28.85
C GLY C 371 0.93 8.86 -28.36
N THR C 372 0.82 9.94 -29.11
CA THR C 372 1.55 11.17 -28.82
C THR C 372 0.63 12.15 -28.09
N GLU C 373 1.05 12.57 -26.91
CA GLU C 373 0.31 13.56 -26.14
C GLU C 373 0.26 14.88 -26.89
N VAL C 374 -0.95 15.32 -27.25
CA VAL C 374 -1.15 16.60 -27.89
C VAL C 374 -1.87 17.50 -26.90
N ILE C 375 -1.38 18.73 -26.75
CA ILE C 375 -1.89 19.67 -25.76
C ILE C 375 -2.18 20.98 -26.47
N ILE C 376 -3.40 21.47 -26.34
CA ILE C 376 -3.76 22.78 -26.87
C ILE C 376 -3.51 23.81 -25.77
N ASN C 377 -2.73 24.83 -26.09
CA ASN C 377 -2.41 25.88 -25.12
C ASN C 377 -3.44 26.99 -25.27
N LEU C 378 -4.65 26.69 -24.78
CA LEU C 378 -5.76 27.61 -24.87
C LEU C 378 -5.38 29.00 -24.39
N TRP C 379 -4.51 29.09 -23.38
CA TRP C 379 -4.03 30.39 -22.94
C TRP C 379 -3.41 31.17 -24.10
N ALA C 380 -2.68 30.47 -24.97
CA ALA C 380 -2.06 31.13 -26.11
C ALA C 380 -3.09 31.60 -27.12
N LEU C 381 -4.12 30.80 -27.39
CA LEU C 381 -5.15 31.19 -28.34
C LEU C 381 -5.87 32.45 -27.86
N HIS C 382 -6.03 32.59 -26.54
CA HIS C 382 -6.82 33.67 -25.95
C HIS C 382 -6.01 34.93 -25.67
N HIS C 383 -4.69 34.90 -25.85
CA HIS C 383 -3.84 36.08 -25.68
C HIS C 383 -3.06 36.37 -26.95
N ASN C 384 -3.40 35.71 -28.06
CA ASN C 384 -2.76 35.96 -29.34
C ASN C 384 -2.88 37.44 -29.72
N GLU C 385 -1.74 38.11 -29.86
CA GLU C 385 -1.73 39.55 -30.12
C GLU C 385 -2.45 39.88 -31.42
N LYS C 386 -2.30 39.02 -32.43
CA LYS C 386 -2.86 39.32 -33.75
C LYS C 386 -4.35 39.03 -33.81
N GLU C 387 -4.82 38.06 -33.03
CA GLU C 387 -6.22 37.68 -33.01
C GLU C 387 -7.04 38.45 -31.98
N TRP C 388 -6.40 39.18 -31.06
CA TRP C 388 -7.10 39.91 -30.01
C TRP C 388 -6.48 41.29 -29.83
N HIS C 389 -7.33 42.31 -29.73
CA HIS C 389 -6.87 43.67 -29.49
C HIS C 389 -6.65 43.91 -28.01
N GLN C 390 -5.43 44.29 -27.64
CA GLN C 390 -5.04 44.46 -26.24
C GLN C 390 -5.43 43.22 -25.46
N PRO C 391 -4.88 42.05 -25.80
CA PRO C 391 -5.38 40.79 -25.24
C PRO C 391 -5.16 40.68 -23.75
N ASP C 392 -4.13 41.34 -23.21
CA ASP C 392 -3.82 41.23 -21.79
C ASP C 392 -4.75 42.07 -20.93
N GLN C 393 -5.74 42.74 -21.52
CA GLN C 393 -6.62 43.63 -20.78
C GLN C 393 -8.07 43.17 -20.85
N PHE C 394 -8.80 43.50 -19.78
CA PHE C 394 -10.19 43.11 -19.58
C PHE C 394 -11.12 44.12 -20.23
N MET C 395 -11.71 43.75 -21.38
CA MET C 395 -12.61 44.63 -22.12
C MET C 395 -13.80 43.82 -22.63
N PRO C 396 -14.86 43.70 -21.82
CA PRO C 396 -16.06 43.01 -22.30
C PRO C 396 -16.69 43.72 -23.49
N GLU C 397 -16.40 45.00 -23.67
CA GLU C 397 -16.83 45.73 -24.85
C GLU C 397 -16.49 44.95 -26.12
N ARG C 398 -15.42 44.15 -26.08
CA ARG C 398 -14.86 43.53 -27.27
C ARG C 398 -15.78 42.46 -27.87
N PHE C 399 -16.80 42.00 -27.13
CA PHE C 399 -17.75 41.02 -27.65
C PHE C 399 -19.07 41.65 -28.07
N LEU C 400 -19.09 42.97 -28.31
CA LEU C 400 -20.28 43.67 -28.75
C LEU C 400 -19.96 44.58 -29.92
N ASN C 401 -20.96 44.80 -30.78
CA ASN C 401 -20.86 45.85 -31.76
C ASN C 401 -20.71 47.20 -31.05
N PRO C 402 -20.28 48.24 -31.77
CA PRO C 402 -20.04 49.53 -31.12
C PRO C 402 -21.28 50.15 -30.49
N ALA C 403 -22.48 49.78 -30.95
CA ALA C 403 -23.69 50.31 -30.34
C ALA C 403 -23.89 49.75 -28.93
N GLY C 404 -23.81 48.43 -28.79
CA GLY C 404 -24.04 47.76 -27.53
C GLY C 404 -25.37 47.04 -27.52
N THR C 405 -25.78 46.56 -28.70
CA THR C 405 -27.14 46.08 -28.89
C THR C 405 -27.22 44.65 -29.43
N GLN C 406 -26.10 44.02 -29.76
CA GLN C 406 -26.09 42.59 -29.97
C GLN C 406 -24.67 42.05 -29.86
N LEU C 407 -24.57 40.75 -29.63
CA LEU C 407 -23.31 40.08 -29.34
C LEU C 407 -22.62 39.60 -30.62
N ILE C 408 -21.30 39.62 -30.59
CA ILE C 408 -20.46 39.26 -31.73
C ILE C 408 -19.38 38.31 -31.24
N SER C 409 -18.65 37.73 -32.20
CA SER C 409 -17.51 36.85 -31.92
C SER C 409 -16.29 37.45 -32.61
N PRO C 410 -15.63 38.40 -31.96
CA PRO C 410 -14.60 39.20 -32.65
C PRO C 410 -13.42 38.39 -33.14
N SER C 411 -13.24 37.17 -32.65
CA SER C 411 -12.13 36.35 -33.06
C SER C 411 -12.53 34.89 -32.96
N VAL C 412 -11.91 34.06 -33.80
CA VAL C 412 -12.17 32.63 -33.79
C VAL C 412 -11.20 31.89 -32.88
N SER C 413 -10.17 32.58 -32.37
CA SER C 413 -9.22 32.00 -31.43
C SER C 413 -9.79 32.02 -30.01
N TYR C 414 -10.93 31.35 -29.85
CA TYR C 414 -11.67 31.38 -28.59
C TYR C 414 -12.45 30.07 -28.46
N LEU C 415 -11.95 29.14 -27.63
CA LEU C 415 -12.60 27.86 -27.39
C LEU C 415 -12.57 27.52 -25.90
N PRO C 416 -13.35 28.23 -25.08
CA PRO C 416 -13.32 27.95 -23.63
C PRO C 416 -13.81 26.57 -23.26
N PHE C 417 -14.83 26.05 -23.97
CA PHE C 417 -15.35 24.72 -23.70
C PHE C 417 -14.75 23.69 -24.66
N GLY C 418 -13.66 24.05 -25.33
CA GLY C 418 -13.02 23.14 -26.26
C GLY C 418 -13.91 22.95 -27.48
N ALA C 419 -13.62 21.89 -28.21
CA ALA C 419 -14.41 21.57 -29.39
C ALA C 419 -14.16 20.13 -29.79
N GLY C 420 -14.98 19.67 -30.74
CA GLY C 420 -14.82 18.35 -31.31
C GLY C 420 -15.42 17.23 -30.50
N PRO C 421 -15.00 15.99 -30.81
CA PRO C 421 -15.51 14.82 -30.09
C PRO C 421 -15.27 14.83 -28.58
N ARG C 422 -14.42 15.72 -28.08
CA ARG C 422 -14.05 15.72 -26.67
C ARG C 422 -14.45 17.03 -26.00
N SER C 423 -15.36 17.78 -26.62
CA SER C 423 -15.79 19.05 -26.06
C SER C 423 -16.60 18.84 -24.78
N CYS C 424 -16.66 19.90 -23.98
CA CYS C 424 -17.49 19.93 -22.79
C CYS C 424 -18.91 19.44 -23.09
N ILE C 425 -19.41 18.53 -22.26
CA ILE C 425 -20.80 18.10 -22.37
C ILE C 425 -21.73 18.93 -21.50
N GLY C 426 -21.19 19.65 -20.51
CA GLY C 426 -22.00 20.48 -19.64
C GLY C 426 -21.92 21.94 -20.02
N GLU C 427 -21.61 22.20 -21.29
CA GLU C 427 -21.48 23.59 -21.74
C GLU C 427 -22.79 24.34 -21.54
N ILE C 428 -23.90 23.75 -21.99
CA ILE C 428 -25.20 24.40 -21.83
C ILE C 428 -25.47 24.70 -20.36
N LEU C 429 -25.38 23.66 -19.54
CA LEU C 429 -25.66 23.82 -18.11
C LEU C 429 -24.82 24.94 -17.51
N ALA C 430 -23.51 24.92 -17.78
CA ALA C 430 -22.63 25.94 -17.20
C ALA C 430 -23.01 27.33 -17.68
N ARG C 431 -23.32 27.47 -18.98
CA ARG C 431 -23.62 28.79 -19.51
C ARG C 431 -24.88 29.38 -18.88
N GLN C 432 -25.84 28.52 -18.50
CA GLN C 432 -27.04 28.99 -17.81
C GLN C 432 -26.74 29.36 -16.36
N GLU C 433 -26.21 28.39 -15.60
CA GLU C 433 -25.82 28.61 -14.21
C GLU C 433 -25.04 29.92 -14.04
N LEU C 434 -24.06 30.16 -14.92
CA LEU C 434 -23.19 31.32 -14.76
C LEU C 434 -23.94 32.61 -15.04
N PHE C 435 -24.78 32.62 -16.06
CA PHE C 435 -25.58 33.81 -16.34
C PHE C 435 -26.55 34.09 -15.19
N LEU C 436 -27.31 33.08 -14.78
CA LEU C 436 -28.33 33.29 -13.77
C LEU C 436 -27.75 33.77 -12.46
N ILE C 437 -26.78 33.04 -11.89
CA ILE C 437 -26.15 33.48 -10.66
C ILE C 437 -25.84 34.96 -10.74
N MET C 438 -25.09 35.36 -11.78
CA MET C 438 -24.57 36.72 -11.83
C MET C 438 -25.69 37.74 -11.94
N ALA C 439 -26.77 37.42 -12.65
CA ALA C 439 -27.93 38.31 -12.69
C ALA C 439 -28.54 38.44 -11.30
N TRP C 440 -29.00 37.31 -10.75
CA TRP C 440 -29.61 37.31 -9.42
C TRP C 440 -28.76 38.05 -8.40
N LEU C 441 -27.44 37.96 -8.52
CA LEU C 441 -26.56 38.62 -7.57
C LEU C 441 -26.53 40.12 -7.79
N LEU C 442 -26.43 40.56 -9.06
CA LEU C 442 -26.37 41.98 -9.35
C LEU C 442 -27.68 42.69 -9.06
N GLN C 443 -28.82 42.01 -9.29
CA GLN C 443 -30.10 42.57 -8.87
C GLN C 443 -30.11 42.87 -7.38
N ARG C 444 -29.87 41.84 -6.58
CA ARG C 444 -30.04 41.94 -5.13
C ARG C 444 -28.96 42.79 -4.48
N PHE C 445 -27.69 42.55 -4.82
CA PHE C 445 -26.59 42.91 -3.93
C PHE C 445 -25.67 43.97 -4.52
N ASP C 446 -25.26 44.91 -3.67
CA ASP C 446 -24.07 45.71 -3.90
C ASP C 446 -22.84 44.92 -3.50
N LEU C 447 -21.81 44.95 -4.35
CA LEU C 447 -20.63 44.12 -4.17
C LEU C 447 -19.38 44.99 -4.29
N GLU C 448 -18.62 45.11 -3.20
CA GLU C 448 -17.55 46.09 -3.14
C GLU C 448 -16.34 45.50 -2.42
N VAL C 449 -15.22 46.21 -2.55
CA VAL C 449 -13.98 45.82 -1.88
C VAL C 449 -14.16 45.94 -0.37
N PRO C 450 -13.67 45.00 0.43
CA PRO C 450 -13.81 45.13 1.89
C PRO C 450 -13.10 46.37 2.41
N ASP C 451 -13.30 46.62 3.71
CA ASP C 451 -12.87 47.87 4.32
C ASP C 451 -11.36 47.91 4.52
N ASP C 452 -10.71 46.76 4.65
CA ASP C 452 -9.25 46.76 4.66
C ASP C 452 -8.70 47.19 3.30
N GLY C 453 -9.55 47.19 2.27
CA GLY C 453 -9.22 47.73 0.99
C GLY C 453 -8.40 46.83 0.10
N GLN C 454 -8.24 45.56 0.47
CA GLN C 454 -7.41 44.66 -0.32
C GLN C 454 -8.20 44.08 -1.49
N LEU C 455 -7.50 43.89 -2.60
CA LEU C 455 -8.07 43.39 -3.84
C LEU C 455 -7.69 41.93 -4.07
N PRO C 456 -8.57 41.14 -4.68
CA PRO C 456 -8.22 39.75 -4.98
C PRO C 456 -7.10 39.68 -6.01
N SER C 457 -6.34 38.59 -5.94
CA SER C 457 -5.25 38.37 -6.87
C SER C 457 -5.77 37.71 -8.14
N LEU C 458 -5.60 38.40 -9.26
CA LEU C 458 -5.95 37.87 -10.57
C LEU C 458 -4.86 36.97 -11.13
N GLU C 459 -3.76 36.79 -10.40
CA GLU C 459 -2.69 35.92 -10.84
C GLU C 459 -3.20 34.49 -11.01
N GLY C 460 -3.87 33.97 -9.99
CA GLY C 460 -4.47 32.66 -10.06
C GLY C 460 -3.49 31.56 -9.69
N ILE C 461 -4.03 30.35 -9.68
CA ILE C 461 -3.30 29.17 -9.21
C ILE C 461 -3.71 27.99 -10.10
N PRO C 462 -2.85 27.53 -11.01
CA PRO C 462 -3.27 26.46 -11.93
C PRO C 462 -3.20 25.10 -11.26
N LYS C 463 -4.34 24.43 -11.19
CA LYS C 463 -4.40 23.01 -10.84
C LYS C 463 -5.20 22.35 -11.96
N VAL C 464 -5.79 21.19 -11.67
CA VAL C 464 -6.72 20.57 -12.61
C VAL C 464 -7.84 21.54 -12.98
N VAL C 465 -8.10 22.52 -12.11
CA VAL C 465 -8.95 23.67 -12.42
C VAL C 465 -8.11 24.92 -12.20
N PHE C 466 -8.34 25.95 -13.00
CA PHE C 466 -7.60 27.20 -12.84
C PHE C 466 -8.27 28.00 -11.73
N LEU C 467 -7.70 27.92 -10.53
CA LEU C 467 -8.31 28.47 -9.33
C LEU C 467 -7.79 29.86 -9.05
N ILE C 468 -8.55 30.60 -8.25
CA ILE C 468 -8.19 31.92 -7.77
C ILE C 468 -8.04 31.87 -6.25
N ASP C 469 -7.02 32.56 -5.73
CA ASP C 469 -6.85 32.67 -4.29
C ASP C 469 -8.14 33.12 -3.64
N SER C 470 -8.43 32.55 -2.47
CA SER C 470 -9.63 32.98 -1.75
C SER C 470 -9.50 34.44 -1.36
N PHE C 471 -10.62 35.15 -1.42
CA PHE C 471 -10.66 36.58 -1.19
C PHE C 471 -12.03 36.93 -0.62
N LYS C 472 -12.12 38.11 -0.03
CA LYS C 472 -13.37 38.53 0.59
C LYS C 472 -13.99 39.69 -0.17
N VAL C 473 -15.31 39.83 0.00
CA VAL C 473 -16.09 40.87 -0.66
C VAL C 473 -17.11 41.42 0.33
N LYS C 474 -17.13 42.75 0.48
CA LYS C 474 -18.19 43.41 1.22
C LYS C 474 -19.48 43.35 0.42
N ILE C 475 -20.57 42.90 1.04
CA ILE C 475 -21.83 42.68 0.36
C ILE C 475 -22.95 43.37 1.14
N LYS C 476 -23.58 44.36 0.52
CA LYS C 476 -24.74 45.05 1.08
C LYS C 476 -25.93 44.81 0.16
N VAL C 477 -27.10 44.54 0.74
CA VAL C 477 -28.31 44.51 -0.05
C VAL C 477 -28.51 45.88 -0.67
N ARG C 478 -29.08 45.92 -1.86
CA ARG C 478 -29.16 47.16 -2.61
C ARG C 478 -30.30 48.02 -2.08
N GLN C 479 -30.06 49.33 -2.01
CA GLN C 479 -31.13 50.27 -1.68
C GLN C 479 -32.34 50.02 -2.55
N ALA C 480 -32.11 49.95 -3.87
CA ALA C 480 -33.22 49.80 -4.82
C ALA C 480 -34.00 48.52 -4.57
N TRP C 481 -33.33 47.44 -4.15
CA TRP C 481 -34.03 46.17 -3.97
C TRP C 481 -34.95 46.23 -2.75
N ARG C 482 -34.53 46.93 -1.69
CA ARG C 482 -35.39 47.14 -0.53
C ARG C 482 -36.65 47.90 -0.93
N GLU C 483 -36.47 49.12 -1.42
CA GLU C 483 -37.58 50.02 -1.71
C GLU C 483 -38.58 49.41 -2.70
N ALA C 484 -38.22 48.32 -3.37
CA ALA C 484 -39.10 47.64 -4.32
C ALA C 484 -39.90 46.53 -3.66
N GLN C 485 -40.02 46.55 -2.33
CA GLN C 485 -40.75 45.52 -1.61
C GLN C 485 -42.12 46.00 -1.15
N ALA C 486 -42.43 47.28 -1.29
CA ALA C 486 -43.75 47.80 -0.96
C ALA C 486 -44.68 47.69 -2.17
N SER D 12 -40.53 -16.69 25.32
CA SER D 12 -40.75 -18.07 24.88
C SER D 12 -41.98 -18.16 23.98
N LEU D 13 -42.10 -19.27 23.26
CA LEU D 13 -43.31 -19.57 22.47
C LEU D 13 -43.25 -18.90 21.09
N LEU D 14 -42.68 -17.70 20.99
CA LEU D 14 -42.42 -17.01 19.73
C LEU D 14 -40.95 -17.15 19.34
N SER D 15 -40.64 -16.85 18.07
CA SER D 15 -39.30 -17.07 17.57
C SER D 15 -38.89 -15.96 16.61
N LEU D 16 -37.66 -15.50 16.76
CA LEU D 16 -37.13 -14.43 15.95
C LEU D 16 -36.68 -14.92 14.57
N PRO D 17 -36.36 -13.99 13.66
CA PRO D 17 -36.04 -14.40 12.30
C PRO D 17 -34.64 -14.98 12.19
N LEU D 18 -34.51 -16.03 11.37
CA LEU D 18 -33.23 -16.67 11.07
C LEU D 18 -32.78 -16.24 9.68
N VAL D 19 -31.74 -15.42 9.61
CA VAL D 19 -31.35 -14.80 8.35
C VAL D 19 -30.10 -15.41 7.72
N GLY D 20 -29.47 -16.38 8.36
CA GLY D 20 -28.33 -17.07 7.77
C GLY D 20 -28.11 -18.39 8.45
N SER D 21 -27.70 -19.39 7.68
CA SER D 21 -27.41 -20.71 8.22
C SER D 21 -26.48 -21.47 7.26
N LEU D 22 -25.52 -22.20 7.83
CA LEU D 22 -24.62 -23.11 7.13
C LEU D 22 -24.61 -24.48 7.80
N PRO D 23 -24.45 -25.53 7.01
CA PRO D 23 -24.40 -26.88 7.58
C PRO D 23 -23.03 -27.15 8.18
N PHE D 24 -23.02 -28.11 9.12
CA PHE D 24 -21.84 -28.51 9.87
C PHE D 24 -20.58 -28.35 9.04
N LEU D 25 -19.95 -27.17 9.12
CA LEU D 25 -18.80 -26.80 8.31
C LEU D 25 -17.73 -27.87 8.35
N PRO D 26 -17.02 -28.08 7.24
CA PRO D 26 -16.06 -29.19 7.17
C PRO D 26 -15.07 -29.14 8.32
N ARG D 27 -14.85 -30.28 8.96
CA ARG D 27 -13.94 -30.34 10.09
C ARG D 27 -12.54 -29.89 9.68
N HIS D 28 -11.91 -30.62 8.76
CA HIS D 28 -10.59 -30.19 8.31
C HIS D 28 -10.14 -30.76 6.96
N GLY D 29 -10.94 -31.62 6.34
CA GLY D 29 -10.57 -32.25 5.08
C GLY D 29 -10.37 -31.29 3.92
N HIS D 30 -9.99 -31.84 2.76
CA HIS D 30 -9.79 -31.03 1.57
C HIS D 30 -11.14 -30.60 0.97
N MET D 31 -11.17 -29.39 0.40
CA MET D 31 -12.35 -28.82 -0.23
C MET D 31 -13.09 -29.80 -1.13
N HIS D 32 -12.40 -30.31 -2.15
CA HIS D 32 -13.06 -31.10 -3.18
C HIS D 32 -13.70 -32.35 -2.61
N ASN D 33 -13.11 -32.95 -1.59
CA ASN D 33 -13.67 -34.15 -0.99
C ASN D 33 -14.84 -33.81 -0.06
N ASN D 34 -14.83 -32.62 0.53
CA ASN D 34 -15.95 -32.18 1.36
C ASN D 34 -17.18 -31.88 0.51
N PHE D 35 -16.98 -31.25 -0.65
CA PHE D 35 -18.08 -31.08 -1.61
C PHE D 35 -18.63 -32.44 -2.04
N PHE D 36 -17.80 -33.48 -2.01
CA PHE D 36 -18.18 -34.79 -2.51
C PHE D 36 -18.98 -35.55 -1.46
N LYS D 37 -18.47 -35.56 -0.23
CA LYS D 37 -19.23 -36.06 0.92
C LYS D 37 -20.60 -35.41 1.01
N LEU D 38 -20.73 -34.18 0.51
CA LEU D 38 -21.96 -33.42 0.69
C LEU D 38 -23.02 -33.82 -0.31
N GLN D 39 -22.63 -34.48 -1.41
CA GLN D 39 -23.60 -34.88 -2.42
C GLN D 39 -24.53 -35.95 -1.87
N LYS D 40 -24.05 -36.73 -0.90
CA LYS D 40 -24.88 -37.76 -0.28
C LYS D 40 -26.14 -37.16 0.34
N LYS D 41 -26.04 -35.97 0.93
CA LYS D 41 -27.24 -35.31 1.44
C LYS D 41 -27.96 -34.52 0.36
N TYR D 42 -27.22 -33.75 -0.45
CA TYR D 42 -27.81 -32.72 -1.28
C TYR D 42 -27.81 -33.02 -2.77
N GLY D 43 -27.15 -34.09 -3.22
CA GLY D 43 -27.23 -34.48 -4.61
C GLY D 43 -26.05 -34.02 -5.45
N PRO D 44 -26.16 -34.18 -6.76
CA PRO D 44 -25.03 -33.86 -7.65
C PRO D 44 -24.93 -32.40 -8.07
N ILE D 45 -25.92 -31.56 -7.78
CA ILE D 45 -25.84 -30.13 -8.10
C ILE D 45 -26.51 -29.35 -6.97
N TYR D 46 -25.84 -28.30 -6.51
CA TYR D 46 -26.35 -27.54 -5.38
C TYR D 46 -25.55 -26.25 -5.27
N SER D 47 -26.14 -25.28 -4.59
CA SER D 47 -25.63 -23.92 -4.59
C SER D 47 -25.49 -23.39 -3.16
N VAL D 48 -24.74 -22.29 -3.04
CA VAL D 48 -24.45 -21.63 -1.77
C VAL D 48 -24.43 -20.14 -2.05
N ARG D 49 -24.88 -19.35 -1.07
CA ARG D 49 -25.06 -17.92 -1.30
C ARG D 49 -24.40 -17.09 -0.20
N MET D 50 -23.47 -16.24 -0.62
CA MET D 50 -22.84 -15.23 0.21
C MET D 50 -23.29 -13.87 -0.31
N GLY D 51 -24.11 -13.16 0.46
CA GLY D 51 -24.67 -11.90 0.00
C GLY D 51 -25.34 -12.02 -1.35
N THR D 52 -24.79 -11.36 -2.36
CA THR D 52 -25.33 -11.42 -3.71
C THR D 52 -24.62 -12.45 -4.58
N LYS D 53 -23.45 -12.93 -4.16
CA LYS D 53 -22.68 -13.89 -4.94
C LYS D 53 -23.28 -15.27 -4.73
N THR D 54 -23.31 -16.07 -5.79
CA THR D 54 -23.86 -17.42 -5.71
C THR D 54 -22.87 -18.38 -6.35
N THR D 55 -22.75 -19.56 -5.75
CA THR D 55 -21.76 -20.54 -6.16
C THR D 55 -22.48 -21.86 -6.37
N VAL D 56 -22.40 -22.41 -7.57
CA VAL D 56 -22.99 -23.70 -7.89
C VAL D 56 -21.87 -24.72 -7.97
N ILE D 57 -22.09 -25.89 -7.39
CA ILE D 57 -21.10 -26.97 -7.37
C ILE D 57 -21.70 -28.17 -8.08
N VAL D 58 -21.03 -28.62 -9.13
CA VAL D 58 -21.48 -29.74 -9.96
C VAL D 58 -20.61 -30.95 -9.67
N GLY D 59 -21.23 -32.12 -9.57
CA GLY D 59 -20.50 -33.34 -9.25
C GLY D 59 -21.01 -34.59 -9.97
N HIS D 60 -21.56 -34.42 -11.17
CA HIS D 60 -21.92 -35.54 -12.04
C HIS D 60 -21.49 -35.21 -13.46
N HIS D 61 -20.96 -36.21 -14.18
CA HIS D 61 -20.36 -35.95 -15.48
C HIS D 61 -21.36 -35.35 -16.46
N GLN D 62 -22.63 -35.73 -16.38
CA GLN D 62 -23.61 -35.25 -17.35
C GLN D 62 -23.90 -33.77 -17.18
N LEU D 63 -24.02 -33.30 -15.94
CA LEU D 63 -24.30 -31.89 -15.71
C LEU D 63 -23.07 -31.04 -16.05
N ALA D 64 -21.88 -31.55 -15.76
CA ALA D 64 -20.65 -30.80 -16.05
C ALA D 64 -20.45 -30.61 -17.55
N LYS D 65 -20.70 -31.65 -18.35
CA LYS D 65 -20.54 -31.51 -19.79
C LYS D 65 -21.52 -30.50 -20.36
N GLU D 66 -22.63 -30.27 -19.67
CA GLU D 66 -23.55 -29.23 -20.07
C GLU D 66 -22.94 -27.86 -19.84
N VAL D 67 -22.18 -27.71 -18.75
CA VAL D 67 -21.51 -26.44 -18.46
C VAL D 67 -20.33 -26.23 -19.40
N LEU D 68 -19.53 -27.28 -19.62
CA LEU D 68 -18.27 -27.11 -20.33
C LEU D 68 -18.45 -27.10 -21.85
N ILE D 69 -19.38 -27.90 -22.37
CA ILE D 69 -19.51 -28.10 -23.81
C ILE D 69 -20.86 -27.60 -24.28
N LYS D 70 -21.92 -28.29 -23.85
CA LYS D 70 -23.26 -28.08 -24.40
C LYS D 70 -23.68 -26.62 -24.32
N LYS D 71 -23.55 -26.01 -23.13
CA LYS D 71 -23.73 -24.58 -22.96
C LYS D 71 -22.40 -23.90 -22.66
N GLY D 72 -21.35 -24.31 -23.38
CA GLY D 72 -20.00 -23.91 -23.02
C GLY D 72 -19.81 -22.40 -22.99
N LYS D 73 -20.33 -21.69 -23.99
CA LYS D 73 -20.13 -20.25 -24.05
C LYS D 73 -20.95 -19.52 -23.00
N ASP D 74 -22.09 -20.07 -22.61
CA ASP D 74 -22.89 -19.46 -21.54
C ASP D 74 -22.12 -19.50 -20.23
N PHE D 75 -21.31 -20.53 -20.03
CA PHE D 75 -20.48 -20.70 -18.85
C PHE D 75 -19.00 -20.66 -19.21
N SER D 76 -18.53 -19.54 -19.76
CA SER D 76 -17.16 -19.46 -20.26
C SER D 76 -16.44 -18.26 -19.68
N GLY D 77 -17.02 -17.59 -18.70
CA GLY D 77 -16.34 -16.52 -18.01
C GLY D 77 -15.63 -17.04 -16.78
N ARG D 78 -14.87 -16.14 -16.17
CA ARG D 78 -14.17 -16.46 -14.95
C ARG D 78 -14.58 -15.46 -13.87
N PRO D 79 -14.64 -15.86 -12.61
CA PRO D 79 -15.08 -14.93 -11.57
C PRO D 79 -13.93 -14.04 -11.12
N GLN D 80 -14.27 -12.78 -10.87
CA GLN D 80 -13.28 -11.83 -10.39
C GLN D 80 -12.90 -12.20 -8.96
N MET D 81 -11.64 -12.54 -8.74
CA MET D 81 -11.14 -12.88 -7.41
C MET D 81 -9.99 -11.96 -7.04
N ALA D 82 -9.91 -11.62 -5.75
CA ALA D 82 -8.89 -10.67 -5.30
C ALA D 82 -7.49 -11.26 -5.38
N THR D 83 -7.36 -12.55 -5.06
CA THR D 83 -6.04 -13.18 -5.10
C THR D 83 -5.59 -13.43 -6.54
N LEU D 84 -6.53 -13.75 -7.44
CA LEU D 84 -6.20 -13.95 -8.84
C LEU D 84 -5.96 -12.63 -9.57
N ASP D 85 -6.57 -11.53 -9.12
CA ASP D 85 -6.30 -10.24 -9.73
C ASP D 85 -4.81 -9.92 -9.69
N ILE D 86 -4.13 -10.32 -8.62
CA ILE D 86 -2.71 -10.06 -8.49
C ILE D 86 -1.91 -10.94 -9.43
N ALA D 87 -2.15 -12.25 -9.37
CA ALA D 87 -1.38 -13.19 -10.17
C ALA D 87 -1.52 -12.95 -11.67
N SER D 88 -2.58 -12.29 -12.11
CA SER D 88 -2.84 -12.09 -13.53
C SER D 88 -2.76 -10.62 -13.94
N ASN D 89 -2.27 -9.74 -13.07
CA ASN D 89 -2.16 -8.31 -13.36
C ASN D 89 -3.51 -7.74 -13.80
N ASN D 90 -4.50 -7.92 -12.93
CA ASN D 90 -5.90 -7.52 -13.18
C ASN D 90 -6.43 -8.21 -14.44
N ARG D 91 -6.62 -9.51 -14.30
CA ARG D 91 -7.37 -10.34 -15.25
C ARG D 91 -6.84 -10.23 -16.68
N LYS D 92 -5.52 -10.19 -16.82
CA LYS D 92 -4.88 -10.39 -18.11
C LYS D 92 -4.42 -11.85 -18.23
N GLY D 93 -3.81 -12.16 -19.37
CA GLY D 93 -3.35 -13.51 -19.63
C GLY D 93 -4.44 -14.35 -20.26
N ILE D 94 -4.59 -15.59 -19.80
CA ILE D 94 -5.58 -16.51 -20.37
C ILE D 94 -6.37 -17.16 -19.25
N ALA D 95 -5.68 -17.97 -18.44
CA ALA D 95 -6.35 -18.87 -17.50
C ALA D 95 -7.33 -18.13 -16.60
N PHE D 96 -7.05 -16.86 -16.28
CA PHE D 96 -7.83 -16.14 -15.29
C PHE D 96 -8.52 -14.90 -15.86
N ALA D 97 -8.58 -14.74 -17.18
CA ALA D 97 -9.25 -13.59 -17.77
C ALA D 97 -10.71 -13.93 -18.06
N ASP D 98 -11.57 -12.93 -17.97
CA ASP D 98 -12.98 -13.15 -18.28
C ASP D 98 -13.15 -13.35 -19.78
N SER D 99 -14.30 -13.91 -20.15
CA SER D 99 -14.61 -14.02 -21.56
C SER D 99 -14.68 -12.63 -22.17
N GLY D 100 -14.04 -12.46 -23.31
CA GLY D 100 -13.85 -11.15 -23.89
C GLY D 100 -12.92 -11.27 -25.08
N ALA D 101 -12.48 -10.12 -25.58
CA ALA D 101 -11.53 -10.14 -26.69
C ALA D 101 -10.15 -10.57 -26.22
N HIS D 102 -9.66 -9.98 -25.12
CA HIS D 102 -8.35 -10.34 -24.59
C HIS D 102 -8.20 -11.86 -24.52
N TRP D 103 -9.12 -12.50 -23.82
CA TRP D 103 -9.04 -13.95 -23.63
C TRP D 103 -9.06 -14.67 -24.96
N GLN D 104 -9.99 -14.30 -25.84
CA GLN D 104 -10.13 -15.00 -27.11
C GLN D 104 -8.90 -14.82 -27.98
N LEU D 105 -8.41 -13.59 -28.09
CA LEU D 105 -7.25 -13.31 -28.93
C LEU D 105 -6.04 -14.05 -28.43
N HIS D 106 -5.66 -13.85 -27.16
CA HIS D 106 -4.46 -14.46 -26.63
C HIS D 106 -4.59 -15.98 -26.57
N ARG D 107 -5.78 -16.50 -26.25
CA ARG D 107 -5.95 -17.95 -26.27
C ARG D 107 -5.73 -18.49 -27.68
N ARG D 108 -6.19 -17.74 -28.69
CA ARG D 108 -5.99 -18.15 -30.07
C ARG D 108 -4.51 -18.17 -30.43
N LEU D 109 -3.82 -17.06 -30.19
CA LEU D 109 -2.40 -16.95 -30.52
C LEU D 109 -1.59 -18.00 -29.79
N ALA D 110 -1.95 -18.29 -28.54
CA ALA D 110 -1.21 -19.31 -27.79
C ALA D 110 -1.33 -20.67 -28.46
N MET D 111 -2.53 -21.02 -28.93
CA MET D 111 -2.70 -22.28 -29.64
C MET D 111 -2.04 -22.23 -31.00
N ALA D 112 -2.12 -21.08 -31.68
CA ALA D 112 -1.46 -20.92 -32.98
C ALA D 112 0.03 -21.18 -32.89
N THR D 113 0.65 -20.86 -31.75
CA THR D 113 2.08 -21.10 -31.60
C THR D 113 2.38 -22.58 -31.49
N PHE D 114 1.52 -23.35 -30.82
CA PHE D 114 1.74 -24.78 -30.72
C PHE D 114 1.64 -25.49 -32.06
N ALA D 115 1.01 -24.86 -33.06
CA ALA D 115 0.96 -25.44 -34.39
C ALA D 115 2.34 -25.46 -35.02
N LEU D 116 3.12 -24.39 -34.83
CA LEU D 116 4.45 -24.28 -35.39
C LEU D 116 5.37 -25.44 -35.01
N PHE D 117 5.06 -26.17 -33.94
CA PHE D 117 5.97 -27.18 -33.40
C PHE D 117 5.46 -28.59 -33.68
N LYS D 118 4.97 -28.83 -34.89
CA LYS D 118 4.67 -30.18 -35.35
C LYS D 118 5.78 -30.76 -36.20
N ASP D 119 6.47 -29.93 -36.98
CA ASP D 119 7.32 -30.39 -38.07
C ASP D 119 8.61 -29.59 -38.12
N GLY D 120 9.67 -30.26 -38.54
CA GLY D 120 10.93 -29.63 -38.87
C GLY D 120 12.02 -29.95 -37.87
N ASP D 121 13.01 -29.05 -37.83
CA ASP D 121 14.05 -29.14 -36.82
C ASP D 121 13.54 -28.67 -35.46
N GLN D 122 12.62 -27.71 -35.47
CA GLN D 122 11.89 -27.32 -34.26
C GLN D 122 10.62 -28.16 -34.08
N LYS D 123 10.73 -29.45 -34.32
CA LYS D 123 9.65 -30.38 -34.03
C LYS D 123 9.54 -30.59 -32.52
N LEU D 124 8.32 -30.46 -32.00
CA LEU D 124 8.11 -30.48 -30.57
C LEU D 124 8.75 -31.70 -29.91
N GLU D 125 8.57 -32.87 -30.52
CA GLU D 125 9.13 -34.10 -29.94
C GLU D 125 10.65 -34.01 -29.80
N LYS D 126 11.32 -33.41 -30.78
CA LYS D 126 12.77 -33.30 -30.70
C LYS D 126 13.19 -32.42 -29.54
N ILE D 127 12.47 -31.32 -29.33
CA ILE D 127 12.79 -30.41 -28.23
C ILE D 127 12.64 -31.12 -26.88
N ILE D 128 11.58 -31.90 -26.73
CA ILE D 128 11.33 -32.57 -25.45
C ILE D 128 12.39 -33.63 -25.21
N CYS D 129 12.55 -34.56 -26.16
CA CYS D 129 13.56 -35.61 -26.02
C CYS D 129 14.93 -35.02 -25.76
N GLN D 130 15.22 -33.86 -26.33
CA GLN D 130 16.47 -33.16 -26.04
C GLN D 130 16.58 -32.88 -24.54
N GLU D 131 15.64 -32.09 -24.00
CA GLU D 131 15.68 -31.70 -22.60
C GLU D 131 15.50 -32.87 -21.65
N ILE D 132 14.92 -33.99 -22.11
CA ILE D 132 14.85 -35.17 -21.25
C ILE D 132 16.22 -35.81 -21.15
N SER D 133 17.01 -35.74 -22.21
CA SER D 133 18.34 -36.36 -22.18
C SER D 133 19.21 -35.71 -21.12
N THR D 134 19.25 -34.38 -21.10
CA THR D 134 19.98 -33.67 -20.06
C THR D 134 19.51 -34.10 -18.67
N LEU D 135 18.20 -34.28 -18.51
CA LEU D 135 17.66 -34.67 -17.21
C LEU D 135 18.17 -36.04 -16.80
N CYS D 136 18.21 -36.98 -17.74
CA CYS D 136 18.62 -38.35 -17.41
C CYS D 136 20.11 -38.39 -17.09
N ASP D 137 20.91 -37.58 -17.79
CA ASP D 137 22.33 -37.48 -17.45
C ASP D 137 22.50 -36.85 -16.07
N MET D 138 21.79 -35.75 -15.81
CA MET D 138 21.81 -35.14 -14.49
C MET D 138 21.48 -36.16 -13.40
N LEU D 139 20.46 -36.98 -13.64
CA LEU D 139 20.03 -37.94 -12.63
C LEU D 139 21.00 -39.11 -12.50
N ALA D 140 21.76 -39.42 -13.55
CA ALA D 140 22.68 -40.55 -13.48
C ALA D 140 23.88 -40.25 -12.59
N THR D 141 24.22 -38.97 -12.42
CA THR D 141 25.28 -38.60 -11.50
C THR D 141 24.91 -38.89 -10.05
N HIS D 142 23.68 -39.35 -9.79
CA HIS D 142 23.21 -39.69 -8.45
C HIS D 142 23.04 -41.20 -8.28
N ASN D 143 23.68 -41.99 -9.13
CA ASN D 143 23.55 -43.45 -9.10
C ASN D 143 23.86 -44.00 -7.71
N GLY D 144 22.90 -44.71 -7.13
CA GLY D 144 23.06 -45.32 -5.83
C GLY D 144 22.57 -44.48 -4.67
N GLN D 145 21.92 -43.34 -4.93
CA GLN D 145 21.49 -42.40 -3.91
C GLN D 145 19.99 -42.32 -3.80
N SER D 146 19.54 -41.78 -2.67
CA SER D 146 18.14 -41.44 -2.43
C SER D 146 18.00 -39.93 -2.48
N ILE D 147 17.16 -39.44 -3.39
CA ILE D 147 17.10 -38.01 -3.71
C ILE D 147 15.65 -37.59 -3.91
N ASP D 148 15.45 -36.27 -3.92
CA ASP D 148 14.17 -35.64 -4.25
C ASP D 148 14.33 -35.06 -5.65
N ILE D 149 13.66 -35.69 -6.62
CA ILE D 149 13.90 -35.42 -8.04
C ILE D 149 13.07 -34.25 -8.56
N SER D 150 12.55 -33.43 -7.64
CA SER D 150 11.70 -32.31 -8.04
C SER D 150 12.43 -31.35 -8.97
N PHE D 151 13.56 -30.81 -8.52
CA PHE D 151 14.21 -29.70 -9.21
C PHE D 151 14.72 -30.11 -10.60
N PRO D 152 15.30 -31.30 -10.76
CA PRO D 152 15.72 -31.71 -12.12
C PRO D 152 14.57 -31.73 -13.12
N VAL D 153 13.39 -32.20 -12.73
CA VAL D 153 12.25 -32.19 -13.65
C VAL D 153 11.75 -30.77 -13.83
N PHE D 154 11.72 -30.00 -12.74
CA PHE D 154 11.36 -28.59 -12.84
C PHE D 154 12.18 -27.91 -13.92
N VAL D 155 13.47 -28.23 -13.97
CA VAL D 155 14.37 -27.58 -14.93
C VAL D 155 14.12 -28.14 -16.33
N ALA D 156 13.82 -29.42 -16.42
CA ALA D 156 13.56 -30.04 -17.73
C ALA D 156 12.34 -29.39 -18.40
N VAL D 157 11.22 -29.30 -17.67
CA VAL D 157 9.99 -28.82 -18.28
C VAL D 157 9.92 -27.30 -18.34
N THR D 158 10.70 -26.59 -17.53
CA THR D 158 10.81 -25.14 -17.69
C THR D 158 11.51 -24.81 -19.00
N ASN D 159 12.53 -25.58 -19.35
CA ASN D 159 13.33 -25.31 -20.55
C ASN D 159 12.51 -25.55 -21.80
N VAL D 160 11.72 -26.63 -21.82
CA VAL D 160 10.82 -26.86 -22.95
C VAL D 160 9.93 -25.64 -23.16
N ILE D 161 9.23 -25.23 -22.11
CA ILE D 161 8.35 -24.07 -22.20
C ILE D 161 9.13 -22.83 -22.61
N SER D 162 10.38 -22.70 -22.15
CA SER D 162 11.15 -21.51 -22.47
C SER D 162 11.58 -21.51 -23.93
N LEU D 163 11.78 -22.69 -24.52
CA LEU D 163 12.12 -22.78 -25.92
C LEU D 163 10.94 -22.50 -26.82
N ILE D 164 9.72 -22.71 -26.32
CA ILE D 164 8.53 -22.47 -27.12
C ILE D 164 8.17 -20.99 -27.11
N CYS D 165 8.53 -20.27 -26.05
CA CYS D 165 8.18 -18.86 -25.90
C CYS D 165 9.28 -17.94 -26.38
N PHE D 166 10.53 -18.37 -26.35
CA PHE D 166 11.67 -17.51 -26.59
C PHE D 166 12.70 -18.11 -27.52
N ASN D 167 12.66 -19.42 -27.77
CA ASN D 167 13.75 -20.16 -28.42
C ASN D 167 15.05 -20.06 -27.62
N THR D 168 14.92 -19.94 -26.30
CA THR D 168 16.06 -19.95 -25.40
C THR D 168 15.83 -20.99 -24.32
N SER D 169 16.92 -21.47 -23.72
CA SER D 169 16.84 -22.41 -22.61
C SER D 169 17.96 -22.12 -21.62
N TYR D 170 17.74 -22.53 -20.38
CA TYR D 170 18.68 -22.27 -19.31
C TYR D 170 19.74 -23.35 -19.23
N LYS D 171 21.00 -22.92 -19.23
CA LYS D 171 22.10 -23.85 -19.02
C LYS D 171 21.98 -24.48 -17.64
N ASN D 172 22.73 -25.55 -17.43
CA ASN D 172 22.68 -26.23 -16.14
C ASN D 172 23.32 -25.33 -15.10
N GLY D 173 22.78 -25.35 -13.89
CA GLY D 173 23.32 -24.55 -12.80
C GLY D 173 23.10 -23.05 -12.93
N ASP D 174 22.38 -22.59 -13.94
CA ASP D 174 22.04 -21.18 -14.05
C ASP D 174 21.29 -20.73 -12.80
N PRO D 175 21.64 -19.58 -12.20
CA PRO D 175 20.95 -19.18 -10.96
C PRO D 175 19.53 -18.68 -11.19
N GLU D 176 19.19 -18.27 -12.43
CA GLU D 176 17.82 -17.89 -12.74
C GLU D 176 16.85 -19.04 -12.54
N LEU D 177 17.28 -20.27 -12.78
CA LEU D 177 16.40 -21.41 -12.56
C LEU D 177 15.96 -21.47 -11.11
N ASN D 178 16.85 -21.08 -10.18
CA ASN D 178 16.50 -21.07 -8.77
C ASN D 178 15.63 -19.87 -8.43
N VAL D 179 15.79 -18.77 -9.17
CA VAL D 179 14.91 -17.62 -9.01
C VAL D 179 13.49 -17.98 -9.41
N ILE D 180 13.33 -18.67 -10.53
CA ILE D 180 12.00 -19.06 -10.98
C ILE D 180 11.36 -20.02 -9.98
N GLN D 181 12.12 -21.00 -9.51
CA GLN D 181 11.57 -21.96 -8.55
C GLN D 181 11.04 -21.24 -7.31
N ASN D 182 11.75 -20.19 -6.86
CA ASN D 182 11.33 -19.50 -5.64
C ASN D 182 10.01 -18.77 -5.84
N TYR D 183 9.87 -18.03 -6.94
CA TYR D 183 8.66 -17.23 -7.09
C TYR D 183 7.46 -18.07 -7.52
N ASN D 184 7.67 -19.18 -8.24
CA ASN D 184 6.58 -20.12 -8.44
C ASN D 184 6.13 -20.71 -7.12
N GLU D 185 7.10 -21.14 -6.30
CA GLU D 185 6.79 -21.73 -5.01
C GLU D 185 6.10 -20.73 -4.08
N GLY D 186 6.39 -19.44 -4.24
CA GLY D 186 5.80 -18.44 -3.39
C GLY D 186 4.40 -18.05 -3.82
N ILE D 187 4.21 -17.87 -5.13
CA ILE D 187 2.87 -17.62 -5.66
C ILE D 187 1.94 -18.76 -5.29
N ILE D 188 2.39 -20.00 -5.50
CA ILE D 188 1.55 -21.15 -5.20
C ILE D 188 1.12 -21.15 -3.74
N ASP D 189 2.02 -20.76 -2.85
CA ASP D 189 1.74 -20.87 -1.41
C ASP D 189 0.72 -19.83 -0.96
N ASN D 190 0.82 -18.61 -1.49
CA ASN D 190 -0.01 -17.50 -1.03
C ASN D 190 -1.24 -17.26 -1.90
N LEU D 191 -1.34 -17.90 -3.07
CA LEU D 191 -2.52 -17.70 -3.90
C LEU D 191 -3.77 -18.28 -3.24
N SER D 192 -3.59 -19.29 -2.40
CA SER D 192 -4.71 -19.90 -1.69
C SER D 192 -4.17 -20.92 -0.71
N LYS D 193 -4.98 -21.22 0.30
CA LYS D 193 -4.72 -22.31 1.24
C LYS D 193 -5.39 -23.61 0.82
N ASP D 194 -6.19 -23.59 -0.23
CA ASP D 194 -6.84 -24.79 -0.77
C ASP D 194 -7.08 -24.53 -2.26
N SER D 195 -7.96 -25.31 -2.87
CA SER D 195 -8.28 -25.11 -4.26
C SER D 195 -9.10 -23.83 -4.43
N LEU D 196 -9.19 -23.35 -5.67
CA LEU D 196 -9.81 -22.04 -5.93
C LEU D 196 -11.32 -22.12 -5.92
N VAL D 197 -11.93 -21.30 -5.06
CA VAL D 197 -13.35 -20.94 -5.12
C VAL D 197 -13.44 -19.46 -4.80
N ASP D 198 -14.41 -18.78 -5.41
CA ASP D 198 -14.49 -17.34 -5.17
C ASP D 198 -14.98 -17.02 -3.76
N LEU D 199 -15.87 -17.85 -3.21
CA LEU D 199 -16.53 -17.49 -1.96
C LEU D 199 -15.60 -17.48 -0.75
N VAL D 200 -14.30 -17.68 -0.94
CA VAL D 200 -13.36 -17.58 0.18
C VAL D 200 -12.51 -16.33 -0.04
N PRO D 201 -12.28 -15.52 1.00
CA PRO D 201 -11.46 -14.32 0.82
C PRO D 201 -9.96 -14.56 0.72
N TRP D 202 -9.44 -15.66 1.28
CA TRP D 202 -8.05 -16.07 1.06
C TRP D 202 -7.04 -15.13 1.69
N LEU D 203 -6.83 -13.95 1.11
CA LEU D 203 -5.84 -13.04 1.67
C LEU D 203 -6.38 -12.21 2.83
N LYS D 204 -7.66 -12.35 3.18
CA LYS D 204 -8.21 -11.69 4.37
C LYS D 204 -8.72 -12.66 5.42
N ILE D 205 -8.57 -13.97 5.22
CA ILE D 205 -9.18 -14.91 6.17
C ILE D 205 -8.30 -15.10 7.39
N PHE D 206 -6.99 -15.01 7.26
CA PHE D 206 -6.07 -15.20 8.37
C PHE D 206 -5.15 -14.00 8.50
N PRO D 207 -4.54 -13.79 9.68
CA PRO D 207 -3.37 -12.92 9.75
C PRO D 207 -2.16 -13.46 9.00
N ASN D 208 -2.12 -14.76 8.70
CA ASN D 208 -1.20 -15.24 7.67
C ASN D 208 -1.11 -14.18 6.57
N LYS D 209 0.00 -13.44 6.56
CA LYS D 209 0.05 -12.14 5.89
C LYS D 209 0.14 -12.32 4.36
N THR D 210 -0.87 -12.99 3.84
CA THR D 210 -0.84 -13.50 2.47
C THR D 210 -0.67 -12.40 1.43
N LEU D 211 -1.53 -11.37 1.45
CA LEU D 211 -1.54 -10.40 0.36
C LEU D 211 -0.15 -9.84 0.09
N GLU D 212 0.51 -9.34 1.14
CA GLU D 212 1.79 -8.67 0.95
C GLU D 212 2.82 -9.62 0.36
N LYS D 213 2.83 -10.88 0.82
CA LYS D 213 3.78 -11.85 0.31
C LYS D 213 3.49 -12.20 -1.14
N LEU D 214 2.22 -12.30 -1.52
CA LEU D 214 1.89 -12.67 -2.88
C LEU D 214 2.41 -11.64 -3.86
N LYS D 215 2.20 -10.35 -3.56
CA LYS D 215 2.74 -9.30 -4.40
C LYS D 215 4.25 -9.41 -4.58
N SER D 216 4.96 -9.86 -3.53
CA SER D 216 6.42 -10.00 -3.64
C SER D 216 6.80 -10.89 -4.80
N HIS D 217 6.33 -12.14 -4.78
CA HIS D 217 6.77 -13.12 -5.76
C HIS D 217 6.26 -12.77 -7.15
N VAL D 218 5.08 -12.16 -7.24
CA VAL D 218 4.57 -11.73 -8.54
C VAL D 218 5.44 -10.60 -9.09
N LYS D 219 5.93 -9.71 -8.21
CA LYS D 219 6.80 -8.63 -8.67
C LYS D 219 8.06 -9.20 -9.33
N ILE D 220 8.74 -10.13 -8.65
CA ILE D 220 9.91 -10.77 -9.24
C ILE D 220 9.54 -11.38 -10.57
N ARG D 221 8.48 -12.20 -10.59
CA ARG D 221 8.01 -12.80 -11.84
C ARG D 221 7.86 -11.73 -12.91
N ASN D 222 7.21 -10.63 -12.57
CA ASN D 222 6.90 -9.59 -13.55
C ASN D 222 8.16 -8.88 -14.03
N ASP D 223 9.02 -8.47 -13.10
CA ASP D 223 10.24 -7.75 -13.49
C ASP D 223 11.12 -8.61 -14.39
N LEU D 224 11.16 -9.92 -14.14
CA LEU D 224 11.99 -10.80 -14.95
C LEU D 224 11.46 -10.89 -16.37
N LEU D 225 10.18 -11.20 -16.52
CA LEU D 225 9.61 -11.28 -17.87
C LEU D 225 9.77 -9.95 -18.60
N ASN D 226 9.78 -8.83 -17.87
CA ASN D 226 9.87 -7.53 -18.51
C ASN D 226 11.27 -7.29 -19.07
N LYS D 227 12.31 -7.69 -18.34
CA LYS D 227 13.66 -7.67 -18.91
C LYS D 227 13.67 -8.43 -20.22
N ILE D 228 13.07 -9.62 -20.22
CA ILE D 228 13.12 -10.51 -21.38
C ILE D 228 12.37 -9.90 -22.57
N LEU D 229 11.29 -9.17 -22.31
CA LEU D 229 10.54 -8.59 -23.42
C LEU D 229 11.22 -7.35 -23.98
N GLU D 230 12.04 -6.66 -23.18
CA GLU D 230 12.84 -5.57 -23.69
C GLU D 230 14.00 -6.09 -24.52
N ASN D 231 14.71 -7.08 -24.00
CA ASN D 231 15.87 -7.63 -24.71
C ASN D 231 15.46 -8.16 -26.08
N TYR D 232 14.30 -8.81 -26.17
CA TYR D 232 13.88 -9.46 -27.41
C TYR D 232 13.45 -8.47 -28.47
N LYS D 233 13.14 -7.23 -28.11
CA LYS D 233 12.63 -6.27 -29.09
C LYS D 233 13.64 -6.01 -30.20
N GLU D 234 14.92 -5.88 -29.83
CA GLU D 234 15.97 -5.75 -30.84
C GLU D 234 16.02 -6.97 -31.73
N LYS D 235 15.86 -8.15 -31.14
CA LYS D 235 16.01 -9.42 -31.84
C LYS D 235 14.81 -9.79 -32.70
N PHE D 236 13.69 -9.08 -32.61
CA PHE D 236 12.49 -9.54 -33.30
C PHE D 236 12.63 -9.36 -34.81
N ARG D 237 12.40 -10.44 -35.55
CA ARG D 237 12.46 -10.45 -37.01
C ARG D 237 11.06 -10.72 -37.56
N SER D 238 10.51 -9.76 -38.29
CA SER D 238 9.18 -9.96 -38.86
C SER D 238 9.17 -11.14 -39.82
N ASP D 239 10.27 -11.35 -40.53
CA ASP D 239 10.40 -12.44 -41.49
C ASP D 239 10.62 -13.80 -40.83
N SER D 240 10.88 -13.84 -39.53
CA SER D 240 11.19 -15.08 -38.82
C SER D 240 10.24 -15.24 -37.64
N ILE D 241 9.34 -16.21 -37.72
CA ILE D 241 8.33 -16.46 -36.68
C ILE D 241 8.55 -17.89 -36.20
N THR D 242 9.07 -18.02 -34.98
CA THR D 242 9.45 -19.33 -34.46
C THR D 242 9.09 -19.56 -33.01
N ASN D 243 8.44 -18.61 -32.32
CA ASN D 243 8.05 -18.81 -30.94
C ASN D 243 6.80 -17.98 -30.65
N MET D 244 6.29 -18.15 -29.43
CA MET D 244 5.08 -17.46 -29.01
C MET D 244 5.30 -15.95 -29.00
N LEU D 245 6.43 -15.51 -28.47
CA LEU D 245 6.71 -14.08 -28.40
C LEU D 245 6.83 -13.45 -29.79
N ASP D 246 7.27 -14.23 -30.77
CA ASP D 246 7.21 -13.77 -32.16
C ASP D 246 5.75 -13.59 -32.60
N THR D 247 4.95 -14.65 -32.43
CA THR D 247 3.54 -14.61 -32.80
C THR D 247 2.82 -13.42 -32.17
N LEU D 248 3.09 -13.14 -30.90
CA LEU D 248 2.41 -12.05 -30.22
C LEU D 248 2.88 -10.69 -30.75
N MET D 249 4.19 -10.54 -30.95
CA MET D 249 4.70 -9.28 -31.47
C MET D 249 4.31 -9.09 -32.93
N GLN D 250 4.20 -10.19 -33.69
CA GLN D 250 3.66 -10.12 -35.04
C GLN D 250 2.22 -9.61 -35.03
N ALA D 251 1.37 -10.22 -34.21
CA ALA D 251 -0.02 -9.77 -34.10
C ALA D 251 -0.08 -8.29 -33.74
N LYS D 252 0.73 -7.88 -32.76
CA LYS D 252 0.75 -6.47 -32.37
C LYS D 252 1.20 -5.58 -33.52
N MET D 253 2.07 -6.08 -34.38
CA MET D 253 2.47 -5.31 -35.56
C MET D 253 1.35 -5.27 -36.59
N ASN D 254 0.90 -6.45 -37.05
CA ASN D 254 -0.15 -6.50 -38.07
C ASN D 254 -1.38 -5.71 -37.67
N SER D 255 -1.56 -5.45 -36.37
CA SER D 255 -2.66 -4.59 -35.94
C SER D 255 -2.33 -3.12 -36.24
N ASP D 256 -1.08 -2.73 -36.01
CA ASP D 256 -0.65 -1.34 -36.22
C ASP D 256 -0.25 -1.12 -37.68
N ASN D 257 -1.26 -1.04 -38.53
CA ASN D 257 -1.04 -0.66 -39.94
C ASN D 257 -2.36 -0.46 -40.67
N GLY D 261 -8.77 1.39 -40.99
CA GLY D 261 -7.67 1.85 -40.17
C GLY D 261 -7.01 0.73 -39.38
N PRO D 262 -6.21 1.09 -38.38
CA PRO D 262 -5.62 0.07 -37.51
C PRO D 262 -6.70 -0.66 -36.71
N ASP D 263 -6.42 -1.93 -36.40
CA ASP D 263 -7.45 -2.77 -35.82
C ASP D 263 -7.64 -2.48 -34.34
N GLN D 264 -8.69 -3.08 -33.76
CA GLN D 264 -8.84 -3.06 -32.31
C GLN D 264 -7.73 -3.86 -31.63
N ASP D 265 -7.12 -4.81 -32.35
CA ASP D 265 -6.23 -5.75 -31.68
C ASP D 265 -5.01 -5.07 -31.08
N SER D 266 -4.83 -3.76 -31.30
CA SER D 266 -3.63 -3.07 -30.80
C SER D 266 -3.74 -2.83 -29.30
N GLU D 267 -4.88 -2.31 -28.85
CA GLU D 267 -5.07 -2.02 -27.43
C GLU D 267 -4.97 -3.28 -26.57
N LEU D 268 -5.16 -4.45 -27.17
CA LEU D 268 -5.16 -5.72 -26.44
C LEU D 268 -3.81 -6.40 -26.40
N LEU D 269 -2.81 -5.86 -27.12
CA LEU D 269 -1.49 -6.47 -27.22
C LEU D 269 -0.43 -5.53 -26.69
N SER D 270 -0.76 -4.78 -25.64
CA SER D 270 0.26 -4.02 -24.95
C SER D 270 1.32 -4.99 -24.44
N ASP D 271 2.42 -4.44 -23.94
CA ASP D 271 3.48 -5.31 -23.46
C ASP D 271 3.07 -6.02 -22.19
N ASN D 272 2.12 -5.45 -21.45
CA ASN D 272 1.59 -6.09 -20.25
C ASN D 272 0.69 -7.27 -20.59
N HIS D 273 -0.11 -7.16 -21.65
CA HIS D 273 -0.98 -8.26 -22.06
C HIS D 273 -0.13 -9.41 -22.58
N ILE D 274 0.95 -9.08 -23.29
CA ILE D 274 1.86 -10.10 -23.81
C ILE D 274 2.61 -10.77 -22.66
N LEU D 275 3.08 -9.97 -21.71
CA LEU D 275 3.83 -10.52 -20.57
C LEU D 275 2.99 -11.54 -19.80
N THR D 276 1.79 -11.14 -19.36
CA THR D 276 1.02 -12.03 -18.50
C THR D 276 0.60 -13.29 -19.22
N THR D 277 0.33 -13.20 -20.53
CA THR D 277 0.02 -14.42 -21.29
C THR D 277 1.17 -15.41 -21.20
N ILE D 278 2.40 -14.92 -21.42
CA ILE D 278 3.58 -15.76 -21.27
C ILE D 278 3.65 -16.32 -19.84
N GLY D 279 3.34 -15.47 -18.85
CA GLY D 279 3.44 -15.89 -17.46
C GLY D 279 2.44 -16.97 -17.09
N ASP D 280 1.30 -17.03 -17.79
CA ASP D 280 0.33 -18.07 -17.52
C ASP D 280 0.76 -19.38 -18.15
N ILE D 281 1.40 -19.30 -19.32
CA ILE D 281 1.98 -20.48 -19.95
C ILE D 281 3.05 -21.08 -19.03
N PHE D 282 4.04 -20.26 -18.68
CA PHE D 282 5.09 -20.69 -17.75
C PHE D 282 4.51 -21.20 -16.45
N GLY D 283 3.73 -20.36 -15.77
CA GLY D 283 3.27 -20.70 -14.42
C GLY D 283 2.40 -21.93 -14.38
N ALA D 284 1.43 -22.00 -15.30
CA ALA D 284 0.52 -23.14 -15.34
C ALA D 284 1.25 -24.42 -15.72
N GLY D 285 1.90 -24.41 -16.88
CA GLY D 285 2.48 -25.64 -17.41
C GLY D 285 3.51 -26.28 -16.51
N VAL D 286 4.43 -25.48 -15.98
CA VAL D 286 5.64 -26.03 -15.37
C VAL D 286 5.32 -26.75 -14.07
N GLU D 287 4.71 -26.04 -13.12
CA GLU D 287 4.47 -26.64 -11.81
C GLU D 287 3.50 -27.79 -11.92
N THR D 288 2.65 -27.76 -12.94
CA THR D 288 1.62 -28.78 -13.13
C THR D 288 2.17 -30.08 -13.71
N THR D 289 2.87 -30.00 -14.86
CA THR D 289 3.44 -31.22 -15.43
C THR D 289 4.40 -31.85 -14.45
N THR D 290 5.22 -31.03 -13.80
CA THR D 290 6.14 -31.52 -12.79
C THR D 290 5.39 -32.29 -11.72
N SER D 291 4.19 -31.83 -11.37
CA SER D 291 3.40 -32.49 -10.33
C SER D 291 2.92 -33.87 -10.75
N VAL D 292 2.43 -34.00 -11.99
CA VAL D 292 1.99 -35.32 -12.45
C VAL D 292 3.15 -36.30 -12.43
N VAL D 293 4.31 -35.86 -12.93
CA VAL D 293 5.49 -36.71 -12.93
C VAL D 293 5.84 -37.14 -11.52
N LYS D 294 5.91 -36.19 -10.59
CA LYS D 294 6.18 -36.55 -9.21
C LYS D 294 5.10 -37.49 -8.69
N TRP D 295 3.85 -37.27 -9.14
CA TRP D 295 2.73 -38.11 -8.70
C TRP D 295 2.81 -39.52 -9.27
N THR D 296 3.33 -39.69 -10.50
CA THR D 296 3.36 -41.02 -11.09
C THR D 296 4.39 -41.90 -10.43
N LEU D 297 5.59 -41.36 -10.19
CA LEU D 297 6.61 -42.13 -9.49
C LEU D 297 6.11 -42.52 -8.12
N ALA D 298 5.42 -41.60 -7.45
CA ALA D 298 4.84 -41.89 -6.15
C ALA D 298 3.95 -43.14 -6.20
N PHE D 299 3.13 -43.25 -7.25
CA PHE D 299 2.20 -44.38 -7.32
C PHE D 299 2.93 -45.67 -7.65
N LEU D 300 3.96 -45.60 -8.49
CA LEU D 300 4.73 -46.79 -8.82
C LEU D 300 5.55 -47.27 -7.64
N LEU D 301 5.93 -46.37 -6.73
CA LEU D 301 6.64 -46.79 -5.53
C LEU D 301 5.71 -47.52 -4.56
N HIS D 302 4.42 -47.21 -4.61
CA HIS D 302 3.43 -47.92 -3.82
C HIS D 302 2.95 -49.20 -4.51
N ASN D 303 3.17 -49.31 -5.81
CA ASN D 303 2.62 -50.40 -6.62
C ASN D 303 3.74 -51.00 -7.47
N PRO D 304 4.68 -51.70 -6.84
CA PRO D 304 5.80 -52.27 -7.61
C PRO D 304 5.36 -53.30 -8.64
N GLN D 305 4.22 -53.94 -8.41
CA GLN D 305 3.67 -54.87 -9.39
C GLN D 305 3.41 -54.16 -10.70
N VAL D 306 2.82 -52.97 -10.64
CA VAL D 306 2.61 -52.17 -11.85
C VAL D 306 3.95 -51.72 -12.40
N LYS D 307 4.87 -51.32 -11.52
CA LYS D 307 6.21 -50.90 -11.93
C LYS D 307 6.91 -51.99 -12.74
N LYS D 308 6.92 -53.21 -12.23
CA LYS D 308 7.59 -54.32 -12.93
C LYS D 308 7.03 -54.46 -14.35
N LYS D 309 5.71 -54.57 -14.46
CA LYS D 309 5.08 -54.74 -15.75
C LYS D 309 5.37 -53.59 -16.70
N LEU D 310 5.69 -52.41 -16.15
CA LEU D 310 6.06 -51.27 -16.99
C LEU D 310 7.49 -51.41 -17.50
N TYR D 311 8.38 -51.96 -16.67
CA TYR D 311 9.73 -52.29 -17.13
C TYR D 311 9.66 -53.35 -18.21
N GLU D 312 8.91 -54.43 -17.94
CA GLU D 312 8.79 -55.52 -18.90
C GLU D 312 8.30 -55.02 -20.25
N GLU D 313 7.28 -54.14 -20.27
CA GLU D 313 6.71 -53.70 -21.52
C GLU D 313 7.70 -52.90 -22.36
N ILE D 314 8.49 -52.04 -21.72
CA ILE D 314 9.35 -51.13 -22.49
C ILE D 314 10.58 -51.87 -23.00
N ASP D 315 11.05 -52.86 -22.25
CA ASP D 315 12.14 -53.70 -22.72
C ASP D 315 11.70 -54.56 -23.89
N GLN D 316 10.45 -55.06 -23.83
CA GLN D 316 9.91 -55.91 -24.88
C GLN D 316 9.65 -55.15 -26.17
N ASN D 317 9.26 -53.88 -26.08
CA ASN D 317 8.73 -53.14 -27.22
C ASN D 317 9.66 -52.05 -27.75
N VAL D 318 10.70 -51.66 -27.01
CA VAL D 318 11.60 -50.59 -27.45
C VAL D 318 13.03 -51.08 -27.44
N GLY D 319 13.41 -51.84 -26.42
CA GLY D 319 14.77 -52.31 -26.28
C GLY D 319 15.67 -51.24 -25.68
N PHE D 320 16.96 -51.34 -26.01
CA PHE D 320 17.97 -50.39 -25.57
C PHE D 320 18.82 -49.88 -26.72
N SER D 321 18.51 -50.29 -27.95
CA SER D 321 19.23 -49.81 -29.12
C SER D 321 18.90 -48.37 -29.45
N ARG D 322 17.76 -47.87 -28.98
CA ARG D 322 17.33 -46.51 -29.24
C ARG D 322 16.58 -45.98 -28.02
N THR D 323 16.27 -44.71 -28.07
CA THR D 323 15.50 -44.06 -27.03
C THR D 323 14.02 -44.00 -27.40
N PRO D 324 13.13 -43.89 -26.41
CA PRO D 324 11.69 -43.83 -26.69
C PRO D 324 11.33 -42.71 -27.64
N THR D 325 10.17 -42.89 -28.29
CA THR D 325 9.66 -41.98 -29.30
C THR D 325 8.17 -41.79 -29.07
N ILE D 326 7.65 -40.63 -29.51
CA ILE D 326 6.21 -40.41 -29.45
C ILE D 326 5.48 -41.54 -30.16
N SER D 327 5.99 -41.92 -31.33
CA SER D 327 5.47 -43.04 -32.10
C SER D 327 5.37 -44.33 -31.27
N ASP D 328 6.19 -44.47 -30.23
CA ASP D 328 6.16 -45.66 -29.39
C ASP D 328 4.95 -45.68 -28.46
N ARG D 329 4.11 -44.65 -28.52
CA ARG D 329 2.86 -44.64 -27.77
C ARG D 329 1.98 -45.83 -28.10
N ASN D 330 2.08 -46.36 -29.33
CA ASN D 330 1.16 -47.38 -29.79
C ASN D 330 1.47 -48.75 -29.21
N ARG D 331 2.73 -49.03 -28.88
CA ARG D 331 3.08 -50.30 -28.27
C ARG D 331 3.13 -50.19 -26.74
N LEU D 332 3.52 -49.04 -26.22
CA LEU D 332 3.64 -48.82 -24.77
C LEU D 332 2.28 -48.40 -24.22
N LEU D 333 1.38 -49.38 -24.09
CA LEU D 333 0.00 -49.07 -23.70
C LEU D 333 -0.16 -48.97 -22.18
N LEU D 334 0.38 -49.93 -21.43
CA LEU D 334 0.22 -49.87 -19.97
C LEU D 334 0.76 -48.57 -19.41
N LEU D 335 1.78 -48.00 -20.04
CA LEU D 335 2.27 -46.71 -19.59
C LEU D 335 1.25 -45.62 -19.83
N GLU D 336 0.67 -45.59 -21.02
CA GLU D 336 -0.36 -44.59 -21.32
C GLU D 336 -1.51 -44.70 -20.34
N ALA D 337 -1.86 -45.92 -19.94
CA ALA D 337 -2.91 -46.11 -18.95
C ALA D 337 -2.45 -45.67 -17.57
N THR D 338 -1.20 -45.96 -17.21
CA THR D 338 -0.71 -45.55 -15.90
C THR D 338 -0.77 -44.03 -15.75
N ILE D 339 -0.46 -43.30 -16.83
CA ILE D 339 -0.62 -41.85 -16.81
C ILE D 339 -2.09 -41.48 -16.68
N ARG D 340 -2.97 -42.19 -17.40
CA ARG D 340 -4.41 -41.91 -17.31
C ARG D 340 -4.92 -42.17 -15.90
N GLU D 341 -4.43 -43.23 -15.26
CA GLU D 341 -4.90 -43.61 -13.94
C GLU D 341 -4.34 -42.68 -12.87
N VAL D 342 -3.22 -42.02 -13.15
CA VAL D 342 -2.70 -41.00 -12.25
C VAL D 342 -3.51 -39.71 -12.40
N LEU D 343 -3.89 -39.37 -13.63
CA LEU D 343 -4.74 -38.20 -13.85
C LEU D 343 -6.16 -38.42 -13.37
N ARG D 344 -6.59 -39.67 -13.20
CA ARG D 344 -7.92 -39.92 -12.63
C ARG D 344 -7.88 -39.83 -11.12
N LEU D 345 -7.05 -40.67 -10.49
CA LEU D 345 -7.03 -40.74 -9.03
C LEU D 345 -6.62 -39.42 -8.40
N ARG D 346 -5.79 -38.64 -9.10
CA ARG D 346 -5.22 -37.42 -8.55
C ARG D 346 -5.19 -36.35 -9.64
N PRO D 347 -6.34 -35.77 -9.96
CA PRO D 347 -6.37 -34.71 -10.97
C PRO D 347 -5.51 -33.54 -10.50
N VAL D 348 -4.71 -33.01 -11.43
CA VAL D 348 -3.97 -31.78 -11.14
C VAL D 348 -4.90 -30.74 -10.56
N ALA D 349 -6.09 -30.62 -11.16
CA ALA D 349 -7.03 -29.53 -10.90
C ALA D 349 -8.33 -30.16 -10.42
N PRO D 350 -8.38 -30.59 -9.15
CA PRO D 350 -9.56 -31.34 -8.69
C PRO D 350 -10.85 -30.55 -8.74
N MET D 351 -10.80 -29.25 -9.03
CA MET D 351 -12.00 -28.45 -9.24
C MET D 351 -11.81 -27.47 -10.39
N LEU D 352 -11.02 -27.86 -11.37
CA LEU D 352 -10.73 -27.06 -12.55
C LEU D 352 -10.33 -25.66 -12.10
N ILE D 353 -10.63 -24.69 -12.95
CA ILE D 353 -10.67 -23.29 -12.59
C ILE D 353 -12.15 -22.92 -12.55
N PRO D 354 -12.58 -22.01 -11.68
CA PRO D 354 -13.99 -21.62 -11.67
C PRO D 354 -14.45 -21.05 -13.00
N HIS D 355 -15.60 -21.54 -13.46
CA HIS D 355 -16.33 -20.90 -14.55
C HIS D 355 -17.34 -19.91 -13.97
N LYS D 356 -17.88 -19.07 -14.85
CA LYS D 356 -18.87 -18.08 -14.46
C LYS D 356 -19.96 -18.06 -15.52
N ALA D 357 -21.19 -17.86 -15.09
CA ALA D 357 -22.31 -17.79 -16.02
C ALA D 357 -22.33 -16.40 -16.65
N ASN D 358 -22.09 -16.35 -17.96
CA ASN D 358 -22.08 -15.07 -18.66
C ASN D 358 -23.47 -14.51 -18.81
N VAL D 359 -24.49 -15.36 -18.76
CA VAL D 359 -25.86 -14.96 -19.05
C VAL D 359 -26.77 -15.86 -18.23
N ASP D 360 -27.96 -15.36 -17.91
CA ASP D 360 -28.96 -16.22 -17.30
C ASP D 360 -29.10 -17.48 -18.13
N SER D 361 -29.11 -18.63 -17.48
CA SER D 361 -29.01 -19.90 -18.22
C SER D 361 -29.43 -21.03 -17.28
N SER D 362 -29.14 -22.27 -17.68
CA SER D 362 -29.58 -23.45 -16.94
C SER D 362 -28.54 -24.56 -16.99
N ILE D 363 -28.51 -25.37 -15.92
CA ILE D 363 -27.75 -26.62 -15.89
C ILE D 363 -28.74 -27.74 -15.62
N GLY D 364 -28.91 -28.62 -16.58
CA GLY D 364 -29.76 -29.79 -16.36
C GLY D 364 -31.14 -29.43 -15.89
N GLU D 365 -31.70 -28.34 -16.45
CA GLU D 365 -33.05 -27.87 -16.15
C GLU D 365 -33.17 -27.26 -14.75
N PHE D 366 -32.05 -26.89 -14.13
CA PHE D 366 -32.03 -25.98 -12.98
C PHE D 366 -31.69 -24.60 -13.51
N ALA D 367 -32.29 -23.57 -12.92
CA ALA D 367 -32.01 -22.21 -13.36
C ALA D 367 -30.72 -21.71 -12.73
N VAL D 368 -29.97 -20.90 -13.48
CA VAL D 368 -28.65 -20.42 -13.06
C VAL D 368 -28.51 -18.98 -13.52
N ASP D 369 -28.42 -18.05 -12.57
CA ASP D 369 -28.41 -16.63 -12.89
C ASP D 369 -27.08 -16.21 -13.50
N LYS D 370 -27.14 -15.16 -14.33
CA LYS D 370 -25.95 -14.48 -14.79
C LYS D 370 -25.02 -14.13 -13.62
N GLY D 371 -23.72 -14.25 -13.86
CA GLY D 371 -22.75 -13.85 -12.88
C GLY D 371 -22.52 -14.85 -11.77
N THR D 372 -22.93 -16.09 -11.98
CA THR D 372 -22.93 -17.11 -10.93
C THR D 372 -21.70 -17.99 -11.09
N GLU D 373 -20.90 -18.08 -10.03
CA GLU D 373 -19.74 -18.97 -10.00
C GLU D 373 -20.19 -20.42 -10.11
N VAL D 374 -19.74 -21.09 -11.16
CA VAL D 374 -19.99 -22.52 -11.35
C VAL D 374 -18.65 -23.24 -11.18
N ILE D 375 -18.67 -24.33 -10.43
CA ILE D 375 -17.46 -25.10 -10.14
C ILE D 375 -17.73 -26.56 -10.43
N ILE D 376 -16.88 -27.15 -11.25
CA ILE D 376 -16.93 -28.58 -11.53
C ILE D 376 -16.07 -29.29 -10.50
N ASN D 377 -16.66 -30.25 -9.79
CA ASN D 377 -15.93 -31.02 -8.79
C ASN D 377 -15.37 -32.28 -9.46
N LEU D 378 -14.35 -32.03 -10.28
CA LEU D 378 -13.72 -33.11 -11.05
C LEU D 378 -13.40 -34.30 -10.17
N TRP D 379 -13.02 -34.06 -8.91
CA TRP D 379 -12.73 -35.15 -8.00
C TRP D 379 -13.93 -36.09 -7.88
N ALA D 380 -15.13 -35.53 -7.84
CA ALA D 380 -16.33 -36.35 -7.74
C ALA D 380 -16.56 -37.16 -9.00
N LEU D 381 -16.31 -36.56 -10.17
CA LEU D 381 -16.47 -37.28 -11.43
C LEU D 381 -15.54 -38.47 -11.50
N HIS D 382 -14.34 -38.35 -10.93
CA HIS D 382 -13.29 -39.36 -11.03
C HIS D 382 -13.39 -40.42 -9.94
N HIS D 383 -14.30 -40.27 -8.98
CA HIS D 383 -14.50 -41.24 -7.92
C HIS D 383 -15.96 -41.74 -7.87
N ASN D 384 -16.74 -41.43 -8.90
CA ASN D 384 -18.13 -41.88 -8.99
C ASN D 384 -18.25 -43.39 -8.89
N GLU D 385 -18.96 -43.88 -7.87
CA GLU D 385 -19.05 -45.31 -7.64
C GLU D 385 -19.70 -46.02 -8.83
N LYS D 386 -20.72 -45.40 -9.44
CA LYS D 386 -21.45 -46.06 -10.50
C LYS D 386 -20.71 -45.98 -11.82
N GLU D 387 -19.91 -44.94 -12.03
CA GLU D 387 -19.15 -44.80 -13.26
C GLU D 387 -17.74 -45.38 -13.17
N TRP D 388 -17.25 -45.73 -11.98
CA TRP D 388 -15.92 -46.31 -11.81
C TRP D 388 -15.98 -47.48 -10.84
N HIS D 389 -15.37 -48.60 -11.24
CA HIS D 389 -15.30 -49.79 -10.41
C HIS D 389 -14.10 -49.69 -9.48
N GLN D 390 -14.35 -49.79 -8.17
CA GLN D 390 -13.33 -49.62 -7.16
C GLN D 390 -12.62 -48.29 -7.40
N PRO D 391 -13.34 -47.16 -7.34
CA PRO D 391 -12.74 -45.89 -7.78
C PRO D 391 -11.59 -45.47 -6.93
N ASP D 392 -11.55 -45.91 -5.67
CA ASP D 392 -10.50 -45.54 -4.73
C ASP D 392 -9.21 -46.33 -4.94
N GLN D 393 -9.14 -47.20 -5.94
CA GLN D 393 -7.98 -48.05 -6.15
C GLN D 393 -7.20 -47.65 -7.41
N PHE D 394 -5.90 -47.92 -7.38
CA PHE D 394 -5.00 -47.63 -8.50
C PHE D 394 -4.96 -48.86 -9.38
N MET D 395 -5.64 -48.79 -10.53
CA MET D 395 -5.71 -49.91 -11.46
C MET D 395 -5.58 -49.36 -12.87
N PRO D 396 -4.34 -49.17 -13.36
CA PRO D 396 -4.18 -48.75 -14.75
C PRO D 396 -4.73 -49.78 -15.71
N GLU D 397 -4.90 -51.02 -15.25
CA GLU D 397 -5.56 -52.06 -16.02
C GLU D 397 -6.89 -51.57 -16.58
N ARG D 398 -7.57 -50.69 -15.85
CA ARG D 398 -8.94 -50.33 -16.17
C ARG D 398 -9.07 -49.54 -17.47
N PHE D 399 -7.95 -49.04 -18.02
CA PHE D 399 -7.97 -48.32 -19.29
C PHE D 399 -7.52 -49.21 -20.45
N LEU D 400 -7.56 -50.54 -20.27
CA LEU D 400 -7.25 -51.50 -21.31
C LEU D 400 -8.31 -52.58 -21.35
N ASN D 401 -8.52 -53.16 -22.53
CA ASN D 401 -9.32 -54.38 -22.64
C ASN D 401 -8.69 -55.49 -21.81
N PRO D 402 -9.44 -56.56 -21.52
CA PRO D 402 -8.89 -57.61 -20.65
C PRO D 402 -7.66 -58.29 -21.21
N ALA D 403 -7.47 -58.27 -22.53
CA ALA D 403 -6.26 -58.83 -23.12
C ALA D 403 -5.05 -57.99 -22.75
N GLY D 404 -5.13 -56.68 -22.96
CA GLY D 404 -4.03 -55.80 -22.70
C GLY D 404 -3.40 -55.31 -23.99
N THR D 405 -4.21 -55.14 -25.02
CA THR D 405 -3.71 -54.95 -26.36
C THR D 405 -4.20 -53.68 -27.05
N GLN D 406 -5.12 -52.92 -26.45
CA GLN D 406 -5.34 -51.56 -26.92
C GLN D 406 -6.09 -50.77 -25.84
N LEU D 407 -6.06 -49.44 -26.00
CA LEU D 407 -6.55 -48.51 -24.99
C LEU D 407 -8.04 -48.25 -25.17
N ILE D 408 -8.72 -48.06 -24.03
CA ILE D 408 -10.16 -47.88 -23.98
C ILE D 408 -10.46 -46.69 -23.07
N SER D 409 -11.73 -46.27 -23.08
CA SER D 409 -12.23 -45.20 -22.22
C SER D 409 -13.42 -45.75 -21.43
N PRO D 410 -13.15 -46.46 -20.33
CA PRO D 410 -14.22 -47.19 -19.64
C PRO D 410 -15.31 -46.29 -19.09
N SER D 411 -15.09 -44.98 -19.04
CA SER D 411 -16.10 -44.06 -18.53
C SER D 411 -15.99 -42.72 -19.24
N VAL D 412 -17.12 -42.04 -19.31
CA VAL D 412 -17.18 -40.67 -19.83
C VAL D 412 -17.00 -39.67 -18.70
N SER D 413 -17.00 -40.15 -17.46
CA SER D 413 -16.73 -39.32 -16.28
C SER D 413 -15.23 -39.15 -16.06
N TYR D 414 -14.57 -38.58 -17.08
CA TYR D 414 -13.11 -38.46 -17.06
C TYR D 414 -12.73 -37.23 -17.88
N LEU D 415 -12.42 -36.13 -17.19
CA LEU D 415 -11.99 -34.88 -17.82
C LEU D 415 -10.84 -34.27 -17.04
N PRO D 416 -9.65 -34.90 -17.06
CA PRO D 416 -8.51 -34.31 -16.35
C PRO D 416 -8.10 -32.98 -16.94
N PHE D 417 -8.21 -32.82 -18.26
CA PHE D 417 -7.90 -31.57 -18.94
C PHE D 417 -9.15 -30.76 -19.24
N GLY D 418 -10.29 -31.11 -18.66
CA GLY D 418 -11.49 -30.35 -18.92
C GLY D 418 -11.94 -30.52 -20.36
N ALA D 419 -12.82 -29.62 -20.79
CA ALA D 419 -13.30 -29.61 -22.17
C ALA D 419 -13.97 -28.28 -22.45
N GLY D 420 -14.30 -28.06 -23.72
CA GLY D 420 -15.01 -26.88 -24.14
C GLY D 420 -14.14 -25.67 -24.41
N PRO D 421 -14.75 -24.48 -24.46
CA PRO D 421 -14.00 -23.25 -24.76
C PRO D 421 -12.89 -22.95 -23.78
N ARG D 422 -12.85 -23.60 -22.62
CA ARG D 422 -11.89 -23.25 -21.57
C ARG D 422 -10.99 -24.43 -21.24
N SER D 423 -10.93 -25.42 -22.13
CA SER D 423 -10.09 -26.58 -21.87
C SER D 423 -8.64 -26.18 -21.91
N CYS D 424 -7.81 -27.02 -21.30
CA CYS D 424 -6.38 -26.85 -21.41
C CYS D 424 -5.98 -26.67 -22.87
N ILE D 425 -5.15 -25.65 -23.11
CA ILE D 425 -4.57 -25.48 -24.44
C ILE D 425 -3.25 -26.21 -24.56
N GLY D 426 -2.64 -26.60 -23.45
CA GLY D 426 -1.38 -27.30 -23.43
C GLY D 426 -1.56 -28.78 -23.21
N GLU D 427 -2.73 -29.29 -23.57
CA GLU D 427 -3.01 -30.72 -23.38
C GLU D 427 -2.03 -31.56 -24.19
N ILE D 428 -1.84 -31.25 -25.46
CA ILE D 428 -0.95 -32.04 -26.32
C ILE D 428 0.44 -32.09 -25.72
N LEU D 429 1.02 -30.91 -25.46
CA LEU D 429 2.36 -30.83 -24.90
C LEU D 429 2.45 -31.65 -23.62
N ALA D 430 1.49 -31.47 -22.72
CA ALA D 430 1.52 -32.16 -21.44
C ALA D 430 1.46 -33.67 -21.64
N ARG D 431 0.62 -34.14 -22.57
CA ARG D 431 0.48 -35.58 -22.79
C ARG D 431 1.77 -36.22 -23.32
N GLN D 432 2.54 -35.48 -24.11
CA GLN D 432 3.79 -36.01 -24.63
C GLN D 432 4.87 -36.04 -23.55
N GLU D 433 5.17 -34.88 -22.97
CA GLU D 433 6.13 -34.76 -21.89
C GLU D 433 5.95 -35.87 -20.87
N LEU D 434 4.70 -36.15 -20.51
CA LEU D 434 4.42 -37.16 -19.50
C LEU D 434 4.73 -38.56 -19.99
N PHE D 435 4.39 -38.86 -21.25
CA PHE D 435 4.72 -40.16 -21.80
C PHE D 435 6.23 -40.32 -21.93
N LEU D 436 6.88 -39.35 -22.58
CA LEU D 436 8.30 -39.45 -22.87
C LEU D 436 9.13 -39.53 -21.59
N ILE D 437 8.97 -38.55 -20.70
CA ILE D 437 9.69 -38.55 -19.42
C ILE D 437 9.64 -39.95 -18.84
N MET D 438 8.44 -40.49 -18.67
CA MET D 438 8.27 -41.75 -17.97
C MET D 438 8.92 -42.90 -18.73
N ALA D 439 8.91 -42.86 -20.06
CA ALA D 439 9.60 -43.88 -20.84
C ALA D 439 11.11 -43.83 -20.58
N TRP D 440 11.73 -42.71 -20.94
CA TRP D 440 13.18 -42.55 -20.77
C TRP D 440 13.65 -42.91 -19.36
N LEU D 441 12.83 -42.64 -18.36
CA LEU D 441 13.24 -42.93 -16.99
C LEU D 441 13.19 -44.43 -16.71
N LEU D 442 12.12 -45.09 -17.14
CA LEU D 442 11.97 -46.52 -16.89
C LEU D 442 13.00 -47.31 -17.69
N GLN D 443 13.34 -46.84 -18.88
CA GLN D 443 14.42 -47.44 -19.66
C GLN D 443 15.73 -47.41 -18.88
N ARG D 444 16.17 -46.22 -18.48
CA ARG D 444 17.49 -46.06 -17.87
C ARG D 444 17.53 -46.58 -16.44
N PHE D 445 16.54 -46.22 -15.62
CA PHE D 445 16.70 -46.19 -14.17
C PHE D 445 15.83 -47.21 -13.45
N ASP D 446 16.43 -47.83 -12.44
CA ASP D 446 15.66 -48.48 -11.39
C ASP D 446 15.22 -47.45 -10.36
N LEU D 447 13.96 -47.54 -9.94
CA LEU D 447 13.34 -46.55 -9.07
C LEU D 447 12.73 -47.32 -7.90
N GLU D 448 13.27 -47.11 -6.71
CA GLU D 448 12.90 -47.94 -5.58
C GLU D 448 12.78 -47.08 -4.33
N VAL D 449 12.14 -47.66 -3.32
CA VAL D 449 12.01 -46.98 -2.04
C VAL D 449 13.39 -46.84 -1.41
N PRO D 450 13.73 -45.71 -0.80
CA PRO D 450 15.06 -45.58 -0.19
C PRO D 450 15.29 -46.62 0.90
N ASP D 451 16.53 -46.65 1.39
CA ASP D 451 16.90 -47.69 2.35
C ASP D 451 16.25 -47.45 3.69
N ASP D 452 15.96 -46.19 4.02
CA ASP D 452 15.16 -45.90 5.21
C ASP D 452 13.74 -46.41 5.08
N GLY D 453 13.31 -46.73 3.86
CA GLY D 453 12.07 -47.43 3.62
C GLY D 453 10.80 -46.60 3.61
N GLN D 454 10.91 -45.27 3.60
CA GLN D 454 9.70 -44.45 3.62
C GLN D 454 9.10 -44.28 2.23
N LEU D 455 7.78 -44.25 2.19
CA LEU D 455 6.96 -44.10 1.02
C LEU D 455 6.37 -42.70 0.94
N PRO D 456 6.16 -42.18 -0.27
CA PRO D 456 5.52 -40.87 -0.40
C PRO D 456 4.09 -40.91 0.12
N SER D 457 3.63 -39.76 0.60
CA SER D 457 2.26 -39.64 1.07
C SER D 457 1.37 -39.35 -0.13
N LEU D 458 0.44 -40.26 -0.42
CA LEU D 458 -0.50 -40.05 -1.52
C LEU D 458 -1.66 -39.15 -1.10
N GLU D 459 -1.67 -38.66 0.14
CA GLU D 459 -2.73 -37.75 0.59
C GLU D 459 -2.75 -36.47 -0.24
N GLY D 460 -1.61 -35.82 -0.39
CA GLY D 460 -1.50 -34.65 -1.23
C GLY D 460 -1.86 -33.35 -0.52
N ILE D 461 -1.72 -32.26 -1.27
CA ILE D 461 -1.84 -30.90 -0.72
C ILE D 461 -2.55 -30.01 -1.74
N PRO D 462 -3.81 -29.61 -1.51
CA PRO D 462 -4.56 -28.84 -2.51
C PRO D 462 -4.15 -27.38 -2.54
N LYS D 463 -3.67 -26.91 -3.69
CA LYS D 463 -3.49 -25.49 -3.94
C LYS D 463 -4.08 -25.18 -5.31
N VAL D 464 -3.63 -24.07 -5.91
CA VAL D 464 -3.95 -23.78 -7.29
C VAL D 464 -3.50 -24.95 -8.17
N VAL D 465 -2.52 -25.73 -7.71
CA VAL D 465 -2.15 -27.02 -8.29
C VAL D 465 -2.25 -28.05 -7.18
N PHE D 466 -2.65 -29.27 -7.55
CA PHE D 466 -2.76 -30.36 -6.57
C PHE D 466 -1.40 -31.01 -6.37
N LEU D 467 -0.71 -30.62 -5.30
CA LEU D 467 0.67 -31.00 -5.04
C LEU D 467 0.77 -32.20 -4.12
N ILE D 468 1.94 -32.85 -4.17
CA ILE D 468 2.30 -33.96 -3.29
C ILE D 468 3.42 -33.50 -2.37
N ASP D 469 3.36 -33.90 -1.10
CA ASP D 469 4.45 -33.60 -0.18
C ASP D 469 5.75 -34.07 -0.82
N SER D 470 6.82 -33.30 -0.63
CA SER D 470 8.10 -33.70 -1.21
C SER D 470 8.57 -35.02 -0.62
N PHE D 471 9.18 -35.84 -1.47
CA PHE D 471 9.58 -37.19 -1.11
C PHE D 471 10.84 -37.56 -1.89
N LYS D 472 11.52 -38.59 -1.42
CA LYS D 472 12.74 -39.06 -2.06
C LYS D 472 12.54 -40.45 -2.67
N VAL D 473 13.41 -40.76 -3.63
CA VAL D 473 13.38 -42.02 -4.35
C VAL D 473 14.81 -42.50 -4.56
N LYS D 474 15.08 -43.75 -4.19
CA LYS D 474 16.36 -44.37 -4.52
C LYS D 474 16.43 -44.65 -6.00
N ILE D 475 17.51 -44.22 -6.65
CA ILE D 475 17.63 -44.28 -8.10
C ILE D 475 18.97 -44.94 -8.45
N LYS D 476 18.90 -46.10 -9.10
CA LYS D 476 20.07 -46.80 -9.62
C LYS D 476 19.94 -46.94 -11.13
N VAL D 477 21.04 -46.71 -11.85
CA VAL D 477 21.05 -47.05 -13.27
C VAL D 477 20.85 -48.56 -13.39
N ARG D 478 20.17 -48.97 -14.45
CA ARG D 478 19.77 -50.36 -14.61
C ARG D 478 20.92 -51.20 -15.14
N GLN D 479 21.00 -52.44 -14.64
CA GLN D 479 21.95 -53.40 -15.18
C GLN D 479 21.87 -53.46 -16.69
N ALA D 480 20.65 -53.63 -17.22
CA ALA D 480 20.46 -53.83 -18.65
C ALA D 480 20.94 -52.64 -19.48
N TRP D 481 20.77 -51.41 -18.97
CA TRP D 481 21.11 -50.25 -19.79
C TRP D 481 22.62 -50.12 -19.95
N ARG D 482 23.38 -50.52 -18.93
CA ARG D 482 24.83 -50.55 -19.04
C ARG D 482 25.25 -51.45 -20.20
N GLU D 483 24.86 -52.72 -20.13
CA GLU D 483 25.28 -53.74 -21.07
C GLU D 483 24.94 -53.37 -22.52
N ALA D 484 24.04 -52.39 -22.73
CA ALA D 484 23.61 -51.99 -24.06
C ALA D 484 24.37 -50.79 -24.61
N GLN D 485 25.53 -50.46 -24.04
CA GLN D 485 26.30 -49.30 -24.47
C GLN D 485 27.52 -49.70 -25.30
N ALA D 486 27.78 -50.99 -25.46
CA ALA D 486 28.88 -51.45 -26.30
C ALA D 486 28.41 -51.57 -27.75
#